data_5KHS
#
_entry.id   5KHS
#
_cell.length_a   112.158
_cell.length_b   143.374
_cell.length_c   112.661
_cell.angle_alpha   90.00
_cell.angle_beta   114.10
_cell.angle_gamma   90.00
#
_symmetry.space_group_name_H-M   'P 1 21 1'
#
_entity_poly.entity_id   1
_entity_poly.type   'polypeptide(L)'
_entity_poly.pdbx_seq_one_letter_code
;MVTSLIVRLVAWSVRRPVWVVVLSLLIAAFSGVYVARHFKINTDISKLVDAEPQWAALSQAVDRAFPQRNGTILAVVEAP
APEFATAAAHALTESLQKQAAAGRIGPVAEPGGGPFFEHNGLLFLSPQQVADTTSQLASARPLVNELAKNPSLTGLATTL
STTLGQPLLTGQVKLPSMAKLLSRSAATVDDVLAGKPAAFSWRALVDNDAARQPARAFVTVQPVVNYGALKAGAQTSDVI
RETARALDLEKRYGAVVRLTGEQPLADDEFSSVEDGAALNGVVTLLVVFVILWLALRSKRMIASVLVTLFVGLVVTAALG
LAMVGSLNMISVAFMVLFVGLGVDFSIQYGVKYREERFRGEAIDAALIGAAHSMGMPLALATTAVAASFFSFIPTAYRGV
SELGLIAGVGMFVALLTTLTLLPALLRLFAPPGESKTPGFPWLAPVDDYLDRHRKPILIGTLAVVIGALPLLAFLHFDFN
PLHLKDPHSESMSTLLALKDSPEAAVNDVTLLAPSLADADAAAKRLDALPEVGRTTTLSTFIPADQPEKRAAIATAASTL
LPALTQPPAPPATDAQRVAALKRASDLLGYAAEDHPGPGAAAAQHLSQSLAKLAAADSATRDRAERAFADTLRIALNQLA
ALLQPQEITRDTLPPPLVRDWVAPDGKALVQISPKVPKGVDPNDDTMLRHFATAVKAAEPGAIGGPISILHSANTIISAF
LHAALWSIISITILLWITLRRFGDVLRTLVPLLVSGIVTLEMCVVLGMSLNFANIIALPLMLGVGVAFKVYFVMAWRAGQ
TGLLHSSLTHAVLFSAATTATAFGSLWLSHHPGTSSMGKLLALALTCTLIGAVVFQPVLMGKPRVKRAKNQSQGINEHHH
HHH
;
_entity_poly.pdbx_strand_id   B,A
#
# COMPACT_ATOMS: atom_id res chain seq x y z
N MET A 1 -26.15 29.87 39.38
CA MET A 1 -25.02 30.34 40.17
C MET A 1 -24.16 29.18 40.65
N VAL A 2 -23.50 28.50 39.71
CA VAL A 2 -22.59 27.42 40.07
C VAL A 2 -21.43 27.96 40.90
N THR A 3 -21.02 29.21 40.65
CA THR A 3 -19.99 29.83 41.47
C THR A 3 -20.43 29.91 42.93
N SER A 4 -21.67 30.34 43.18
CA SER A 4 -22.17 30.39 44.54
C SER A 4 -22.27 28.99 45.16
N LEU A 5 -22.56 27.98 44.34
CA LEU A 5 -22.60 26.61 44.85
C LEU A 5 -21.20 26.13 45.20
N ILE A 6 -20.20 26.53 44.42
CA ILE A 6 -18.82 26.18 44.73
C ILE A 6 -18.39 26.84 46.04
N VAL A 7 -18.85 28.07 46.27
CA VAL A 7 -18.50 28.78 47.51
C VAL A 7 -19.07 28.05 48.71
N ARG A 8 -20.32 27.57 48.61
CA ARG A 8 -20.92 26.80 49.69
C ARG A 8 -20.04 25.63 50.11
N LEU A 9 -19.37 25.00 49.14
CA LEU A 9 -18.53 23.84 49.44
C LEU A 9 -17.15 24.24 49.92
N VAL A 10 -16.65 25.41 49.51
CA VAL A 10 -15.35 25.89 49.97
C VAL A 10 -15.47 26.66 51.29
N ALA A 11 -16.45 27.56 51.38
CA ALA A 11 -16.65 28.30 52.62
C ALA A 11 -16.97 27.36 53.78
N TRP A 12 -17.68 26.26 53.51
CA TRP A 12 -17.87 25.24 54.53
C TRP A 12 -16.55 24.56 54.87
N SER A 13 -15.68 24.37 53.88
CA SER A 13 -14.41 23.70 54.12
C SER A 13 -13.49 24.56 55.00
N VAL A 14 -13.52 25.87 54.81
CA VAL A 14 -12.80 26.78 55.70
C VAL A 14 -13.58 26.86 57.00
N ARG A 15 -13.05 27.58 57.98
CA ARG A 15 -13.64 27.72 59.33
C ARG A 15 -13.55 26.43 60.13
N ARG A 16 -13.83 25.28 59.50
CA ARG A 16 -13.80 23.99 60.16
C ARG A 16 -12.93 23.01 59.37
N PRO A 17 -11.65 22.89 59.71
CA PRO A 17 -10.78 21.98 58.97
C PRO A 17 -10.76 20.55 59.52
N VAL A 18 -10.77 20.40 60.85
CA VAL A 18 -10.62 19.09 61.46
C VAL A 18 -11.69 18.13 60.97
N TRP A 19 -12.90 18.63 60.70
CA TRP A 19 -13.91 17.81 60.07
C TRP A 19 -13.46 17.33 58.69
N VAL A 20 -12.97 18.25 57.87
CA VAL A 20 -12.56 17.91 56.50
C VAL A 20 -11.38 16.95 56.51
N VAL A 21 -10.41 17.19 57.40
CA VAL A 21 -9.20 16.38 57.40
C VAL A 21 -9.51 14.93 57.79
N VAL A 22 -10.28 14.74 58.85
CA VAL A 22 -10.57 13.39 59.32
C VAL A 22 -11.70 12.73 58.51
N LEU A 23 -12.53 13.52 57.83
CA LEU A 23 -13.58 12.93 56.99
C LEU A 23 -12.99 12.35 55.70
N SER A 24 -11.99 13.01 55.12
CA SER A 24 -11.39 12.56 53.88
C SER A 24 -10.24 11.59 54.10
N LEU A 25 -9.49 11.73 55.19
CA LEU A 25 -8.40 10.79 55.46
C LEU A 25 -8.94 9.40 55.75
N LEU A 26 -10.04 9.32 56.51
CA LEU A 26 -10.66 8.02 56.77
C LEU A 26 -11.13 7.36 55.49
N ILE A 27 -11.71 8.15 54.58
CA ILE A 27 -12.14 7.62 53.29
C ILE A 27 -10.94 7.06 52.53
N ALA A 28 -9.82 7.78 52.56
CA ALA A 28 -8.61 7.30 51.88
C ALA A 28 -8.15 5.97 52.43
N ALA A 29 -8.29 5.75 53.74
CA ALA A 29 -7.99 4.46 54.32
C ALA A 29 -8.95 3.39 53.82
N PHE A 30 -10.26 3.70 53.85
CA PHE A 30 -11.24 2.80 53.24
C PHE A 30 -11.00 2.66 51.75
N SER A 31 -10.63 3.76 51.09
CA SER A 31 -10.39 3.72 49.65
C SER A 31 -9.11 2.94 49.33
N GLY A 32 -8.07 3.12 50.13
CA GLY A 32 -6.83 2.42 49.87
C GLY A 32 -6.93 0.92 50.09
N VAL A 33 -7.71 0.50 51.09
CA VAL A 33 -7.88 -0.92 51.35
C VAL A 33 -8.67 -1.58 50.22
N TYR A 34 -9.64 -0.86 49.64
CA TYR A 34 -10.37 -1.42 48.50
C TYR A 34 -9.46 -1.63 47.30
N VAL A 35 -8.44 -0.78 47.14
CA VAL A 35 -7.50 -0.96 46.04
C VAL A 35 -6.69 -2.22 46.21
N ALA A 36 -6.22 -2.48 47.44
CA ALA A 36 -5.38 -3.63 47.71
C ALA A 36 -6.16 -4.94 47.71
N ARG A 37 -7.43 -4.91 48.14
CA ARG A 37 -8.21 -6.15 48.18
C ARG A 37 -8.62 -6.59 46.79
N HIS A 38 -8.90 -5.65 45.89
CA HIS A 38 -9.31 -5.93 44.51
C HIS A 38 -8.33 -5.21 43.57
N PHE A 39 -7.27 -5.92 43.17
CA PHE A 39 -6.31 -5.40 42.20
C PHE A 39 -6.11 -6.49 41.15
N LYS A 40 -7.08 -6.62 40.25
CA LYS A 40 -7.07 -7.65 39.23
C LYS A 40 -6.57 -7.06 37.91
N ILE A 41 -5.45 -7.56 37.42
CA ILE A 41 -4.91 -7.18 36.13
C ILE A 41 -5.09 -8.35 35.18
N ASN A 42 -5.86 -8.14 34.12
CA ASN A 42 -6.03 -9.12 33.06
C ASN A 42 -5.11 -8.80 31.89
N THR A 43 -4.84 -9.82 31.08
CA THR A 43 -3.92 -9.68 29.97
C THR A 43 -4.48 -10.29 28.68
N ASP A 44 -5.78 -10.55 28.63
CA ASP A 44 -6.38 -11.11 27.43
C ASP A 44 -6.66 -10.01 26.41
N ILE A 45 -6.42 -10.34 25.13
CA ILE A 45 -6.57 -9.35 24.08
C ILE A 45 -8.05 -9.02 23.86
N SER A 46 -8.95 -9.94 24.16
CA SER A 46 -10.37 -9.72 23.91
C SER A 46 -10.98 -8.73 24.90
N LYS A 47 -10.40 -8.56 26.09
CA LYS A 47 -10.92 -7.59 27.04
C LYS A 47 -10.64 -6.15 26.62
N LEU A 48 -9.77 -5.93 25.64
CA LEU A 48 -9.42 -4.59 25.19
C LEU A 48 -10.23 -4.13 23.99
N VAL A 49 -10.98 -5.02 23.34
CA VAL A 49 -11.74 -4.67 22.15
C VAL A 49 -12.88 -5.66 22.01
N ASP A 50 -14.08 -5.13 21.74
CA ASP A 50 -15.28 -5.94 21.58
C ASP A 50 -15.58 -6.15 20.10
N ALA A 51 -16.50 -7.08 19.85
CA ALA A 51 -16.97 -7.37 18.50
C ALA A 51 -18.44 -7.77 18.57
N GLU A 52 -19.07 -7.82 17.40
CA GLU A 52 -20.49 -8.12 17.25
C GLU A 52 -20.84 -9.43 17.95
N PRO A 53 -22.09 -9.62 18.37
CA PRO A 53 -22.49 -10.94 18.90
C PRO A 53 -22.36 -12.06 17.88
N GLN A 54 -22.24 -11.72 16.59
CA GLN A 54 -22.07 -12.73 15.55
C GLN A 54 -20.63 -13.24 15.50
N TRP A 55 -19.66 -12.33 15.52
CA TRP A 55 -18.25 -12.75 15.44
C TRP A 55 -17.83 -13.50 16.69
N ALA A 56 -18.44 -13.19 17.85
CA ALA A 56 -18.18 -13.96 19.05
C ALA A 56 -18.73 -15.37 18.97
N ALA A 57 -19.68 -15.62 18.06
CA ALA A 57 -20.18 -16.98 17.86
C ALA A 57 -19.21 -17.81 17.04
N LEU A 58 -18.57 -17.21 16.03
CA LEU A 58 -17.57 -17.93 15.25
C LEU A 58 -16.32 -18.21 16.07
N SER A 59 -15.95 -17.28 16.95
CA SER A 59 -14.79 -17.49 17.80
C SER A 59 -15.03 -18.65 18.77
N GLN A 60 -16.24 -18.73 19.33
CA GLN A 60 -16.54 -19.75 20.33
C GLN A 60 -16.93 -21.09 19.72
N ALA A 61 -17.37 -21.10 18.46
CA ALA A 61 -17.68 -22.36 17.79
C ALA A 61 -16.41 -23.19 17.62
N VAL A 62 -15.34 -22.57 17.13
CA VAL A 62 -14.06 -23.26 17.01
C VAL A 62 -13.49 -23.57 18.39
N ASP A 63 -13.75 -22.70 19.37
CA ASP A 63 -13.16 -22.88 20.70
C ASP A 63 -13.81 -24.04 21.45
N ARG A 64 -15.13 -24.12 21.44
CA ARG A 64 -15.81 -25.18 22.18
C ARG A 64 -15.51 -26.55 21.60
N ALA A 65 -15.40 -26.64 20.27
CA ALA A 65 -15.06 -27.91 19.64
C ALA A 65 -13.60 -28.28 19.90
N PHE A 66 -12.72 -27.29 19.98
CA PHE A 66 -11.28 -27.52 20.14
C PHE A 66 -10.80 -26.69 21.33
N PRO A 67 -11.01 -27.17 22.55
CA PRO A 67 -10.60 -26.38 23.72
C PRO A 67 -9.09 -26.24 23.86
N GLN A 68 -8.32 -27.21 23.36
CA GLN A 68 -6.87 -27.16 23.47
C GLN A 68 -6.26 -26.15 22.52
N ARG A 69 -6.90 -25.90 21.37
CA ARG A 69 -6.26 -25.19 20.27
C ARG A 69 -5.86 -23.76 20.65
N ASN A 70 -6.54 -23.15 21.62
CA ASN A 70 -6.27 -21.75 21.93
C ASN A 70 -4.87 -21.56 22.49
N GLY A 71 -4.52 -22.31 23.53
CA GLY A 71 -3.25 -22.11 24.19
C GLY A 71 -2.22 -23.19 23.98
N THR A 72 -1.95 -23.54 22.71
CA THR A 72 -0.88 -24.47 22.36
C THR A 72 0.35 -23.65 21.99
N ILE A 73 1.26 -23.49 22.96
CA ILE A 73 2.44 -22.67 22.74
C ILE A 73 3.40 -23.43 21.83
N LEU A 74 3.70 -22.84 20.67
CA LEU A 74 4.61 -23.43 19.70
C LEU A 74 6.03 -23.07 20.10
N ALA A 75 6.83 -24.07 20.49
CA ALA A 75 8.21 -23.87 20.88
C ALA A 75 9.12 -24.20 19.71
N VAL A 76 9.84 -23.22 19.22
CA VAL A 76 10.77 -23.42 18.11
C VAL A 76 12.11 -23.88 18.66
N VAL A 77 12.61 -24.98 18.11
CA VAL A 77 13.93 -25.50 18.44
C VAL A 77 14.80 -25.30 17.20
N GLU A 78 15.55 -24.19 17.18
CA GLU A 78 16.33 -23.81 16.01
C GLU A 78 17.80 -24.18 16.21
N ALA A 79 18.35 -24.91 15.25
CA ALA A 79 19.72 -25.41 15.28
C ALA A 79 20.40 -25.06 13.96
N PRO A 80 21.73 -25.17 13.90
CA PRO A 80 22.42 -24.86 12.64
C PRO A 80 22.14 -25.87 11.53
N ALA A 81 21.93 -27.14 11.86
CA ALA A 81 21.67 -28.15 10.86
C ALA A 81 20.28 -28.74 11.05
N PRO A 82 19.56 -29.03 9.95
CA PRO A 82 18.22 -29.63 10.09
C PRO A 82 18.20 -30.92 10.90
N GLU A 83 19.18 -31.80 10.70
CA GLU A 83 19.24 -33.02 11.49
C GLU A 83 19.56 -32.70 12.95
N PHE A 84 20.48 -31.76 13.19
CA PHE A 84 20.67 -31.26 14.55
C PHE A 84 19.42 -30.59 15.08
N ALA A 85 18.59 -30.05 14.19
CA ALA A 85 17.32 -29.45 14.60
C ALA A 85 16.25 -30.51 14.81
N THR A 86 16.00 -31.32 13.78
CA THR A 86 14.95 -32.33 13.87
C THR A 86 15.19 -33.30 15.01
N ALA A 87 16.45 -33.61 15.31
CA ALA A 87 16.74 -34.47 16.46
C ALA A 87 16.65 -33.70 17.77
N ALA A 88 16.90 -32.39 17.74
CA ALA A 88 16.75 -31.60 18.96
C ALA A 88 15.30 -31.51 19.40
N ALA A 89 14.36 -31.52 18.44
CA ALA A 89 12.95 -31.59 18.79
C ALA A 89 12.64 -32.88 19.53
N HIS A 90 13.26 -34.00 19.09
CA HIS A 90 13.00 -35.28 19.73
C HIS A 90 13.46 -35.29 21.19
N ALA A 91 14.64 -34.73 21.46
CA ALA A 91 15.11 -34.64 22.84
C ALA A 91 14.14 -33.85 23.70
N LEU A 92 13.67 -32.71 23.19
CA LEU A 92 12.71 -31.90 23.93
C LEU A 92 11.35 -32.60 24.01
N THR A 93 10.91 -33.22 22.91
CA THR A 93 9.60 -33.83 22.88
C THR A 93 9.50 -35.03 23.82
N GLU A 94 10.52 -35.89 23.80
CA GLU A 94 10.47 -37.09 24.64
C GLU A 94 10.55 -36.79 26.12
N SER A 95 11.06 -35.61 26.50
CA SER A 95 11.10 -35.24 27.91
C SER A 95 9.77 -34.64 28.36
N LEU A 96 9.19 -33.75 27.54
CA LEU A 96 7.86 -33.24 27.85
C LEU A 96 6.83 -34.36 27.83
N GLN A 97 7.06 -35.39 27.03
CA GLN A 97 6.14 -36.53 27.00
C GLN A 97 6.08 -37.22 28.35
N LYS A 98 7.16 -37.15 29.13
CA LYS A 98 7.17 -37.73 30.46
C LYS A 98 6.36 -36.92 31.47
N GLN A 99 6.00 -35.68 31.13
CA GLN A 99 5.16 -34.85 31.99
C GLN A 99 3.81 -34.55 31.37
N ALA A 100 3.60 -34.87 30.09
CA ALA A 100 2.27 -34.73 29.51
C ALA A 100 1.30 -35.72 30.14
N ALA A 101 1.73 -36.97 30.30
CA ALA A 101 0.92 -37.98 30.97
C ALA A 101 0.97 -37.87 32.49
N ALA A 102 1.92 -37.11 33.03
CA ALA A 102 1.99 -36.88 34.46
C ALA A 102 1.04 -35.79 34.94
N GLY A 103 0.30 -35.15 34.03
CA GLY A 103 -0.61 -34.10 34.38
C GLY A 103 0.01 -32.74 34.58
N ARG A 104 1.34 -32.62 34.49
CA ARG A 104 1.99 -31.34 34.72
C ARG A 104 1.62 -30.34 33.64
N ILE A 105 1.69 -30.74 32.37
CA ILE A 105 1.23 -29.91 31.27
C ILE A 105 0.28 -30.71 30.41
N GLY A 106 -0.14 -30.14 29.28
CA GLY A 106 -1.04 -30.82 28.38
C GLY A 106 -0.31 -31.71 27.40
N PRO A 107 -1.07 -32.38 26.52
CA PRO A 107 -0.46 -33.34 25.59
C PRO A 107 0.53 -32.67 24.64
N VAL A 108 1.69 -33.29 24.50
CA VAL A 108 2.82 -32.75 23.74
C VAL A 108 2.89 -33.43 22.38
N ALA A 109 3.22 -32.67 21.35
CA ALA A 109 3.41 -33.20 20.01
C ALA A 109 4.27 -32.21 19.22
N GLU A 110 4.78 -32.68 18.09
CA GLU A 110 5.61 -31.85 17.20
C GLU A 110 4.94 -31.74 15.84
N PRO A 111 4.51 -30.55 15.42
CA PRO A 111 3.73 -30.44 14.18
C PRO A 111 4.54 -30.69 12.92
N GLY A 112 5.74 -30.09 12.86
CA GLY A 112 6.53 -30.18 11.64
C GLY A 112 6.82 -31.61 11.22
N GLY A 113 7.03 -32.50 12.18
CA GLY A 113 7.27 -33.88 11.87
C GLY A 113 7.77 -34.72 13.03
N GLY A 114 6.89 -35.54 13.60
CA GLY A 114 7.30 -36.50 14.59
C GLY A 114 7.79 -37.77 13.93
N PRO A 115 7.63 -38.91 14.60
CA PRO A 115 7.96 -40.19 13.94
C PRO A 115 7.02 -40.51 12.80
N PHE A 116 5.74 -40.13 12.90
CA PHE A 116 4.77 -40.42 11.85
C PHE A 116 5.15 -39.72 10.54
N PHE A 117 5.66 -38.49 10.63
CA PHE A 117 6.08 -37.79 9.43
C PHE A 117 7.48 -38.16 8.99
N GLU A 118 8.33 -38.65 9.90
CA GLU A 118 9.67 -39.07 9.51
C GLU A 118 9.66 -40.38 8.74
N HIS A 119 8.58 -41.16 8.86
CA HIS A 119 8.43 -42.40 8.10
C HIS A 119 7.62 -42.18 6.83
N ASN A 120 6.40 -41.66 6.97
CA ASN A 120 5.51 -41.44 5.83
C ASN A 120 5.81 -40.15 5.07
N GLY A 121 6.92 -39.49 5.36
CA GLY A 121 7.20 -38.21 4.73
C GLY A 121 7.26 -38.29 3.21
N LEU A 122 7.79 -39.40 2.70
CA LEU A 122 7.86 -39.58 1.25
C LEU A 122 6.51 -39.87 0.61
N LEU A 123 5.55 -40.41 1.37
CA LEU A 123 4.18 -40.58 0.91
C LEU A 123 3.43 -39.27 0.67
N PHE A 124 3.88 -38.17 1.24
CA PHE A 124 3.22 -36.90 0.95
C PHE A 124 3.77 -36.20 -0.29
N LEU A 125 4.84 -36.72 -0.87
CA LEU A 125 5.38 -36.15 -2.10
C LEU A 125 4.62 -36.70 -3.30
N SER A 126 4.08 -35.80 -4.12
CA SER A 126 3.22 -36.09 -5.25
C SER A 126 3.82 -37.14 -6.18
N PRO A 127 2.98 -37.84 -6.96
CA PRO A 127 3.44 -39.09 -7.61
C PRO A 127 4.69 -38.97 -8.46
N GLN A 128 4.84 -37.91 -9.25
CA GLN A 128 5.99 -37.85 -10.15
C GLN A 128 7.28 -37.47 -9.41
N GLN A 129 7.17 -36.60 -8.39
CA GLN A 129 8.36 -36.13 -7.69
C GLN A 129 9.05 -37.28 -6.94
N VAL A 130 8.27 -38.13 -6.27
CA VAL A 130 8.85 -39.27 -5.58
C VAL A 130 9.36 -40.31 -6.57
N ALA A 131 8.72 -40.43 -7.73
CA ALA A 131 9.19 -41.36 -8.75
C ALA A 131 10.62 -41.05 -9.18
N ASP A 132 10.95 -39.76 -9.30
CA ASP A 132 12.32 -39.37 -9.57
C ASP A 132 13.16 -39.33 -8.31
N THR A 133 12.54 -39.02 -7.16
CA THR A 133 13.28 -39.04 -5.90
C THR A 133 13.70 -40.46 -5.54
N THR A 134 12.83 -41.43 -5.77
CA THR A 134 13.16 -42.82 -5.47
C THR A 134 14.27 -43.34 -6.38
N SER A 135 14.21 -43.00 -7.67
CA SER A 135 15.19 -43.53 -8.62
C SER A 135 16.57 -42.92 -8.42
N GLN A 136 16.63 -41.69 -7.90
CA GLN A 136 17.93 -41.04 -7.69
C GLN A 136 18.74 -41.76 -6.62
N LEU A 137 18.07 -42.24 -5.56
CA LEU A 137 18.78 -42.91 -4.47
C LEU A 137 19.43 -44.21 -4.90
N ALA A 138 18.95 -44.82 -6.00
CA ALA A 138 19.54 -46.08 -6.45
C ALA A 138 20.96 -45.88 -6.95
N SER A 139 21.23 -44.75 -7.61
CA SER A 139 22.57 -44.48 -8.12
C SER A 139 23.54 -44.05 -7.02
N ALA A 140 23.03 -43.62 -5.86
CA ALA A 140 23.87 -43.20 -4.75
C ALA A 140 24.13 -44.32 -3.77
N ARG A 141 23.79 -45.57 -4.11
CA ARG A 141 24.05 -46.68 -3.21
C ARG A 141 25.53 -46.90 -2.91
N PRO A 142 26.45 -46.85 -3.89
CA PRO A 142 27.87 -46.90 -3.53
C PRO A 142 28.31 -45.72 -2.68
N LEU A 143 27.74 -44.54 -2.90
CA LEU A 143 28.11 -43.38 -2.11
C LEU A 143 27.65 -43.52 -0.66
N VAL A 144 26.38 -43.89 -0.45
CA VAL A 144 25.87 -44.03 0.90
C VAL A 144 26.52 -45.21 1.61
N ASN A 145 26.94 -46.23 0.87
CA ASN A 145 27.64 -47.35 1.48
C ASN A 145 28.99 -46.92 2.03
N GLU A 146 29.74 -46.11 1.26
CA GLU A 146 31.00 -45.57 1.75
C GLU A 146 30.79 -44.63 2.93
N LEU A 147 29.61 -44.03 3.06
CA LEU A 147 29.31 -43.14 4.18
C LEU A 147 28.83 -43.90 5.40
N ALA A 148 28.04 -44.97 5.20
CA ALA A 148 27.55 -45.74 6.34
C ALA A 148 28.66 -46.54 7.01
N LYS A 149 29.63 -47.03 6.24
CA LYS A 149 30.75 -47.77 6.80
C LYS A 149 31.79 -46.85 7.42
N ASN A 150 31.77 -45.56 7.09
CA ASN A 150 32.75 -44.59 7.59
C ASN A 150 32.02 -43.40 8.21
N PRO A 151 31.54 -43.54 9.44
CA PRO A 151 30.93 -42.39 10.12
C PRO A 151 31.96 -41.61 10.94
N SER A 152 33.17 -41.50 10.42
CA SER A 152 34.28 -40.84 11.12
C SER A 152 34.90 -39.80 10.20
N LEU A 153 35.79 -38.99 10.78
CA LEU A 153 36.52 -38.01 9.98
C LEU A 153 37.48 -38.71 9.01
N THR A 154 38.40 -39.51 9.55
CA THR A 154 39.33 -40.26 8.72
C THR A 154 38.58 -41.05 7.66
N GLY A 155 37.46 -41.68 8.04
CA GLY A 155 36.66 -42.39 7.06
C GLY A 155 36.05 -41.47 6.03
N LEU A 156 35.46 -40.36 6.48
CA LEU A 156 34.91 -39.36 5.56
C LEU A 156 36.01 -38.82 4.66
N ALA A 157 37.15 -38.46 5.25
CA ALA A 157 38.28 -37.99 4.47
C ALA A 157 38.85 -39.08 3.58
N THR A 158 38.61 -40.35 3.90
CA THR A 158 39.07 -41.44 3.04
C THR A 158 38.19 -41.58 1.82
N THR A 159 36.85 -41.59 2.01
CA THR A 159 35.96 -41.54 0.86
C THR A 159 36.15 -40.27 0.06
N LEU A 160 36.53 -39.18 0.72
CA LEU A 160 36.89 -37.96 0.01
C LEU A 160 38.12 -38.19 -0.85
N SER A 161 39.23 -38.62 -0.22
CA SER A 161 40.47 -38.82 -0.95
C SER A 161 40.36 -39.93 -1.99
N THR A 162 39.50 -40.93 -1.75
CA THR A 162 39.33 -42.00 -2.72
C THR A 162 38.67 -41.48 -4.00
N THR A 163 37.67 -40.60 -3.86
CA THR A 163 36.98 -40.08 -5.03
C THR A 163 37.87 -39.17 -5.86
N LEU A 164 38.69 -38.35 -5.20
CA LEU A 164 39.58 -37.45 -5.93
C LEU A 164 40.73 -38.18 -6.61
N GLY A 165 41.00 -39.43 -6.21
CA GLY A 165 42.15 -40.14 -6.72
C GLY A 165 41.92 -40.81 -8.06
N GLN A 166 41.51 -42.08 -8.03
CA GLN A 166 41.36 -42.83 -9.29
C GLN A 166 40.14 -42.38 -10.09
N PRO A 167 38.91 -42.35 -9.54
CA PRO A 167 37.75 -42.06 -10.40
C PRO A 167 37.77 -40.66 -11.00
N LEU A 168 38.51 -39.72 -10.43
CA LEU A 168 38.59 -38.39 -11.02
C LEU A 168 39.43 -38.40 -12.29
N LEU A 169 40.47 -39.24 -12.32
CA LEU A 169 41.32 -39.34 -13.50
C LEU A 169 40.59 -40.03 -14.64
N THR A 170 39.96 -41.17 -14.37
CA THR A 170 39.29 -41.95 -15.39
C THR A 170 38.06 -41.24 -15.97
N GLY A 171 37.59 -40.18 -15.32
CA GLY A 171 36.38 -39.51 -15.75
C GLY A 171 35.10 -40.13 -15.23
N GLN A 172 35.19 -41.14 -14.37
CA GLN A 172 33.99 -41.74 -13.80
C GLN A 172 33.21 -40.70 -12.99
N VAL A 173 33.91 -39.86 -12.25
CA VAL A 173 33.33 -38.72 -11.55
C VAL A 173 34.02 -37.46 -12.05
N LYS A 174 33.24 -36.39 -12.20
CA LYS A 174 33.76 -35.12 -12.69
C LYS A 174 34.01 -34.17 -11.51
N LEU A 175 35.03 -33.33 -11.66
CA LEU A 175 35.38 -32.38 -10.62
C LEU A 175 34.35 -31.25 -10.50
N PRO A 176 33.89 -30.64 -11.61
CA PRO A 176 32.84 -29.62 -11.46
C PRO A 176 31.57 -30.13 -10.79
N SER A 177 31.27 -31.42 -10.93
CA SER A 177 30.08 -31.98 -10.29
C SER A 177 30.16 -31.86 -8.77
N MET A 178 31.37 -31.98 -8.22
CA MET A 178 31.57 -31.80 -6.77
C MET A 178 31.69 -30.31 -6.49
N ALA A 179 30.55 -29.63 -6.53
CA ALA A 179 30.48 -28.19 -6.23
C ALA A 179 29.87 -27.94 -4.86
N LYS A 180 28.64 -28.42 -4.62
CA LYS A 180 28.02 -28.28 -3.31
C LYS A 180 28.84 -28.97 -2.23
N LEU A 181 29.32 -30.18 -2.52
CA LEU A 181 30.06 -30.94 -1.52
C LEU A 181 31.38 -30.27 -1.18
N LEU A 182 32.14 -29.86 -2.20
CA LEU A 182 33.46 -29.28 -1.94
C LEU A 182 33.35 -27.87 -1.36
N SER A 183 32.44 -27.05 -1.89
CA SER A 183 32.38 -25.66 -1.48
C SER A 183 31.75 -25.49 -0.10
N ARG A 184 30.73 -26.29 0.21
CA ARG A 184 30.08 -26.16 1.51
C ARG A 184 30.83 -26.90 2.61
N SER A 185 31.65 -27.89 2.27
CA SER A 185 32.57 -28.46 3.26
C SER A 185 33.66 -27.47 3.61
N ALA A 186 34.26 -26.85 2.59
CA ALA A 186 35.27 -25.82 2.83
C ALA A 186 34.69 -24.67 3.65
N ALA A 187 33.41 -24.36 3.47
CA ALA A 187 32.78 -23.35 4.29
C ALA A 187 32.62 -23.82 5.73
N THR A 188 32.20 -25.08 5.93
CA THR A 188 32.01 -25.60 7.27
C THR A 188 33.34 -25.89 7.96
N VAL A 189 34.36 -26.29 7.19
CA VAL A 189 35.67 -26.55 7.79
C VAL A 189 36.30 -25.25 8.26
N ASP A 190 36.21 -24.18 7.45
CA ASP A 190 36.72 -22.89 7.88
C ASP A 190 35.96 -22.35 9.08
N ASP A 191 34.70 -22.77 9.25
CA ASP A 191 33.94 -22.34 10.43
C ASP A 191 34.50 -22.96 11.71
N VAL A 192 34.87 -24.25 11.65
CA VAL A 192 35.44 -24.90 12.83
C VAL A 192 36.82 -24.34 13.13
N LEU A 193 37.57 -23.94 12.09
CA LEU A 193 38.89 -23.35 12.32
C LEU A 193 38.79 -21.98 12.96
N ALA A 194 37.70 -21.24 12.71
CA ALA A 194 37.55 -19.92 13.31
C ALA A 194 37.22 -20.01 14.79
N GLY A 195 36.56 -21.09 15.21
CA GLY A 195 36.13 -21.26 16.58
C GLY A 195 34.64 -21.10 16.80
N LYS A 196 33.91 -20.59 15.81
CA LYS A 196 32.47 -20.42 15.88
C LYS A 196 31.77 -21.72 15.49
N PRO A 197 30.62 -22.02 16.11
CA PRO A 197 29.95 -23.29 15.83
C PRO A 197 29.37 -23.34 14.43
N ALA A 198 29.29 -24.56 13.90
CA ALA A 198 28.70 -24.81 12.60
C ALA A 198 28.37 -26.30 12.50
N ALA A 199 27.77 -26.68 11.38
CA ALA A 199 27.38 -28.08 11.17
C ALA A 199 27.17 -28.32 9.69
N PHE A 200 27.99 -29.19 9.11
CA PHE A 200 27.76 -29.66 7.75
C PHE A 200 26.41 -30.35 7.69
N SER A 201 25.49 -29.83 6.88
CA SER A 201 24.14 -30.37 6.76
C SER A 201 24.02 -31.14 5.46
N TRP A 202 23.96 -32.47 5.55
CA TRP A 202 23.76 -33.29 4.36
C TRP A 202 22.40 -33.09 3.72
N ARG A 203 21.50 -32.34 4.36
CA ARG A 203 20.19 -32.05 3.80
C ARG A 203 20.29 -31.06 2.66
N ALA A 204 20.74 -29.84 2.96
CA ALA A 204 20.76 -28.75 1.98
C ALA A 204 21.81 -28.99 0.90
N LEU A 205 22.56 -30.08 1.01
CA LEU A 205 23.55 -30.44 0.00
C LEU A 205 23.09 -31.59 -0.89
N VAL A 206 22.58 -32.67 -0.31
CA VAL A 206 22.13 -33.81 -1.11
C VAL A 206 20.73 -33.55 -1.67
N ASP A 207 19.77 -33.29 -0.78
CA ASP A 207 18.42 -32.97 -1.25
C ASP A 207 18.38 -31.65 -2.00
N ASN A 208 19.10 -30.65 -1.49
CA ASN A 208 19.48 -29.42 -2.18
C ASN A 208 18.31 -28.46 -2.44
N ASP A 209 17.10 -28.75 -1.94
CA ASP A 209 15.97 -27.90 -2.28
C ASP A 209 16.06 -26.55 -1.59
N ALA A 210 16.34 -26.53 -0.29
CA ALA A 210 16.40 -25.30 0.48
C ALA A 210 17.64 -25.29 1.37
N ALA A 211 18.31 -24.14 1.40
CA ALA A 211 19.50 -23.94 2.22
C ALA A 211 19.25 -22.84 3.25
N ARG A 212 18.05 -22.81 3.83
CA ARG A 212 17.73 -21.82 4.84
C ARG A 212 18.66 -21.95 6.04
N GLN A 213 19.22 -20.83 6.47
CA GLN A 213 20.36 -20.88 7.39
C GLN A 213 19.95 -21.30 8.80
N PRO A 214 18.89 -20.74 9.42
CA PRO A 214 18.50 -21.24 10.75
C PRO A 214 17.47 -22.35 10.65
N ALA A 215 17.92 -23.61 10.68
CA ALA A 215 16.99 -24.72 10.67
C ALA A 215 16.14 -24.71 11.94
N ARG A 216 14.84 -24.98 11.77
CA ARG A 216 13.88 -24.87 12.86
C ARG A 216 13.15 -26.19 13.06
N ALA A 217 12.95 -26.55 14.32
CA ALA A 217 12.19 -27.74 14.69
C ALA A 217 11.10 -27.33 15.67
N PHE A 218 9.88 -27.74 15.38
CA PHE A 218 8.70 -27.27 16.11
C PHE A 218 8.18 -28.36 17.05
N VAL A 219 7.58 -27.92 18.15
CA VAL A 219 6.92 -28.82 19.09
C VAL A 219 5.80 -28.06 19.82
N THR A 220 4.56 -28.43 19.54
CA THR A 220 3.39 -27.79 20.14
C THR A 220 2.94 -28.59 21.35
N VAL A 221 2.87 -27.94 22.49
CA VAL A 221 2.28 -28.52 23.69
C VAL A 221 0.98 -27.80 23.99
N GLN A 222 0.03 -28.54 24.51
CA GLN A 222 -1.30 -28.04 24.82
C GLN A 222 -1.42 -27.80 26.31
N PRO A 223 -2.50 -27.15 26.77
CA PRO A 223 -2.66 -26.95 28.22
C PRO A 223 -3.44 -28.07 28.88
N VAL A 224 -3.30 -28.14 30.21
CA VAL A 224 -4.02 -29.14 30.99
C VAL A 224 -5.52 -28.93 30.83
N VAL A 225 -6.27 -30.03 30.92
CA VAL A 225 -7.72 -29.95 30.73
C VAL A 225 -8.35 -29.10 31.84
N ASN A 226 -7.95 -29.33 33.09
CA ASN A 226 -8.36 -28.48 34.20
C ASN A 226 -7.23 -27.48 34.43
N TYR A 227 -7.36 -26.32 33.77
CA TYR A 227 -6.33 -25.29 33.81
C TYR A 227 -6.57 -24.40 35.02
N GLY A 228 -5.62 -24.41 35.96
CA GLY A 228 -5.79 -23.70 37.22
C GLY A 228 -4.77 -22.63 37.51
N ALA A 229 -3.66 -22.61 36.77
CA ALA A 229 -2.59 -21.63 36.94
C ALA A 229 -2.05 -21.63 38.36
N LEU A 230 -1.43 -22.75 38.74
CA LEU A 230 -0.89 -22.91 40.08
C LEU A 230 0.48 -22.23 40.18
N LYS A 231 1.00 -22.19 41.40
CA LYS A 231 2.32 -21.63 41.67
C LYS A 231 3.39 -22.67 41.94
N ALA A 232 3.02 -23.84 42.47
CA ALA A 232 3.97 -24.94 42.57
C ALA A 232 4.52 -25.29 41.20
N GLY A 233 3.67 -25.29 40.19
CA GLY A 233 4.13 -25.44 38.83
C GLY A 233 3.76 -24.24 37.99
N ALA A 234 4.75 -23.47 37.57
CA ALA A 234 4.52 -22.51 36.50
C ALA A 234 4.00 -23.27 35.29
N GLN A 235 3.01 -22.69 34.61
CA GLN A 235 2.28 -23.42 33.58
C GLN A 235 3.21 -23.72 32.40
N THR A 236 2.63 -24.29 31.34
CA THR A 236 3.41 -24.88 30.26
C THR A 236 4.41 -23.90 29.64
N SER A 237 4.24 -22.59 29.88
CA SER A 237 5.18 -21.62 29.35
C SER A 237 6.59 -21.85 29.91
N ASP A 238 6.70 -22.03 31.23
CA ASP A 238 7.99 -22.19 31.86
C ASP A 238 8.40 -23.66 32.05
N VAL A 239 7.47 -24.60 31.89
CA VAL A 239 7.84 -26.01 31.96
C VAL A 239 8.76 -26.37 30.80
N ILE A 240 8.41 -25.92 29.59
CA ILE A 240 9.31 -26.09 28.45
C ILE A 240 10.64 -25.41 28.71
N ARG A 241 10.59 -24.24 29.35
CA ARG A 241 11.82 -23.53 29.74
C ARG A 241 12.49 -24.17 30.95
N GLU A 242 11.90 -25.19 31.55
CA GLU A 242 12.48 -25.89 32.69
C GLU A 242 13.05 -27.26 32.32
N THR A 243 12.34 -28.04 31.51
CA THR A 243 12.86 -29.33 31.08
C THR A 243 14.00 -29.15 30.09
N ALA A 244 13.74 -28.45 28.98
CA ALA A 244 14.79 -28.13 28.01
C ALA A 244 15.91 -27.29 28.62
N ARG A 245 15.69 -26.71 29.81
CA ARG A 245 16.75 -26.04 30.53
C ARG A 245 17.83 -27.03 30.96
N ALA A 246 17.42 -28.08 31.67
CA ALA A 246 18.35 -29.08 32.18
C ALA A 246 18.60 -30.23 31.21
N LEU A 247 17.92 -30.26 30.06
CA LEU A 247 18.23 -31.25 29.05
C LEU A 247 19.68 -31.12 28.59
N ASP A 248 20.19 -29.88 28.53
CA ASP A 248 21.60 -29.59 28.32
C ASP A 248 22.12 -30.09 26.97
N LEU A 249 21.59 -31.22 26.49
CA LEU A 249 21.94 -31.68 25.15
C LEU A 249 21.58 -30.65 24.10
N GLU A 250 20.63 -29.76 24.37
CA GLU A 250 20.30 -28.70 23.42
C GLU A 250 21.47 -27.76 23.21
N LYS A 251 22.28 -27.54 24.25
CA LYS A 251 23.53 -26.81 24.08
C LYS A 251 24.55 -27.62 23.29
N ARG A 252 24.42 -28.95 23.28
CA ARG A 252 25.26 -29.83 22.47
C ARG A 252 24.64 -30.15 21.13
N TYR A 253 23.33 -30.46 21.10
CA TYR A 253 22.64 -30.58 19.82
C TYR A 253 22.78 -29.32 18.99
N GLY A 254 23.02 -28.19 19.62
CA GLY A 254 23.24 -26.94 18.94
C GLY A 254 22.03 -26.04 18.82
N ALA A 255 20.97 -26.29 19.60
CA ALA A 255 19.71 -25.60 19.42
C ALA A 255 19.26 -24.93 20.72
N VAL A 256 18.66 -23.75 20.58
CA VAL A 256 17.97 -23.08 21.67
C VAL A 256 16.47 -23.18 21.41
N VAL A 257 15.70 -23.20 22.50
CA VAL A 257 14.26 -23.33 22.42
C VAL A 257 13.64 -21.98 22.76
N ARG A 258 12.88 -21.42 21.82
CA ARG A 258 12.14 -20.18 22.01
C ARG A 258 10.66 -20.48 21.91
N LEU A 259 9.85 -19.72 22.64
CA LEU A 259 8.44 -20.01 22.79
C LEU A 259 7.59 -18.85 22.33
N THR A 260 6.46 -19.17 21.69
CA THR A 260 5.44 -18.21 21.34
C THR A 260 4.07 -18.86 21.53
N GLY A 261 3.10 -18.08 22.00
CA GLY A 261 1.77 -18.60 22.23
C GLY A 261 0.70 -17.53 22.13
N GLU A 262 -0.48 -17.82 22.66
CA GLU A 262 -1.55 -16.83 22.67
C GLU A 262 -1.54 -16.02 23.96
N GLN A 263 -1.41 -16.70 25.10
CA GLN A 263 -1.29 -16.03 26.38
C GLN A 263 0.15 -15.59 26.65
N PRO A 264 1.17 -16.44 26.42
CA PRO A 264 2.55 -15.98 26.62
C PRO A 264 2.99 -14.90 25.66
N LEU A 265 2.19 -14.56 24.64
CA LEU A 265 2.48 -13.41 23.80
C LEU A 265 1.78 -12.15 24.28
N ALA A 266 0.62 -12.30 24.94
CA ALA A 266 -0.11 -11.15 25.43
C ALA A 266 0.47 -10.61 26.73
N ASP A 267 1.08 -11.47 27.54
CA ASP A 267 1.70 -11.00 28.78
C ASP A 267 3.05 -10.34 28.53
N ASP A 268 3.77 -10.77 27.49
CA ASP A 268 4.99 -10.08 27.11
C ASP A 268 4.72 -8.63 26.69
N GLU A 269 3.50 -8.35 26.23
CA GLU A 269 3.12 -6.98 25.92
C GLU A 269 2.95 -6.16 27.18
N PHE A 270 2.22 -6.70 28.15
CA PHE A 270 2.00 -5.98 29.40
C PHE A 270 3.32 -5.76 30.14
N SER A 271 4.14 -6.80 30.22
CA SER A 271 5.45 -6.66 30.85
C SER A 271 6.34 -5.68 30.10
N SER A 272 6.08 -5.45 28.82
CA SER A 272 6.81 -4.42 28.08
C SER A 272 6.39 -3.03 28.50
N VAL A 273 5.11 -2.84 28.81
CA VAL A 273 4.64 -1.57 29.35
C VAL A 273 5.33 -1.27 30.67
N GLU A 274 5.68 -2.32 31.42
CA GLU A 274 6.33 -2.15 32.72
C GLU A 274 7.76 -2.68 32.69
N ASP A 275 8.58 -2.19 31.76
CA ASP A 275 10.01 -2.47 31.81
C ASP A 275 10.63 -1.84 33.04
N GLY A 276 10.48 -0.51 33.17
CA GLY A 276 10.85 0.21 34.36
C GLY A 276 9.81 1.26 34.68
N ALA A 277 8.57 1.00 34.23
CA ALA A 277 7.51 1.99 34.39
C ALA A 277 7.21 2.28 35.86
N ALA A 278 7.46 1.30 36.75
CA ALA A 278 7.34 1.57 38.18
C ALA A 278 8.33 2.65 38.60
N LEU A 279 9.55 2.60 38.07
CA LEU A 279 10.50 3.69 38.29
C LEU A 279 10.08 4.95 37.55
N ASN A 280 9.47 4.80 36.36
CA ASN A 280 9.03 5.97 35.60
C ASN A 280 7.91 6.70 36.32
N GLY A 281 7.10 6.00 37.10
CA GLY A 281 6.03 6.67 37.84
C GLY A 281 6.57 7.53 38.97
N VAL A 282 7.60 7.06 39.67
CA VAL A 282 8.13 7.80 40.80
C VAL A 282 9.00 8.98 40.38
N VAL A 283 9.52 8.96 39.15
CA VAL A 283 10.31 10.10 38.68
C VAL A 283 9.43 11.20 38.09
N THR A 284 8.23 10.85 37.61
CA THR A 284 7.30 11.88 37.15
C THR A 284 6.86 12.77 38.30
N LEU A 285 6.56 12.16 39.46
CA LEU A 285 6.18 12.96 40.63
C LEU A 285 7.28 13.94 41.01
N LEU A 286 8.55 13.50 40.92
CA LEU A 286 9.65 14.38 41.25
C LEU A 286 9.74 15.56 40.29
N VAL A 287 9.42 15.33 39.02
CA VAL A 287 9.39 16.43 38.05
C VAL A 287 8.22 17.37 38.34
N VAL A 288 7.04 16.81 38.63
CA VAL A 288 5.91 17.63 39.04
C VAL A 288 6.21 18.37 40.34
N PHE A 289 7.00 17.74 41.22
CA PHE A 289 7.38 18.39 42.46
C PHE A 289 8.16 19.68 42.19
N VAL A 290 9.15 19.61 41.30
CA VAL A 290 9.93 20.79 40.95
C VAL A 290 9.02 21.85 40.34
N ILE A 291 8.04 21.42 39.53
CA ILE A 291 7.10 22.35 38.94
C ILE A 291 6.17 22.92 40.01
N LEU A 292 5.83 22.12 41.02
CA LEU A 292 5.00 22.63 42.12
C LEU A 292 5.74 23.69 42.92
N TRP A 293 7.02 23.47 43.21
CA TRP A 293 7.79 24.46 43.96
C TRP A 293 8.00 25.74 43.17
N LEU A 294 8.08 25.64 41.84
CA LEU A 294 8.16 26.83 41.02
C LEU A 294 6.86 27.61 41.02
N ALA A 295 5.73 26.94 41.25
CA ALA A 295 4.43 27.58 41.19
C ALA A 295 4.08 28.27 42.50
N LEU A 296 3.93 27.49 43.57
CA LEU A 296 3.58 28.01 44.88
C LEU A 296 4.74 27.87 45.87
N ARG A 297 5.85 28.54 45.59
CA ARG A 297 7.09 28.36 46.34
C ARG A 297 6.92 28.62 47.84
N SER A 298 6.47 27.60 48.56
CA SER A 298 6.46 27.56 50.01
C SER A 298 6.17 26.12 50.44
N LYS A 299 6.86 25.67 51.47
CA LYS A 299 6.82 24.25 51.84
C LYS A 299 5.41 23.79 52.19
N ARG A 300 4.72 24.57 53.03
CA ARG A 300 3.38 24.20 53.47
C ARG A 300 2.38 24.20 52.32
N MET A 301 2.69 24.87 51.21
CA MET A 301 1.81 24.84 50.06
C MET A 301 2.05 23.59 49.20
N ILE A 302 3.32 23.21 49.02
CA ILE A 302 3.63 22.04 48.22
C ILE A 302 3.10 20.78 48.90
N ALA A 303 3.35 20.64 50.21
CA ALA A 303 2.85 19.48 50.94
C ALA A 303 1.32 19.44 50.94
N SER A 304 0.68 20.61 50.87
CA SER A 304 -0.78 20.64 50.80
C SER A 304 -1.27 20.01 49.49
N VAL A 305 -0.71 20.44 48.37
CA VAL A 305 -1.16 19.96 47.07
C VAL A 305 -0.85 18.48 46.88
N LEU A 306 0.24 17.99 47.45
CA LEU A 306 0.61 16.59 47.27
C LEU A 306 -0.25 15.68 48.14
N VAL A 307 -0.58 16.11 49.37
CA VAL A 307 -1.41 15.28 50.24
C VAL A 307 -2.81 15.14 49.66
N THR A 308 -3.37 16.24 49.14
CA THR A 308 -4.69 16.16 48.53
C THR A 308 -4.65 15.44 47.18
N LEU A 309 -3.49 15.43 46.51
CA LEU A 309 -3.37 14.70 45.25
C LEU A 309 -3.45 13.20 45.47
N PHE A 310 -2.77 12.70 46.50
CA PHE A 310 -2.76 11.26 46.76
C PHE A 310 -4.13 10.76 47.18
N VAL A 311 -4.93 11.60 47.84
CA VAL A 311 -6.28 11.20 48.22
C VAL A 311 -7.16 11.06 46.98
N GLY A 312 -7.12 12.06 46.10
CA GLY A 312 -7.90 11.98 44.88
C GLY A 312 -7.46 10.87 43.95
N LEU A 313 -6.18 10.48 44.02
CA LEU A 313 -5.69 9.40 43.18
C LEU A 313 -6.04 8.04 43.76
N VAL A 314 -5.95 7.89 45.09
CA VAL A 314 -6.26 6.60 45.71
C VAL A 314 -7.76 6.32 45.68
N VAL A 315 -8.61 7.35 45.60
CA VAL A 315 -10.04 7.11 45.45
C VAL A 315 -10.42 6.87 43.99
N THR A 316 -9.69 7.49 43.05
CA THR A 316 -9.94 7.21 41.63
C THR A 316 -9.66 5.74 41.32
N ALA A 317 -8.57 5.19 41.86
CA ALA A 317 -8.28 3.78 41.65
C ALA A 317 -9.30 2.89 42.35
N ALA A 318 -9.71 3.26 43.56
CA ALA A 318 -10.69 2.45 44.28
C ALA A 318 -12.04 2.49 43.59
N LEU A 319 -12.50 3.68 43.21
CA LEU A 319 -13.70 3.79 42.38
C LEU A 319 -13.54 2.97 41.11
N GLY A 320 -12.49 3.25 40.34
CA GLY A 320 -12.20 2.55 39.10
C GLY A 320 -12.37 1.05 39.18
N LEU A 321 -11.66 0.40 40.11
CA LEU A 321 -11.83 -1.03 40.30
C LEU A 321 -13.23 -1.39 40.79
N ALA A 322 -13.92 -0.47 41.45
CA ALA A 322 -15.27 -0.75 41.96
C ALA A 322 -16.34 -0.72 40.89
N MET A 323 -16.03 -0.23 39.68
CA MET A 323 -17.03 -0.23 38.62
C MET A 323 -16.51 -0.73 37.28
N VAL A 324 -15.23 -1.10 37.16
CA VAL A 324 -14.75 -1.73 35.94
C VAL A 324 -13.99 -3.01 36.29
N GLY A 325 -13.36 -3.02 37.48
CA GLY A 325 -12.60 -4.17 37.91
C GLY A 325 -11.33 -4.43 37.11
N SER A 326 -11.47 -4.47 35.79
CA SER A 326 -10.32 -4.74 34.92
C SER A 326 -9.41 -3.53 34.86
N LEU A 327 -8.10 -3.78 34.98
CA LEU A 327 -7.07 -2.74 34.88
C LEU A 327 -6.05 -3.20 33.85
N ASN A 328 -6.46 -3.22 32.58
CA ASN A 328 -5.65 -3.81 31.52
C ASN A 328 -4.47 -2.91 31.13
N MET A 329 -3.98 -3.07 29.91
CA MET A 329 -2.75 -2.40 29.50
C MET A 329 -2.95 -0.91 29.27
N ILE A 330 -4.07 -0.53 28.65
CA ILE A 330 -4.34 0.89 28.46
C ILE A 330 -4.91 1.50 29.74
N SER A 331 -5.74 0.75 30.46
CA SER A 331 -6.37 1.29 31.66
C SER A 331 -5.33 1.63 32.73
N VAL A 332 -4.27 0.82 32.83
CA VAL A 332 -3.24 1.05 33.84
C VAL A 332 -2.52 2.37 33.65
N ALA A 333 -2.71 3.03 32.50
CA ALA A 333 -2.05 4.29 32.20
C ALA A 333 -2.86 5.51 32.64
N PHE A 334 -3.81 5.33 33.56
CA PHE A 334 -4.61 6.46 34.03
C PHE A 334 -3.95 7.20 35.18
N MET A 335 -3.14 6.50 35.99
CA MET A 335 -2.53 7.15 37.15
C MET A 335 -1.58 8.25 36.75
N VAL A 336 -0.84 8.05 35.66
CA VAL A 336 0.02 9.11 35.16
C VAL A 336 -0.81 10.26 34.58
N LEU A 337 -1.99 9.95 34.04
CA LEU A 337 -2.88 11.01 33.58
C LEU A 337 -3.44 11.81 34.74
N PHE A 338 -3.68 11.16 35.88
CA PHE A 338 -4.23 11.87 37.03
C PHE A 338 -3.21 12.85 37.61
N VAL A 339 -1.98 12.39 37.82
CA VAL A 339 -0.94 13.24 38.39
C VAL A 339 -0.71 14.47 37.51
N GLY A 340 -0.97 14.35 36.22
CA GLY A 340 -0.89 15.49 35.33
C GLY A 340 -2.08 16.42 35.44
N LEU A 341 -3.29 15.87 35.26
CA LEU A 341 -4.49 16.70 35.25
C LEU A 341 -5.01 17.01 36.64
N GLY A 342 -4.64 16.23 37.65
CA GLY A 342 -5.13 16.50 39.00
C GLY A 342 -4.40 17.65 39.66
N VAL A 343 -3.06 17.61 39.66
CA VAL A 343 -2.27 18.74 40.12
C VAL A 343 -2.61 20.00 39.29
N ASP A 344 -3.08 19.82 38.04
CA ASP A 344 -3.45 20.94 37.18
C ASP A 344 -4.51 21.81 37.83
N PHE A 345 -5.53 21.18 38.39
CA PHE A 345 -6.61 21.91 39.03
C PHE A 345 -6.10 22.63 40.27
N SER A 346 -5.15 22.04 40.99
CA SER A 346 -4.66 22.65 42.22
C SER A 346 -3.65 23.75 41.95
N ILE A 347 -2.92 23.68 40.82
CA ILE A 347 -1.99 24.75 40.48
C ILE A 347 -2.74 26.07 40.28
N GLN A 348 -3.89 26.02 39.62
CA GLN A 348 -4.71 27.22 39.43
C GLN A 348 -5.13 27.78 40.79
N TYR A 349 -5.79 26.97 41.61
CA TYR A 349 -6.35 27.45 42.87
C TYR A 349 -5.25 27.90 43.82
N GLY A 350 -4.12 27.19 43.83
CA GLY A 350 -3.05 27.54 44.76
C GLY A 350 -2.44 28.89 44.48
N VAL A 351 -2.16 29.20 43.20
CA VAL A 351 -1.54 30.47 42.86
C VAL A 351 -2.54 31.61 42.83
N LYS A 352 -3.82 31.33 42.60
CA LYS A 352 -4.83 32.38 42.66
C LYS A 352 -5.04 32.83 44.09
N TYR A 353 -5.19 31.88 45.02
CA TYR A 353 -5.23 32.21 46.43
C TYR A 353 -3.99 33.04 46.82
N ARG A 354 -2.82 32.60 46.37
CA ARG A 354 -1.58 33.21 46.82
C ARG A 354 -1.48 34.67 46.40
N GLU A 355 -1.73 34.96 45.13
CA GLU A 355 -1.79 36.35 44.68
C GLU A 355 -2.89 37.11 45.41
N GLU A 356 -4.10 36.56 45.40
CA GLU A 356 -5.24 37.24 46.03
C GLU A 356 -5.01 37.45 47.52
N ARG A 357 -4.39 36.48 48.19
CA ARG A 357 -4.05 36.68 49.60
C ARG A 357 -2.95 37.71 49.75
N PHE A 358 -1.89 37.60 48.94
CA PHE A 358 -0.80 38.58 48.99
C PHE A 358 -1.22 39.94 48.44
N ARG A 359 -2.37 40.04 47.76
CA ARG A 359 -2.86 41.33 47.29
C ARG A 359 -3.43 42.18 48.41
N GLY A 360 -3.48 41.68 49.64
CA GLY A 360 -3.98 42.46 50.75
C GLY A 360 -5.24 41.91 51.37
N GLU A 361 -5.22 40.63 51.75
CA GLU A 361 -6.36 39.99 52.38
C GLU A 361 -5.86 39.05 53.47
N ALA A 362 -6.81 38.53 54.26
CA ALA A 362 -6.51 37.50 55.24
C ALA A 362 -6.68 36.13 54.60
N ILE A 363 -6.19 35.09 55.31
CA ILE A 363 -6.27 33.73 54.79
C ILE A 363 -7.72 33.30 54.61
N ASP A 364 -8.52 33.43 55.68
CA ASP A 364 -9.91 32.93 55.64
C ASP A 364 -10.72 33.61 54.54
N ALA A 365 -10.41 34.85 54.21
CA ALA A 365 -11.12 35.56 53.14
C ALA A 365 -10.60 35.21 51.76
N ALA A 366 -9.36 34.73 51.65
CA ALA A 366 -8.80 34.41 50.34
C ALA A 366 -9.18 33.00 49.90
N LEU A 367 -9.30 32.05 50.83
CA LEU A 367 -9.76 30.71 50.47
C LEU A 367 -11.16 30.75 49.88
N ILE A 368 -12.06 31.50 50.51
CA ILE A 368 -13.41 31.66 49.98
C ILE A 368 -13.46 32.69 48.86
N GLY A 369 -12.52 33.63 48.83
CA GLY A 369 -12.53 34.64 47.79
C GLY A 369 -12.08 34.11 46.44
N ALA A 370 -11.03 33.28 46.44
CA ALA A 370 -10.54 32.71 45.18
C ALA A 370 -11.49 31.68 44.60
N ALA A 371 -12.33 31.05 45.44
CA ALA A 371 -13.33 30.12 44.93
C ALA A 371 -14.39 30.83 44.09
N HIS A 372 -14.56 32.14 44.27
CA HIS A 372 -15.48 32.90 43.42
C HIS A 372 -14.98 32.94 41.99
N SER A 373 -13.78 33.49 41.77
CA SER A 373 -13.24 33.66 40.43
C SER A 373 -12.92 32.34 39.75
N MET A 374 -12.85 31.23 40.49
CA MET A 374 -12.51 29.94 39.92
C MET A 374 -13.63 28.91 40.10
N GLY A 375 -14.86 29.38 40.22
CA GLY A 375 -15.99 28.48 40.26
C GLY A 375 -16.30 27.93 38.88
N MET A 376 -16.80 28.80 37.99
CA MET A 376 -17.06 28.39 36.62
C MET A 376 -15.82 27.90 35.87
N PRO A 377 -14.62 28.50 36.02
CA PRO A 377 -13.44 27.98 35.30
C PRO A 377 -13.14 26.52 35.58
N LEU A 378 -12.88 26.20 36.85
CA LEU A 378 -12.55 24.82 37.21
C LEU A 378 -13.69 23.86 36.93
N ALA A 379 -14.94 24.33 37.07
CA ALA A 379 -16.08 23.48 36.78
C ALA A 379 -16.20 23.20 35.28
N LEU A 380 -15.94 24.21 34.45
CA LEU A 380 -15.98 24.01 33.00
C LEU A 380 -14.89 23.04 32.56
N ALA A 381 -13.63 23.33 32.93
CA ALA A 381 -12.51 22.51 32.49
C ALA A 381 -12.67 21.06 32.95
N THR A 382 -13.15 20.86 34.17
CA THR A 382 -13.33 19.50 34.69
C THR A 382 -14.28 18.70 33.81
N THR A 383 -15.53 19.15 33.70
CA THR A 383 -16.53 18.40 32.94
C THR A 383 -16.19 18.35 31.47
N ALA A 384 -15.50 19.37 30.94
CA ALA A 384 -15.16 19.38 29.52
C ALA A 384 -14.03 18.41 29.20
N VAL A 385 -13.03 18.32 30.07
CA VAL A 385 -11.98 17.31 29.90
C VAL A 385 -12.55 15.92 30.12
N ALA A 386 -13.41 15.77 31.13
CA ALA A 386 -14.02 14.48 31.40
C ALA A 386 -15.06 14.10 30.35
N ALA A 387 -15.64 15.07 29.65
CA ALA A 387 -16.53 14.76 28.54
C ALA A 387 -15.76 14.15 27.36
N SER A 388 -14.45 14.37 27.28
CA SER A 388 -13.65 13.72 26.27
C SER A 388 -13.34 12.28 26.65
N PHE A 389 -13.02 12.04 27.92
CA PHE A 389 -12.84 10.67 28.39
C PHE A 389 -14.13 9.87 28.27
N PHE A 390 -15.27 10.50 28.60
CA PHE A 390 -16.56 9.83 28.54
C PHE A 390 -17.04 9.58 27.12
N SER A 391 -16.43 10.21 26.12
CA SER A 391 -16.83 9.99 24.74
C SER A 391 -16.53 8.57 24.27
N PHE A 392 -15.64 7.86 24.96
CA PHE A 392 -15.32 6.47 24.63
C PHE A 392 -16.17 5.48 25.42
N ILE A 393 -17.00 5.95 26.37
CA ILE A 393 -17.82 5.03 27.15
C ILE A 393 -18.85 4.30 26.30
N PRO A 394 -19.69 4.97 25.49
CA PRO A 394 -20.74 4.22 24.78
C PRO A 394 -20.18 3.24 23.76
N THR A 395 -19.02 3.51 23.18
CA THR A 395 -18.49 2.67 22.12
C THR A 395 -17.90 1.38 22.71
N ALA A 396 -17.67 0.42 21.82
CA ALA A 396 -17.16 -0.90 22.22
C ALA A 396 -15.66 -0.97 21.97
N TYR A 397 -14.93 -0.20 22.79
CA TYR A 397 -13.46 -0.22 22.82
C TYR A 397 -13.06 -0.26 24.30
N ARG A 398 -13.37 -1.40 24.95
CA ARG A 398 -13.32 -1.49 26.40
C ARG A 398 -11.95 -1.14 26.98
N GLY A 399 -10.89 -1.18 26.17
CA GLY A 399 -9.61 -0.69 26.64
C GLY A 399 -9.64 0.78 26.97
N VAL A 400 -10.47 1.55 26.27
CA VAL A 400 -10.62 2.96 26.54
C VAL A 400 -11.94 3.29 27.23
N SER A 401 -12.98 2.48 27.03
CA SER A 401 -14.21 2.63 27.80
C SER A 401 -13.97 2.41 29.29
N GLU A 402 -12.92 1.69 29.65
CA GLU A 402 -12.52 1.57 31.04
C GLU A 402 -11.59 2.70 31.46
N LEU A 403 -10.64 3.08 30.59
CA LEU A 403 -9.76 4.21 30.90
C LEU A 403 -10.56 5.51 30.96
N GLY A 404 -11.43 5.74 29.97
CA GLY A 404 -12.24 6.95 29.99
C GLY A 404 -13.19 7.02 31.17
N LEU A 405 -13.62 5.86 31.68
CA LEU A 405 -14.47 5.85 32.86
C LEU A 405 -13.66 6.18 34.11
N ILE A 406 -12.52 5.50 34.30
CA ILE A 406 -11.68 5.76 35.45
C ILE A 406 -11.11 7.18 35.42
N ALA A 407 -10.87 7.71 34.22
CA ALA A 407 -10.38 9.08 34.12
C ALA A 407 -11.48 10.11 34.30
N GLY A 408 -12.71 9.79 33.88
CA GLY A 408 -13.81 10.71 34.08
C GLY A 408 -14.12 10.91 35.55
N VAL A 409 -14.25 9.81 36.30
CA VAL A 409 -14.40 9.92 37.75
C VAL A 409 -13.15 10.52 38.38
N GLY A 410 -12.02 10.51 37.67
CA GLY A 410 -10.84 11.16 38.17
C GLY A 410 -10.96 12.67 38.19
N MET A 411 -11.50 13.24 37.11
CA MET A 411 -11.64 14.70 37.04
C MET A 411 -12.75 15.18 37.97
N PHE A 412 -13.87 14.46 38.04
CA PHE A 412 -14.93 14.82 38.98
C PHE A 412 -14.50 14.65 40.43
N VAL A 413 -13.52 13.80 40.70
CA VAL A 413 -12.95 13.71 42.03
C VAL A 413 -11.91 14.80 42.24
N ALA A 414 -10.99 14.95 41.29
CA ALA A 414 -9.90 15.92 41.44
C ALA A 414 -10.45 17.32 41.68
N LEU A 415 -11.59 17.65 41.07
CA LEU A 415 -12.24 18.93 41.34
C LEU A 415 -12.73 18.99 42.77
N LEU A 416 -13.64 18.08 43.14
CA LEU A 416 -14.15 18.03 44.51
C LEU A 416 -13.02 17.88 45.52
N THR A 417 -11.98 17.13 45.17
CA THR A 417 -10.86 16.94 46.08
C THR A 417 -10.13 18.25 46.34
N THR A 418 -10.04 19.11 45.33
CA THR A 418 -9.35 20.39 45.49
C THR A 418 -10.19 21.43 46.23
N LEU A 419 -11.52 21.38 46.06
CA LEU A 419 -12.36 22.44 46.58
C LEU A 419 -12.62 22.32 48.08
N THR A 420 -12.53 21.11 48.64
CA THR A 420 -12.75 20.91 50.06
C THR A 420 -11.45 20.67 50.82
N LEU A 421 -10.66 19.68 50.38
CA LEU A 421 -9.49 19.26 51.16
C LEU A 421 -8.38 20.30 51.11
N LEU A 422 -8.14 20.90 49.93
CA LEU A 422 -7.02 21.83 49.81
C LEU A 422 -7.21 23.08 50.66
N PRO A 423 -8.37 23.77 50.67
CA PRO A 423 -8.48 24.95 51.53
C PRO A 423 -8.37 24.62 53.01
N ALA A 424 -9.12 23.61 53.48
CA ALA A 424 -9.05 23.23 54.89
C ALA A 424 -7.64 22.81 55.29
N LEU A 425 -6.90 22.18 54.39
CA LEU A 425 -5.50 21.89 54.65
C LEU A 425 -4.69 23.18 54.77
N LEU A 426 -4.74 24.02 53.73
CA LEU A 426 -4.02 25.28 53.76
C LEU A 426 -4.49 26.16 54.91
N ARG A 427 -5.77 26.05 55.30
CA ARG A 427 -6.27 26.81 56.43
C ARG A 427 -5.59 26.39 57.73
N LEU A 428 -5.25 25.10 57.87
CA LEU A 428 -4.55 24.65 59.07
C LEU A 428 -3.12 25.20 59.11
N PHE A 429 -2.48 25.32 57.96
CA PHE A 429 -1.15 25.91 57.86
C PHE A 429 -1.27 27.38 57.51
N ALA A 430 -0.14 28.01 57.17
CA ALA A 430 -0.10 29.41 56.79
C ALA A 430 1.29 29.79 56.27
N PRO A 431 1.38 30.47 55.11
CA PRO A 431 2.67 30.97 54.62
C PRO A 431 3.07 32.29 55.30
N GLY A 439 9.15 38.49 39.46
CA GLY A 439 9.77 39.36 38.48
C GLY A 439 10.61 38.60 37.48
N PHE A 440 10.25 38.69 36.21
CA PHE A 440 10.93 37.95 35.15
C PHE A 440 11.45 38.91 34.08
N PRO A 441 12.77 39.11 33.98
CA PRO A 441 13.30 39.99 32.93
C PRO A 441 13.68 39.27 31.63
N TRP A 442 13.74 37.94 31.63
CA TRP A 442 14.10 37.21 30.42
C TRP A 442 12.94 37.08 29.44
N LEU A 443 11.72 37.44 29.85
CA LEU A 443 10.60 37.55 28.93
C LEU A 443 10.52 38.92 28.26
N ALA A 444 11.36 39.89 28.66
CA ALA A 444 11.20 41.25 28.15
C ALA A 444 11.29 41.34 26.63
N PRO A 445 12.31 40.78 25.96
CA PRO A 445 12.34 40.88 24.50
C PRO A 445 11.33 39.95 23.83
N VAL A 446 11.07 38.78 24.42
CA VAL A 446 10.15 37.83 23.80
C VAL A 446 8.72 38.35 23.86
N ASP A 447 8.31 38.84 25.03
CA ASP A 447 6.95 39.38 25.18
C ASP A 447 6.77 40.65 24.37
N ASP A 448 7.77 41.53 24.36
CA ASP A 448 7.68 42.77 23.59
C ASP A 448 7.46 42.47 22.11
N TYR A 449 8.22 41.52 21.56
CA TYR A 449 8.06 41.17 20.15
C TYR A 449 6.67 40.65 19.86
N LEU A 450 6.20 39.69 20.66
CA LEU A 450 4.90 39.08 20.40
C LEU A 450 3.76 40.06 20.65
N ASP A 451 3.87 40.88 21.70
CA ASP A 451 2.78 41.82 22.01
C ASP A 451 2.65 42.88 20.95
N ARG A 452 3.77 43.48 20.54
CA ARG A 452 3.72 44.57 19.57
C ARG A 452 3.48 44.08 18.15
N HIS A 453 3.66 42.78 17.89
CA HIS A 453 3.51 42.20 16.55
C HIS A 453 2.57 41.02 16.57
N ARG A 454 1.41 41.17 17.23
CA ARG A 454 0.37 40.17 17.11
C ARG A 454 -0.46 40.34 15.85
N LYS A 455 -0.31 41.46 15.15
CA LYS A 455 -0.97 41.61 13.85
C LYS A 455 -0.47 40.60 12.83
N PRO A 456 0.85 40.40 12.62
CA PRO A 456 1.28 39.38 11.66
C PRO A 456 1.16 37.97 12.19
N ILE A 457 1.68 37.72 13.40
CA ILE A 457 1.81 36.36 13.92
C ILE A 457 0.48 35.61 13.86
N LEU A 458 -0.62 36.31 14.14
CA LEU A 458 -1.92 35.68 14.01
C LEU A 458 -2.25 35.39 12.55
N ILE A 459 -2.10 36.39 11.69
CA ILE A 459 -2.37 36.17 10.27
C ILE A 459 -1.24 35.40 9.61
N GLY A 460 0.01 35.61 10.04
CA GLY A 460 1.14 34.91 9.46
C GLY A 460 1.14 33.41 9.69
N THR A 461 0.45 32.95 10.73
CA THR A 461 0.28 31.52 10.96
C THR A 461 -1.05 31.00 10.46
N LEU A 462 -2.13 31.76 10.66
CA LEU A 462 -3.43 31.35 10.12
C LEU A 462 -3.38 31.20 8.60
N ALA A 463 -2.47 31.91 7.94
CA ALA A 463 -2.24 31.69 6.52
C ALA A 463 -1.51 30.36 6.29
N VAL A 464 -0.33 30.21 6.90
CA VAL A 464 0.48 29.01 6.69
C VAL A 464 -0.28 27.75 7.09
N VAL A 465 -1.18 27.86 8.08
CA VAL A 465 -2.04 26.73 8.41
C VAL A 465 -2.93 26.37 7.22
N ILE A 466 -3.41 27.37 6.49
CA ILE A 466 -4.15 27.11 5.27
C ILE A 466 -3.24 26.58 4.19
N GLY A 467 -1.99 27.05 4.14
CA GLY A 467 -1.04 26.56 3.16
C GLY A 467 -0.54 25.16 3.42
N ALA A 468 -0.56 24.70 4.67
CA ALA A 468 -0.15 23.36 5.03
C ALA A 468 -1.30 22.37 5.01
N LEU A 469 -2.42 22.73 4.37
CA LEU A 469 -3.60 21.87 4.30
C LEU A 469 -3.44 20.71 3.31
N PRO A 470 -2.80 20.90 2.16
CA PRO A 470 -2.56 19.74 1.28
C PRO A 470 -1.70 18.66 1.91
N LEU A 471 -0.92 18.97 2.96
CA LEU A 471 -0.15 17.94 3.63
C LEU A 471 -1.04 16.86 4.22
N LEU A 472 -2.28 17.21 4.59
CA LEU A 472 -3.23 16.24 5.11
C LEU A 472 -3.51 15.12 4.11
N ALA A 473 -3.27 15.36 2.83
CA ALA A 473 -3.44 14.31 1.82
C ALA A 473 -2.38 13.23 1.94
N PHE A 474 -1.29 13.49 2.65
CA PHE A 474 -0.23 12.51 2.85
C PHE A 474 -0.27 11.89 4.25
N LEU A 475 -1.37 12.10 4.98
CA LEU A 475 -1.58 11.45 6.26
C LEU A 475 -2.03 10.02 6.04
N HIS A 476 -1.31 9.06 6.63
CA HIS A 476 -1.59 7.65 6.44
C HIS A 476 -1.87 6.96 7.76
N PHE A 477 -2.70 5.91 7.69
CA PHE A 477 -3.12 5.14 8.84
C PHE A 477 -2.42 3.78 8.81
N ASP A 478 -1.74 3.44 9.90
CA ASP A 478 -1.09 2.14 10.05
C ASP A 478 -2.13 1.16 10.58
N PHE A 479 -2.50 0.17 9.76
CA PHE A 479 -3.65 -0.68 10.04
C PHE A 479 -3.32 -1.91 10.87
N ASN A 480 -2.06 -2.38 10.86
CA ASN A 480 -1.97 -3.63 11.61
C ASN A 480 -1.41 -3.41 13.00
N PRO A 481 -1.95 -4.11 14.01
CA PRO A 481 -1.48 -3.92 15.39
C PRO A 481 -0.08 -4.48 15.65
N LEU A 482 0.58 -5.06 14.65
CA LEU A 482 1.89 -5.66 14.89
C LEU A 482 2.97 -4.61 15.14
N HIS A 483 2.87 -3.44 14.51
CA HIS A 483 3.81 -2.36 14.82
C HIS A 483 3.62 -1.85 16.23
N LEU A 484 2.36 -1.69 16.66
CA LEU A 484 2.08 -1.31 18.04
C LEU A 484 2.62 -2.34 19.03
N LYS A 485 2.71 -3.60 18.60
CA LYS A 485 3.23 -4.67 19.44
C LYS A 485 4.69 -4.40 19.83
N ASP A 486 5.05 -4.77 21.05
CA ASP A 486 6.46 -4.70 21.46
C ASP A 486 7.26 -5.77 20.72
N PRO A 487 8.30 -5.41 19.98
CA PRO A 487 8.97 -6.39 19.11
C PRO A 487 10.13 -7.15 19.74
N HIS A 488 10.66 -6.71 20.88
CA HIS A 488 11.84 -7.33 21.47
C HIS A 488 11.51 -8.34 22.56
N SER A 489 10.24 -8.57 22.86
CA SER A 489 9.89 -9.65 23.76
C SER A 489 10.15 -11.00 23.08
N GLU A 490 10.46 -12.01 23.89
CA GLU A 490 10.83 -13.31 23.33
C GLU A 490 9.68 -13.92 22.54
N SER A 491 8.45 -13.79 23.03
CA SER A 491 7.30 -14.40 22.37
C SER A 491 6.98 -13.70 21.06
N MET A 492 7.14 -12.37 21.02
CA MET A 492 6.85 -11.63 19.79
C MET A 492 7.98 -11.82 18.76
N SER A 493 9.23 -11.81 19.22
CA SER A 493 10.35 -11.96 18.29
C SER A 493 10.31 -13.29 17.56
N THR A 494 9.67 -14.30 18.15
CA THR A 494 9.55 -15.60 17.49
C THR A 494 8.43 -15.58 16.45
N LEU A 495 7.26 -15.05 16.82
CA LEU A 495 6.15 -14.98 15.88
C LEU A 495 6.50 -14.12 14.67
N LEU A 496 7.35 -13.11 14.85
CA LEU A 496 7.83 -12.30 13.74
C LEU A 496 8.91 -12.99 12.93
N ALA A 497 9.44 -14.12 13.41
CA ALA A 497 10.42 -14.90 12.66
C ALA A 497 9.81 -16.09 11.95
N LEU A 498 8.63 -16.55 12.36
CA LEU A 498 7.96 -17.70 11.78
C LEU A 498 7.10 -17.32 10.57
N LYS A 499 7.23 -16.09 10.08
CA LYS A 499 6.50 -15.70 8.87
C LYS A 499 6.86 -16.60 7.69
N ASP A 500 8.11 -17.06 7.63
CA ASP A 500 8.59 -17.84 6.50
C ASP A 500 8.26 -19.32 6.61
N SER A 501 7.94 -19.82 7.81
CA SER A 501 7.71 -21.26 7.99
C SER A 501 6.22 -21.57 7.85
N PRO A 502 5.86 -22.60 7.07
CA PRO A 502 4.44 -22.85 6.79
C PRO A 502 3.75 -23.71 7.84
N GLU A 503 4.47 -24.64 8.47
CA GLU A 503 3.84 -25.52 9.43
C GLU A 503 3.39 -24.77 10.68
N ALA A 504 4.13 -23.74 11.08
CA ALA A 504 3.66 -22.88 12.17
C ALA A 504 2.43 -22.09 11.75
N ALA A 505 2.48 -21.47 10.57
CA ALA A 505 1.35 -20.80 9.95
C ALA A 505 0.76 -19.73 10.90
N VAL A 506 1.53 -18.64 11.02
CA VAL A 506 1.21 -17.63 12.02
C VAL A 506 -0.04 -16.82 11.65
N ASN A 507 -0.42 -16.78 10.37
CA ASN A 507 -1.60 -16.02 9.92
C ASN A 507 -2.45 -16.94 9.04
N ASP A 508 -3.20 -17.84 9.68
CA ASP A 508 -4.10 -18.76 8.99
C ASP A 508 -5.50 -18.57 9.54
N VAL A 509 -6.45 -18.29 8.65
CA VAL A 509 -7.85 -18.23 9.04
C VAL A 509 -8.37 -19.64 9.23
N THR A 510 -9.29 -19.81 10.18
CA THR A 510 -9.74 -21.12 10.63
C THR A 510 -11.26 -21.22 10.42
N LEU A 511 -11.66 -21.82 9.30
CA LEU A 511 -13.07 -22.02 9.00
C LEU A 511 -13.53 -23.40 9.49
N LEU A 512 -14.67 -23.44 10.16
CA LEU A 512 -15.24 -24.67 10.67
C LEU A 512 -16.38 -25.13 9.78
N ALA A 513 -16.53 -26.45 9.67
CA ALA A 513 -17.54 -27.07 8.81
C ALA A 513 -18.19 -28.22 9.57
N PRO A 514 -19.40 -28.61 9.18
CA PRO A 514 -20.09 -29.68 9.93
C PRO A 514 -19.47 -31.06 9.75
N SER A 515 -19.01 -31.40 8.55
CA SER A 515 -18.48 -32.73 8.26
C SER A 515 -17.18 -32.63 7.49
N LEU A 516 -16.43 -33.73 7.47
CA LEU A 516 -15.16 -33.75 6.76
C LEU A 516 -15.38 -33.63 5.25
N ALA A 517 -16.46 -34.23 4.74
CA ALA A 517 -16.81 -34.02 3.34
C ALA A 517 -17.22 -32.58 3.08
N ASP A 518 -17.84 -31.93 4.08
CA ASP A 518 -18.21 -30.52 3.93
C ASP A 518 -16.97 -29.64 3.91
N ALA A 519 -16.06 -29.84 4.88
CA ALA A 519 -14.84 -29.05 4.91
C ALA A 519 -14.00 -29.27 3.65
N ASP A 520 -13.88 -30.52 3.22
CA ASP A 520 -13.20 -30.80 1.96
C ASP A 520 -13.85 -30.03 0.81
N ALA A 521 -15.19 -29.94 0.82
CA ALA A 521 -15.87 -29.13 -0.18
C ALA A 521 -15.53 -27.66 -0.01
N ALA A 522 -15.44 -27.19 1.24
CA ALA A 522 -15.11 -25.80 1.49
C ALA A 522 -13.61 -25.53 1.34
N ALA A 523 -12.76 -26.46 1.77
CA ALA A 523 -11.32 -26.26 1.68
C ALA A 523 -10.87 -26.31 0.22
N LYS A 524 -11.31 -27.32 -0.53
CA LYS A 524 -10.94 -27.41 -1.94
C LYS A 524 -11.51 -26.25 -2.74
N ARG A 525 -12.69 -25.77 -2.36
CA ARG A 525 -13.27 -24.62 -3.06
C ARG A 525 -12.46 -23.35 -2.83
N LEU A 526 -12.02 -23.13 -1.58
CA LEU A 526 -11.29 -21.90 -1.27
C LEU A 526 -10.04 -21.77 -2.13
N ASP A 527 -9.43 -22.88 -2.51
CA ASP A 527 -8.23 -22.85 -3.36
C ASP A 527 -8.46 -22.12 -4.67
N ALA A 528 -9.72 -21.97 -5.09
CA ALA A 528 -10.01 -21.29 -6.36
C ALA A 528 -9.64 -19.81 -6.29
N LEU A 529 -9.85 -19.19 -5.13
CA LEU A 529 -9.53 -17.77 -4.98
C LEU A 529 -8.02 -17.57 -5.11
N PRO A 530 -7.58 -16.43 -5.64
CA PRO A 530 -6.15 -16.28 -5.97
C PRO A 530 -5.24 -16.15 -4.76
N GLU A 531 -5.74 -15.66 -3.63
CA GLU A 531 -4.90 -15.36 -2.47
C GLU A 531 -5.00 -16.41 -1.37
N VAL A 532 -5.51 -17.59 -1.68
CA VAL A 532 -5.85 -18.59 -0.66
C VAL A 532 -4.72 -19.60 -0.46
N GLY A 533 -4.08 -20.05 -1.53
CA GLY A 533 -2.93 -20.93 -1.39
C GLY A 533 -3.23 -22.31 -0.84
N ARG A 534 -2.81 -22.57 0.41
CA ARG A 534 -2.91 -23.89 1.01
C ARG A 534 -4.04 -23.92 2.04
N THR A 535 -4.91 -24.91 1.92
CA THR A 535 -5.93 -25.21 2.92
C THR A 535 -5.74 -26.65 3.39
N THR A 536 -5.78 -26.85 4.70
CA THR A 536 -5.43 -28.13 5.30
C THR A 536 -6.61 -28.70 6.08
N THR A 537 -6.86 -29.99 5.86
CA THR A 537 -7.85 -30.76 6.62
C THR A 537 -7.20 -32.10 6.96
N LEU A 538 -7.94 -32.96 7.67
CA LEU A 538 -7.40 -34.28 7.97
C LEU A 538 -7.38 -35.18 6.75
N SER A 539 -8.26 -34.92 5.78
CA SER A 539 -8.20 -35.64 4.51
C SER A 539 -6.95 -35.29 3.73
N THR A 540 -6.37 -34.12 3.97
CA THR A 540 -5.07 -33.79 3.40
C THR A 540 -3.94 -34.53 4.11
N PHE A 541 -4.15 -34.95 5.36
CA PHE A 541 -3.17 -35.79 6.03
C PHE A 541 -3.12 -37.19 5.43
N ILE A 542 -4.21 -37.63 4.81
CA ILE A 542 -4.22 -38.87 4.05
C ILE A 542 -3.49 -38.60 2.74
N PRO A 543 -2.26 -39.09 2.57
CA PRO A 543 -1.43 -38.62 1.46
C PRO A 543 -1.83 -39.19 0.11
N ALA A 544 -2.67 -38.44 -0.62
CA ALA A 544 -3.08 -38.77 -1.98
C ALA A 544 -3.59 -40.20 -2.08
N ASP A 545 -3.29 -40.88 -3.19
CA ASP A 545 -3.58 -42.30 -3.38
C ASP A 545 -2.30 -42.91 -3.93
N GLN A 546 -1.44 -43.40 -3.04
CA GLN A 546 -0.09 -43.81 -3.42
C GLN A 546 0.26 -45.18 -2.84
N PRO A 547 -0.38 -46.25 -3.31
CA PRO A 547 0.27 -47.57 -3.23
C PRO A 547 1.31 -47.77 -4.30
N GLU A 548 1.18 -47.04 -5.42
CA GLU A 548 2.24 -47.02 -6.42
C GLU A 548 3.53 -46.46 -5.84
N LYS A 549 3.41 -45.62 -4.81
CA LYS A 549 4.59 -45.11 -4.11
C LYS A 549 5.11 -46.11 -3.10
N ARG A 550 4.25 -47.01 -2.63
CA ARG A 550 4.73 -48.13 -1.82
C ARG A 550 5.54 -49.10 -2.67
N ALA A 551 5.11 -49.32 -3.92
CA ALA A 551 5.84 -50.22 -4.80
C ALA A 551 7.21 -49.67 -5.17
N ALA A 552 7.30 -48.35 -5.38
CA ALA A 552 8.58 -47.76 -5.76
C ALA A 552 9.52 -47.68 -4.58
N ILE A 553 9.01 -47.30 -3.40
CA ILE A 553 9.88 -47.18 -2.23
C ILE A 553 10.32 -48.55 -1.74
N ALA A 554 9.48 -49.58 -1.87
CA ALA A 554 9.87 -50.91 -1.46
C ALA A 554 11.04 -51.42 -2.32
N THR A 555 11.05 -51.08 -3.61
CA THR A 555 12.15 -51.49 -4.47
C THR A 555 13.44 -50.77 -4.08
N ALA A 556 13.35 -49.50 -3.73
CA ALA A 556 14.53 -48.77 -3.28
C ALA A 556 15.00 -49.23 -1.91
N ALA A 557 14.12 -49.82 -1.10
CA ALA A 557 14.51 -50.26 0.23
C ALA A 557 15.33 -51.54 0.18
N SER A 558 15.09 -52.40 -0.82
CA SER A 558 15.81 -53.67 -0.88
C SER A 558 17.28 -53.50 -1.21
N THR A 559 17.68 -52.38 -1.82
CA THR A 559 19.07 -52.14 -2.17
C THR A 559 19.72 -51.05 -1.33
N LEU A 560 18.95 -50.14 -0.74
CA LEU A 560 19.51 -49.07 0.08
C LEU A 560 19.66 -49.45 1.54
N LEU A 561 18.66 -50.14 2.10
CA LEU A 561 18.71 -50.50 3.51
C LEU A 561 19.86 -51.45 3.86
N PRO A 562 20.20 -52.48 3.06
CA PRO A 562 21.37 -53.29 3.41
C PRO A 562 22.66 -52.49 3.44
N ALA A 563 22.80 -51.48 2.58
CA ALA A 563 23.97 -50.62 2.59
C ALA A 563 23.92 -49.56 3.68
N LEU A 564 22.77 -49.38 4.33
CA LEU A 564 22.65 -48.39 5.40
C LEU A 564 22.97 -48.98 6.77
N THR A 565 22.68 -50.26 7.00
CA THR A 565 22.95 -50.91 8.27
C THR A 565 24.26 -51.69 8.14
N GLN A 566 25.36 -50.97 8.21
CA GLN A 566 26.69 -51.54 8.18
C GLN A 566 27.17 -51.82 9.60
N PRO A 567 28.14 -52.72 9.77
CA PRO A 567 28.69 -52.96 11.09
C PRO A 567 29.39 -51.71 11.59
N PRO A 568 29.45 -51.52 12.92
CA PRO A 568 30.13 -50.33 13.46
C PRO A 568 31.60 -50.30 13.05
N ALA A 569 32.01 -49.17 12.50
CA ALA A 569 33.39 -49.00 12.09
C ALA A 569 34.29 -48.92 13.31
N PRO A 570 35.39 -49.65 13.35
CA PRO A 570 36.37 -49.47 14.44
C PRO A 570 36.86 -48.04 14.48
N PRO A 571 36.75 -47.37 15.64
CA PRO A 571 37.11 -45.95 15.70
C PRO A 571 38.55 -45.70 15.33
N ALA A 572 38.77 -45.07 14.17
CA ALA A 572 40.12 -44.81 13.69
C ALA A 572 40.87 -43.92 14.68
N THR A 573 42.13 -44.26 14.91
CA THR A 573 42.94 -43.54 15.88
C THR A 573 43.24 -42.12 15.39
N ASP A 574 43.96 -41.37 16.22
CA ASP A 574 44.20 -39.97 15.93
C ASP A 574 45.34 -39.78 14.92
N ALA A 575 46.36 -40.62 14.97
CA ALA A 575 47.50 -40.46 14.06
C ALA A 575 47.08 -40.63 12.61
N GLN A 576 46.12 -41.52 12.34
CA GLN A 576 45.61 -41.70 10.98
C GLN A 576 44.77 -40.52 10.52
N ARG A 577 44.41 -39.60 11.41
CA ARG A 577 43.53 -38.49 11.02
C ARG A 577 44.31 -37.43 10.27
N VAL A 578 45.41 -36.92 10.84
CA VAL A 578 46.29 -36.02 10.09
C VAL A 578 46.71 -36.67 8.79
N ALA A 579 46.90 -37.99 8.79
CA ALA A 579 47.18 -38.71 7.55
C ALA A 579 46.01 -38.61 6.58
N ALA A 580 44.83 -39.02 7.02
CA ALA A 580 43.66 -39.03 6.14
C ALA A 580 43.24 -37.63 5.70
N LEU A 581 43.58 -36.60 6.47
CA LEU A 581 43.28 -35.24 6.06
C LEU A 581 44.34 -34.65 5.15
N LYS A 582 45.61 -34.92 5.42
CA LYS A 582 46.67 -34.54 4.48
C LYS A 582 46.58 -35.35 3.19
N ARG A 583 46.17 -36.62 3.29
CA ARG A 583 45.93 -37.43 2.10
C ARG A 583 44.82 -36.82 1.25
N ALA A 584 43.75 -36.34 1.90
CA ALA A 584 42.67 -35.72 1.15
C ALA A 584 43.03 -34.31 0.68
N SER A 585 43.84 -33.59 1.45
CA SER A 585 44.21 -32.23 1.08
C SER A 585 45.13 -32.22 -0.13
N ASP A 586 46.25 -32.93 -0.05
CA ASP A 586 47.19 -32.97 -1.17
C ASP A 586 46.53 -33.53 -2.42
N LEU A 587 45.56 -34.43 -2.26
CA LEU A 587 44.80 -34.92 -3.40
C LEU A 587 43.88 -33.83 -3.95
N LEU A 588 43.27 -33.04 -3.07
CA LEU A 588 42.46 -31.92 -3.51
C LEU A 588 43.30 -30.88 -4.25
N GLY A 589 44.52 -30.64 -3.78
CA GLY A 589 45.39 -29.70 -4.45
C GLY A 589 45.73 -30.14 -5.86
N TYR A 590 46.10 -31.40 -6.03
CA TYR A 590 46.37 -31.94 -7.36
C TYR A 590 45.11 -31.95 -8.22
N ALA A 591 44.02 -32.51 -7.68
CA ALA A 591 42.78 -32.62 -8.43
C ALA A 591 42.27 -31.28 -8.94
N ALA A 592 42.69 -30.18 -8.33
CA ALA A 592 42.26 -28.86 -8.79
C ALA A 592 43.10 -28.37 -9.96
N GLU A 593 44.42 -28.60 -9.94
CA GLU A 593 45.28 -27.99 -10.94
C GLU A 593 45.53 -28.89 -12.14
N ASP A 594 45.72 -30.20 -11.94
CA ASP A 594 46.01 -31.07 -13.08
C ASP A 594 44.75 -31.36 -13.90
N HIS A 595 43.59 -31.45 -13.25
CA HIS A 595 42.30 -31.66 -13.91
C HIS A 595 41.43 -30.44 -13.58
N PRO A 596 41.67 -29.32 -14.23
CA PRO A 596 41.01 -28.07 -13.81
C PRO A 596 39.59 -27.97 -14.32
N GLY A 597 38.81 -27.14 -13.62
CA GLY A 597 37.44 -26.88 -13.97
C GLY A 597 36.86 -25.78 -13.11
N PRO A 598 35.54 -25.54 -13.23
CA PRO A 598 34.90 -24.54 -12.35
C PRO A 598 34.96 -24.92 -10.89
N GLY A 599 34.94 -26.21 -10.56
CA GLY A 599 35.09 -26.64 -9.19
C GLY A 599 36.51 -26.65 -8.67
N ALA A 600 37.49 -26.44 -9.56
CA ALA A 600 38.89 -26.43 -9.13
C ALA A 600 39.19 -25.28 -8.19
N ALA A 601 38.53 -24.13 -8.39
CA ALA A 601 38.70 -23.01 -7.47
C ALA A 601 38.19 -23.37 -6.08
N ALA A 602 37.14 -24.20 -6.00
CA ALA A 602 36.65 -24.66 -4.72
C ALA A 602 37.40 -25.90 -4.23
N ALA A 603 37.88 -26.73 -5.17
CA ALA A 603 38.68 -27.89 -4.78
C ALA A 603 40.00 -27.45 -4.14
N GLN A 604 40.64 -26.42 -4.70
CA GLN A 604 41.82 -25.85 -4.07
C GLN A 604 41.45 -25.15 -2.76
N HIS A 605 40.24 -24.58 -2.69
CA HIS A 605 39.81 -23.91 -1.46
C HIS A 605 39.66 -24.92 -0.32
N LEU A 606 39.00 -26.05 -0.58
CA LEU A 606 38.86 -27.07 0.46
C LEU A 606 40.22 -27.60 0.88
N SER A 607 41.12 -27.81 -0.09
CA SER A 607 42.46 -28.29 0.23
C SER A 607 43.15 -27.40 1.25
N GLN A 608 43.05 -26.08 1.07
CA GLN A 608 43.63 -25.17 2.05
C GLN A 608 42.96 -25.31 3.41
N SER A 609 41.62 -25.26 3.44
CA SER A 609 40.90 -25.36 4.70
C SER A 609 41.08 -26.73 5.33
N LEU A 610 41.11 -27.79 4.51
CA LEU A 610 41.24 -29.14 5.03
C LEU A 610 42.64 -29.36 5.62
N ALA A 611 43.68 -28.92 4.90
CA ALA A 611 45.04 -29.10 5.38
C ALA A 611 45.27 -28.36 6.70
N LYS A 612 44.76 -27.13 6.81
CA LYS A 612 44.91 -26.36 8.04
C LYS A 612 44.11 -26.96 9.18
N LEU A 613 43.01 -27.66 8.86
CA LEU A 613 42.26 -28.36 9.90
C LEU A 613 43.09 -29.46 10.55
N ALA A 614 43.94 -30.11 9.77
CA ALA A 614 44.74 -31.23 10.25
C ALA A 614 45.96 -30.79 11.06
N ALA A 615 46.13 -29.50 11.34
CA ALA A 615 47.36 -29.01 11.96
C ALA A 615 47.07 -28.10 13.15
N ALA A 616 46.01 -28.37 13.91
CA ALA A 616 45.66 -27.55 15.06
C ALA A 616 45.65 -28.36 16.35
N ASP A 617 44.67 -29.23 16.55
CA ASP A 617 44.54 -29.93 17.83
C ASP A 617 43.85 -31.28 17.61
N SER A 618 44.13 -32.21 18.51
CA SER A 618 43.36 -33.46 18.53
C SER A 618 41.91 -33.21 18.93
N ALA A 619 41.66 -32.13 19.68
CA ALA A 619 40.30 -31.77 20.04
C ALA A 619 39.58 -31.06 18.89
N THR A 620 40.29 -30.18 18.17
CA THR A 620 39.67 -29.50 17.04
C THR A 620 39.34 -30.46 15.92
N ARG A 621 40.06 -31.58 15.83
CA ARG A 621 39.66 -32.64 14.91
C ARG A 621 38.38 -33.30 15.39
N ASP A 622 38.35 -33.72 16.66
CA ASP A 622 37.12 -34.22 17.26
C ASP A 622 35.99 -33.21 17.16
N ARG A 623 36.33 -31.92 17.09
CA ARG A 623 35.30 -30.89 16.94
C ARG A 623 34.58 -31.03 15.60
N ALA A 624 35.34 -31.19 14.51
CA ALA A 624 34.73 -31.37 13.20
C ALA A 624 34.00 -32.70 13.08
N GLU A 625 34.38 -33.71 13.88
CA GLU A 625 33.65 -34.97 13.88
C GLU A 625 32.23 -34.78 14.38
N ARG A 626 32.05 -34.01 15.45
CA ARG A 626 30.72 -33.71 15.95
C ARG A 626 29.92 -32.86 14.97
N ALA A 627 30.58 -32.25 13.98
CA ALA A 627 29.93 -31.45 12.96
C ALA A 627 29.73 -32.19 11.65
N PHE A 628 30.72 -32.99 11.23
CA PHE A 628 30.62 -33.74 9.98
C PHE A 628 30.08 -35.15 10.18
N ALA A 629 30.52 -35.84 11.24
CA ALA A 629 30.22 -37.25 11.41
C ALA A 629 28.99 -37.49 12.27
N ASP A 630 28.89 -36.83 13.43
CA ASP A 630 27.69 -36.95 14.24
C ASP A 630 26.46 -36.44 13.49
N THR A 631 26.65 -35.57 12.52
CA THR A 631 25.58 -35.23 11.59
C THR A 631 25.28 -36.38 10.66
N LEU A 632 26.33 -37.06 10.17
CA LEU A 632 26.12 -38.20 9.29
C LEU A 632 25.37 -39.33 9.97
N ARG A 633 25.55 -39.49 11.28
CA ARG A 633 24.79 -40.49 12.02
C ARG A 633 23.29 -40.23 11.88
N ILE A 634 22.88 -38.97 12.06
CA ILE A 634 21.47 -38.64 12.00
C ILE A 634 20.99 -38.48 10.55
N ALA A 635 21.86 -38.02 9.66
CA ALA A 635 21.50 -37.94 8.25
C ALA A 635 21.18 -39.33 7.69
N LEU A 636 21.97 -40.34 8.08
CA LEU A 636 21.67 -41.71 7.68
C LEU A 636 20.53 -42.30 8.50
N ASN A 637 20.39 -41.90 9.77
CA ASN A 637 19.28 -42.37 10.58
C ASN A 637 17.95 -41.83 10.05
N GLN A 638 17.95 -40.58 9.57
CA GLN A 638 16.75 -40.03 8.95
C GLN A 638 16.34 -40.83 7.73
N LEU A 639 17.31 -41.26 6.93
CA LEU A 639 17.00 -42.00 5.71
C LEU A 639 16.51 -43.41 6.00
N ALA A 640 16.98 -44.02 7.08
CA ALA A 640 16.56 -45.37 7.41
C ALA A 640 15.07 -45.43 7.71
N ALA A 641 14.58 -44.52 8.56
CA ALA A 641 13.16 -44.49 8.86
C ALA A 641 12.33 -43.96 7.70
N LEU A 642 12.89 -43.05 6.91
CA LEU A 642 12.16 -42.44 5.80
C LEU A 642 11.89 -43.41 4.65
N LEU A 643 12.47 -44.62 4.70
CA LEU A 643 12.35 -45.58 3.61
C LEU A 643 11.29 -46.65 3.86
N GLN A 644 10.59 -46.61 4.99
CA GLN A 644 9.60 -47.63 5.35
C GLN A 644 8.31 -46.93 5.73
N PRO A 645 7.46 -46.64 4.75
CA PRO A 645 6.40 -45.64 4.97
C PRO A 645 5.07 -46.18 5.47
N GLN A 646 4.74 -47.42 5.11
CA GLN A 646 3.45 -48.05 5.47
C GLN A 646 2.31 -47.32 4.75
N GLU A 647 1.10 -47.38 5.28
CA GLU A 647 -0.13 -47.14 4.54
C GLU A 647 -0.61 -45.70 4.61
N ILE A 648 -1.46 -45.34 3.64
CA ILE A 648 -2.10 -44.02 3.54
C ILE A 648 -3.50 -44.09 4.15
N THR A 649 -3.82 -45.23 4.77
CA THR A 649 -5.18 -45.48 5.21
C THR A 649 -5.54 -44.59 6.39
N ARG A 650 -6.82 -44.20 6.44
CA ARG A 650 -7.28 -43.19 7.39
C ARG A 650 -7.01 -43.61 8.84
N ASP A 651 -7.27 -44.86 9.19
CA ASP A 651 -7.20 -45.28 10.58
C ASP A 651 -5.78 -45.23 11.15
N THR A 652 -4.76 -45.13 10.29
CA THR A 652 -3.39 -45.05 10.80
C THR A 652 -3.14 -43.75 11.55
N LEU A 653 -3.77 -42.67 11.11
CA LEU A 653 -3.59 -41.34 11.69
C LEU A 653 -3.71 -41.40 13.22
N PRO A 654 -2.70 -40.93 13.95
CA PRO A 654 -2.66 -41.12 15.40
C PRO A 654 -3.84 -40.46 16.10
N PRO A 655 -4.09 -40.80 17.36
CA PRO A 655 -5.23 -40.22 18.09
C PRO A 655 -5.25 -38.70 18.08
N PRO A 656 -4.15 -38.01 18.44
CA PRO A 656 -4.26 -36.55 18.57
C PRO A 656 -4.52 -35.84 17.25
N LEU A 657 -3.97 -36.33 16.14
CA LEU A 657 -4.22 -35.71 14.84
C LEU A 657 -5.70 -35.70 14.50
N VAL A 658 -6.43 -36.74 14.92
CA VAL A 658 -7.88 -36.76 14.70
C VAL A 658 -8.58 -35.76 15.63
N ARG A 659 -8.01 -35.52 16.81
CA ARG A 659 -8.71 -34.73 17.81
C ARG A 659 -8.67 -33.23 17.48
N ASP A 660 -7.50 -32.69 17.15
CA ASP A 660 -7.35 -31.26 16.94
C ASP A 660 -7.40 -30.87 15.46
N TRP A 661 -7.84 -31.76 14.57
CA TRP A 661 -8.07 -31.40 13.18
C TRP A 661 -9.52 -31.58 12.75
N VAL A 662 -10.10 -32.75 13.00
CA VAL A 662 -11.55 -32.90 12.95
C VAL A 662 -12.04 -32.78 14.38
N ALA A 663 -13.35 -32.79 14.60
CA ALA A 663 -13.91 -32.60 15.93
C ALA A 663 -14.56 -33.88 16.44
N PRO A 664 -14.71 -34.00 17.76
CA PRO A 664 -15.49 -35.14 18.29
C PRO A 664 -16.92 -35.16 17.80
N ASP A 665 -17.56 -33.99 17.68
CA ASP A 665 -18.88 -33.93 17.08
C ASP A 665 -18.85 -34.28 15.60
N GLY A 666 -17.68 -34.22 14.97
CA GLY A 666 -17.55 -34.38 13.54
C GLY A 666 -17.28 -33.09 12.79
N LYS A 667 -17.22 -31.96 13.49
CA LYS A 667 -17.01 -30.65 12.86
C LYS A 667 -15.58 -30.56 12.34
N ALA A 668 -15.40 -30.76 11.04
CA ALA A 668 -14.08 -30.63 10.46
C ALA A 668 -13.69 -29.16 10.36
N LEU A 669 -12.40 -28.88 10.59
CA LEU A 669 -11.87 -27.53 10.57
C LEU A 669 -10.94 -27.35 9.38
N VAL A 670 -11.00 -26.17 8.77
CA VAL A 670 -10.12 -25.80 7.67
C VAL A 670 -9.21 -24.67 8.13
N GLN A 671 -7.91 -24.85 7.94
CA GLN A 671 -6.93 -23.79 8.17
C GLN A 671 -6.35 -23.38 6.83
N ILE A 672 -6.41 -22.08 6.55
CA ILE A 672 -6.07 -21.53 5.23
C ILE A 672 -4.82 -20.66 5.39
N SER A 673 -3.70 -21.13 4.87
CA SER A 673 -2.49 -20.31 4.82
C SER A 673 -2.46 -19.52 3.53
N PRO A 674 -2.32 -18.19 3.59
CA PRO A 674 -2.45 -17.37 2.38
C PRO A 674 -1.39 -17.71 1.35
N LYS A 675 -1.75 -17.60 0.09
CA LYS A 675 -0.75 -17.71 -0.98
C LYS A 675 0.13 -16.47 -0.93
N VAL A 676 1.29 -16.61 -0.31
CA VAL A 676 2.27 -15.53 -0.23
C VAL A 676 3.14 -15.62 -1.49
N PRO A 677 3.10 -14.63 -2.37
CA PRO A 677 4.08 -14.59 -3.46
C PRO A 677 5.49 -14.51 -2.86
N LYS A 678 6.40 -15.29 -3.45
CA LYS A 678 7.72 -15.49 -2.83
C LYS A 678 8.46 -14.18 -2.60
N GLY A 679 8.14 -13.13 -3.35
CA GLY A 679 8.79 -11.85 -3.16
C GLY A 679 8.26 -11.06 -1.97
N VAL A 680 6.96 -11.15 -1.71
CA VAL A 680 6.32 -10.36 -0.66
C VAL A 680 6.57 -11.01 0.69
N ASP A 681 6.90 -10.18 1.68
CA ASP A 681 7.06 -10.67 3.04
C ASP A 681 5.74 -11.24 3.54
N PRO A 682 5.74 -12.46 4.11
CA PRO A 682 4.47 -13.04 4.60
C PRO A 682 3.70 -12.12 5.53
N ASN A 683 4.37 -11.42 6.45
CA ASN A 683 3.69 -10.44 7.30
C ASN A 683 3.59 -9.10 6.55
N ASP A 684 2.79 -9.12 5.49
CA ASP A 684 2.55 -7.93 4.67
C ASP A 684 1.20 -7.34 5.04
N ASP A 685 1.16 -6.02 5.20
CA ASP A 685 -0.07 -5.37 5.67
C ASP A 685 -1.18 -5.48 4.62
N THR A 686 -0.93 -5.00 3.41
CA THR A 686 -2.00 -4.88 2.42
C THR A 686 -2.50 -6.25 1.94
N MET A 687 -1.59 -7.21 1.75
CA MET A 687 -1.99 -8.45 1.11
C MET A 687 -2.58 -9.46 2.09
N LEU A 688 -2.19 -9.39 3.37
CA LEU A 688 -2.89 -10.19 4.38
C LEU A 688 -4.32 -9.71 4.57
N ARG A 689 -4.54 -8.40 4.46
CA ARG A 689 -5.91 -7.88 4.52
C ARG A 689 -6.68 -8.20 3.25
N HIS A 690 -5.98 -8.32 2.12
CA HIS A 690 -6.63 -8.82 0.91
C HIS A 690 -7.02 -10.28 1.06
N PHE A 691 -6.14 -11.09 1.65
CA PHE A 691 -6.43 -12.50 1.87
C PHE A 691 -7.59 -12.68 2.84
N ALA A 692 -7.72 -11.80 3.84
CA ALA A 692 -8.77 -11.96 4.84
C ALA A 692 -10.14 -11.63 4.27
N THR A 693 -10.22 -10.61 3.41
CA THR A 693 -11.52 -10.22 2.87
C THR A 693 -12.02 -11.23 1.84
N ALA A 694 -11.11 -11.80 1.04
CA ALA A 694 -11.52 -12.76 0.03
C ALA A 694 -12.02 -14.05 0.66
N VAL A 695 -11.35 -14.52 1.71
CA VAL A 695 -11.78 -15.75 2.36
C VAL A 695 -13.08 -15.53 3.12
N LYS A 696 -13.21 -14.39 3.81
CA LYS A 696 -14.42 -14.10 4.56
C LYS A 696 -15.63 -13.89 3.65
N ALA A 697 -15.41 -13.31 2.46
CA ALA A 697 -16.53 -13.05 1.56
C ALA A 697 -17.04 -14.35 0.93
N ALA A 698 -16.14 -15.21 0.48
CA ALA A 698 -16.55 -16.45 -0.17
C ALA A 698 -17.24 -17.39 0.83
N GLU A 699 -16.59 -17.66 1.95
CA GLU A 699 -17.16 -18.48 3.02
C GLU A 699 -17.18 -17.68 4.31
N PRO A 700 -18.35 -17.19 4.74
CA PRO A 700 -18.38 -16.29 5.91
C PRO A 700 -17.97 -16.95 7.22
N GLY A 701 -18.14 -18.27 7.35
CA GLY A 701 -17.80 -18.94 8.59
C GLY A 701 -16.34 -18.90 8.98
N ALA A 702 -15.49 -18.26 8.18
CA ALA A 702 -14.05 -18.24 8.44
C ALA A 702 -13.70 -17.15 9.43
N ILE A 703 -12.89 -17.51 10.44
CA ILE A 703 -12.41 -16.57 11.45
C ILE A 703 -11.07 -17.12 11.94
N GLY A 704 -10.41 -16.40 12.84
CA GLY A 704 -9.24 -16.96 13.50
C GLY A 704 -7.99 -16.11 13.47
N GLY A 705 -7.56 -15.70 12.28
CA GLY A 705 -6.31 -15.00 12.13
C GLY A 705 -6.46 -13.62 11.51
N PRO A 706 -6.06 -13.49 10.25
CA PRO A 706 -6.17 -12.18 9.59
C PRO A 706 -7.57 -11.59 9.60
N ILE A 707 -8.62 -12.41 9.51
CA ILE A 707 -9.98 -11.89 9.55
C ILE A 707 -10.28 -11.27 10.91
N SER A 708 -9.90 -11.97 11.99
CA SER A 708 -10.12 -11.43 13.33
C SER A 708 -9.31 -10.16 13.54
N ILE A 709 -8.06 -10.14 13.09
CA ILE A 709 -7.24 -8.94 13.22
C ILE A 709 -7.77 -7.82 12.33
N LEU A 710 -8.25 -8.17 11.14
CA LEU A 710 -8.79 -7.15 10.23
C LEU A 710 -10.07 -6.54 10.78
N HIS A 711 -10.99 -7.37 11.26
CA HIS A 711 -12.27 -6.85 11.76
C HIS A 711 -12.12 -6.17 13.10
N SER A 712 -11.23 -6.66 13.97
CA SER A 712 -11.03 -6.02 15.26
C SER A 712 -10.50 -4.61 15.12
N ALA A 713 -9.96 -4.26 13.95
CA ALA A 713 -9.56 -2.88 13.70
C ALA A 713 -10.74 -2.04 13.25
N ASN A 714 -11.63 -2.60 12.42
CA ASN A 714 -12.77 -1.86 11.93
C ASN A 714 -13.69 -1.41 13.06
N THR A 715 -13.78 -2.20 14.13
CA THR A 715 -14.55 -1.78 15.30
C THR A 715 -13.80 -0.75 16.14
N ILE A 716 -12.47 -0.77 16.10
CA ILE A 716 -11.70 0.24 16.80
C ILE A 716 -11.77 1.57 16.05
N ILE A 717 -11.78 1.53 14.73
CA ILE A 717 -11.95 2.75 13.94
C ILE A 717 -13.33 3.34 14.15
N SER A 718 -14.35 2.48 14.26
CA SER A 718 -15.71 2.97 14.49
C SER A 718 -15.84 3.59 15.88
N ALA A 719 -15.16 3.02 16.87
CA ALA A 719 -15.20 3.58 18.22
C ALA A 719 -14.40 4.87 18.31
N PHE A 720 -13.26 4.93 17.62
CA PHE A 720 -12.44 6.14 17.61
C PHE A 720 -13.16 7.28 16.91
N LEU A 721 -13.80 7.00 15.77
CA LEU A 721 -14.47 8.07 15.04
C LEU A 721 -15.71 8.57 15.77
N HIS A 722 -16.41 7.68 16.48
CA HIS A 722 -17.55 8.12 17.28
C HIS A 722 -17.12 9.05 18.41
N ALA A 723 -16.04 8.68 19.11
CA ALA A 723 -15.61 9.46 20.27
C ALA A 723 -15.22 10.88 19.86
N ALA A 724 -14.59 11.03 18.69
CA ALA A 724 -14.24 12.36 18.22
C ALA A 724 -15.49 13.19 17.95
N LEU A 725 -16.55 12.56 17.46
CA LEU A 725 -17.82 13.26 17.27
C LEU A 725 -18.54 13.46 18.59
N TRP A 726 -18.50 12.47 19.48
CA TRP A 726 -19.20 12.58 20.75
C TRP A 726 -18.53 13.55 21.71
N SER A 727 -17.22 13.81 21.54
CA SER A 727 -16.54 14.69 22.46
C SER A 727 -16.99 16.14 22.30
N ILE A 728 -17.04 16.63 21.06
CA ILE A 728 -17.33 18.04 20.83
C ILE A 728 -18.80 18.34 21.09
N ILE A 729 -19.70 17.45 20.67
CA ILE A 729 -21.12 17.64 20.97
C ILE A 729 -21.33 17.73 22.48
N SER A 730 -20.61 16.90 23.24
CA SER A 730 -20.62 17.05 24.69
C SER A 730 -19.98 18.35 25.12
N ILE A 731 -18.92 18.78 24.40
CA ILE A 731 -18.19 19.98 24.77
C ILE A 731 -18.92 21.24 24.28
N THR A 732 -19.41 21.22 23.05
CA THR A 732 -20.09 22.40 22.51
C THR A 732 -21.36 22.73 23.28
N ILE A 733 -22.16 21.71 23.60
CA ILE A 733 -23.35 21.93 24.43
C ILE A 733 -22.94 22.38 25.82
N LEU A 734 -21.84 21.84 26.34
CA LEU A 734 -21.35 22.25 27.65
C LEU A 734 -20.88 23.70 27.64
N LEU A 735 -20.22 24.12 26.56
CA LEU A 735 -19.84 25.53 26.44
C LEU A 735 -21.07 26.42 26.30
N TRP A 736 -22.05 26.00 25.50
CA TRP A 736 -23.32 26.71 25.40
C TRP A 736 -23.90 27.01 26.78
N ILE A 737 -23.88 26.02 27.67
CA ILE A 737 -24.59 26.13 28.94
C ILE A 737 -23.81 27.01 29.92
N THR A 738 -22.52 26.75 30.08
CA THR A 738 -21.73 27.50 31.07
C THR A 738 -21.63 28.96 30.68
N LEU A 739 -21.06 29.24 29.52
CA LEU A 739 -21.04 30.59 28.95
C LEU A 739 -22.13 30.66 27.89
N ARG A 740 -23.21 31.39 28.17
CA ARG A 740 -24.33 31.42 27.25
C ARG A 740 -24.09 32.33 26.05
N ARG A 741 -23.03 33.13 26.07
CA ARG A 741 -22.66 33.94 24.90
C ARG A 741 -22.11 33.02 23.82
N PHE A 742 -22.81 32.93 22.69
CA PHE A 742 -22.31 32.12 21.58
C PHE A 742 -21.03 32.72 21.02
N GLY A 743 -20.85 34.04 21.17
CA GLY A 743 -19.57 34.66 20.90
C GLY A 743 -18.46 34.19 21.82
N ASP A 744 -18.81 33.47 22.88
CA ASP A 744 -17.82 32.79 23.72
C ASP A 744 -17.75 31.29 23.44
N VAL A 745 -18.78 30.71 22.83
CA VAL A 745 -18.69 29.33 22.36
C VAL A 745 -17.81 29.25 21.12
N LEU A 746 -18.10 30.08 20.12
CA LEU A 746 -17.25 30.16 18.94
C LEU A 746 -15.87 30.69 19.28
N ARG A 747 -15.76 31.48 20.35
CA ARG A 747 -14.48 32.06 20.73
C ARG A 747 -13.45 30.97 21.03
N THR A 748 -13.88 29.87 21.64
CA THR A 748 -13.00 28.77 21.99
C THR A 748 -13.13 27.58 21.03
N LEU A 749 -14.02 27.66 20.05
CA LEU A 749 -14.22 26.57 19.10
C LEU A 749 -13.39 26.74 17.83
N VAL A 750 -13.25 27.98 17.33
CA VAL A 750 -12.40 28.21 16.17
C VAL A 750 -10.94 27.87 16.46
N PRO A 751 -10.34 28.28 17.58
CA PRO A 751 -8.97 27.83 17.87
C PRO A 751 -8.86 26.32 18.06
N LEU A 752 -9.94 25.66 18.49
CA LEU A 752 -9.94 24.20 18.50
C LEU A 752 -9.77 23.64 17.10
N LEU A 753 -10.58 24.14 16.16
CA LEU A 753 -10.44 23.71 14.76
C LEU A 753 -9.05 24.02 14.23
N VAL A 754 -8.51 25.20 14.54
CA VAL A 754 -7.18 25.56 14.07
C VAL A 754 -6.12 24.65 14.69
N SER A 755 -6.11 24.56 16.03
CA SER A 755 -5.14 23.70 16.71
C SER A 755 -5.35 22.24 16.34
N GLY A 756 -6.54 21.85 15.92
CA GLY A 756 -6.77 20.47 15.52
C GLY A 756 -6.12 20.12 14.19
N ILE A 757 -6.02 21.08 13.28
CA ILE A 757 -5.41 20.82 11.99
C ILE A 757 -3.88 20.81 12.09
N VAL A 758 -3.32 21.78 12.82
CA VAL A 758 -1.87 21.96 12.84
C VAL A 758 -1.18 20.72 13.41
N THR A 759 -1.84 19.99 14.30
CA THR A 759 -1.29 18.73 14.77
C THR A 759 -1.23 17.70 13.64
N LEU A 760 -2.30 17.60 12.86
CA LEU A 760 -2.29 16.69 11.71
C LEU A 760 -1.28 17.13 10.66
N GLU A 761 -1.18 18.45 10.43
CA GLU A 761 -0.20 18.94 9.46
C GLU A 761 1.22 18.71 9.93
N MET A 762 1.45 18.77 11.25
CA MET A 762 2.77 18.41 11.77
C MET A 762 3.03 16.92 11.67
N CYS A 763 1.97 16.10 11.74
CA CYS A 763 2.13 14.66 11.58
C CYS A 763 2.62 14.30 10.19
N VAL A 764 2.49 15.20 9.22
CA VAL A 764 3.04 14.99 7.89
C VAL A 764 4.47 15.53 7.80
N VAL A 765 4.71 16.70 8.40
CA VAL A 765 6.06 17.27 8.40
C VAL A 765 7.01 16.39 9.20
N LEU A 766 6.62 16.06 10.44
CA LEU A 766 7.45 15.17 11.24
C LEU A 766 7.40 13.74 10.72
N GLY A 767 6.34 13.37 10.02
CA GLY A 767 6.20 12.03 9.47
C GLY A 767 5.53 11.03 10.36
N MET A 768 4.77 11.48 11.36
CA MET A 768 4.12 10.56 12.28
C MET A 768 2.99 9.81 11.61
N SER A 769 2.93 8.50 11.86
CA SER A 769 1.77 7.70 11.51
C SER A 769 0.76 7.75 12.65
N LEU A 770 -0.49 7.40 12.34
CA LEU A 770 -1.62 7.63 13.23
C LEU A 770 -2.28 6.31 13.57
N ASN A 771 -1.58 5.41 14.28
CA ASN A 771 -2.11 4.08 14.57
C ASN A 771 -3.25 4.11 15.59
N PHE A 772 -3.43 3.01 16.33
CA PHE A 772 -4.57 2.89 17.24
C PHE A 772 -4.34 3.65 18.54
N ALA A 773 -3.25 3.31 19.24
CA ALA A 773 -2.93 4.04 20.47
C ALA A 773 -2.50 5.47 20.17
N ASN A 774 -1.88 5.70 19.01
CA ASN A 774 -1.52 7.04 18.59
C ASN A 774 -2.73 7.94 18.41
N ILE A 775 -3.94 7.37 18.31
CA ILE A 775 -5.10 8.12 17.84
C ILE A 775 -6.04 8.50 18.98
N ILE A 776 -5.87 7.92 20.17
CA ILE A 776 -6.69 8.28 21.33
C ILE A 776 -6.56 9.77 21.64
N ALA A 777 -5.41 10.37 21.31
CA ALA A 777 -5.18 11.77 21.62
C ALA A 777 -6.08 12.70 20.83
N LEU A 778 -6.61 12.27 19.68
CA LEU A 778 -7.46 13.17 18.90
C LEU A 778 -8.77 13.48 19.62
N PRO A 779 -9.58 12.52 20.07
CA PRO A 779 -10.79 12.89 20.81
C PRO A 779 -10.50 13.40 22.21
N LEU A 780 -9.42 12.95 22.84
CA LEU A 780 -9.14 13.37 24.21
C LEU A 780 -8.62 14.80 24.27
N MET A 781 -7.94 15.27 23.23
CA MET A 781 -7.40 16.62 23.22
C MET A 781 -8.45 17.70 23.01
N LEU A 782 -9.68 17.31 22.68
CA LEU A 782 -10.75 18.30 22.58
C LEU A 782 -11.08 18.88 23.95
N GLY A 783 -10.97 18.08 25.01
CA GLY A 783 -11.18 18.60 26.35
C GLY A 783 -10.03 19.49 26.80
N VAL A 784 -8.80 19.04 26.60
CA VAL A 784 -7.64 19.86 26.96
C VAL A 784 -7.61 21.14 26.15
N GLY A 785 -8.11 21.08 24.91
CA GLY A 785 -8.15 22.29 24.09
C GLY A 785 -9.03 23.36 24.70
N VAL A 786 -10.23 22.98 25.14
CA VAL A 786 -11.12 23.95 25.80
C VAL A 786 -10.73 24.17 27.26
N ALA A 787 -9.97 23.25 27.87
CA ALA A 787 -9.59 23.42 29.26
C ALA A 787 -8.46 24.43 29.42
N PHE A 788 -7.52 24.47 28.48
CA PHE A 788 -6.44 25.44 28.57
C PHE A 788 -6.87 26.82 28.09
N LYS A 789 -7.82 26.89 27.15
CA LYS A 789 -8.43 28.18 26.84
C LYS A 789 -9.25 28.71 28.01
N VAL A 790 -9.59 27.85 28.98
CA VAL A 790 -10.13 28.33 30.25
C VAL A 790 -9.01 28.88 31.12
N TYR A 791 -7.89 28.17 31.20
CA TYR A 791 -6.77 28.63 32.02
C TYR A 791 -6.10 29.84 31.41
N PHE A 792 -5.87 29.83 30.09
CA PHE A 792 -5.19 30.94 29.43
C PHE A 792 -5.99 32.23 29.55
N VAL A 793 -7.32 32.14 29.49
CA VAL A 793 -8.12 33.36 29.45
C VAL A 793 -8.17 34.04 30.81
N MET A 794 -8.01 33.28 31.90
CA MET A 794 -8.00 33.88 33.22
C MET A 794 -6.69 34.61 33.48
N ALA A 795 -5.58 34.04 33.02
CA ALA A 795 -4.31 34.74 33.06
C ALA A 795 -4.33 36.00 32.21
N TRP A 796 -5.24 36.08 31.24
CA TRP A 796 -5.29 37.22 30.34
C TRP A 796 -6.51 38.10 30.63
N ARG A 797 -6.72 38.40 31.91
CA ARG A 797 -7.71 39.38 32.33
C ARG A 797 -7.03 40.67 32.78
N ALA A 798 -6.18 40.60 33.81
CA ALA A 798 -5.43 41.76 34.25
C ALA A 798 -4.23 42.03 33.35
N GLY A 799 -3.56 40.98 32.90
CA GLY A 799 -2.41 41.12 32.04
C GLY A 799 -2.69 40.77 30.59
N GLN A 800 -3.52 41.57 29.93
CA GLN A 800 -3.80 41.33 28.52
C GLN A 800 -2.60 41.68 27.65
N THR A 801 -1.79 42.64 28.07
CA THR A 801 -0.49 42.89 27.48
C THR A 801 0.59 42.26 28.35
N GLY A 802 1.67 41.83 27.71
CA GLY A 802 2.66 41.03 28.40
C GLY A 802 2.08 39.68 28.78
N LEU A 803 1.50 39.00 27.79
CA LEU A 803 0.77 37.77 28.05
C LEU A 803 1.67 36.55 28.22
N LEU A 804 2.91 36.61 27.72
CA LEU A 804 3.87 35.57 28.07
C LEU A 804 4.24 35.65 29.54
N HIS A 805 4.40 36.86 30.08
CA HIS A 805 4.50 37.03 31.52
C HIS A 805 3.26 36.47 32.21
N SER A 806 2.09 37.01 31.87
CA SER A 806 0.88 36.73 32.62
C SER A 806 0.55 35.24 32.65
N SER A 807 0.66 34.58 31.50
CA SER A 807 0.33 33.15 31.44
C SER A 807 1.17 32.35 32.43
N LEU A 808 2.45 32.72 32.58
CA LEU A 808 3.32 31.98 33.50
C LEU A 808 3.00 32.32 34.95
N THR A 809 2.94 33.61 35.28
CA THR A 809 2.77 34.01 36.68
C THR A 809 1.34 33.83 37.18
N HIS A 810 0.35 33.80 36.29
CA HIS A 810 -1.04 33.71 36.72
C HIS A 810 -1.58 32.29 36.76
N ALA A 811 -0.76 31.28 36.40
CA ALA A 811 -0.91 29.84 36.68
C ALA A 811 -0.57 28.94 35.50
N VAL A 812 -0.81 29.41 34.27
CA VAL A 812 -1.04 28.51 33.15
C VAL A 812 0.21 27.67 32.83
N LEU A 813 1.39 28.30 32.81
CA LEU A 813 2.57 27.59 32.34
C LEU A 813 3.00 26.50 33.31
N PHE A 814 2.92 26.77 34.62
CA PHE A 814 3.16 25.71 35.59
C PHE A 814 2.10 24.63 35.54
N SER A 815 0.90 24.96 35.06
CA SER A 815 -0.12 23.95 34.86
C SER A 815 0.23 23.04 33.68
N ALA A 816 0.63 23.65 32.55
CA ALA A 816 1.00 22.85 31.38
C ALA A 816 2.21 21.95 31.69
N ALA A 817 3.14 22.45 32.50
CA ALA A 817 4.31 21.67 32.86
C ALA A 817 3.93 20.41 33.63
N THR A 818 2.77 20.40 34.29
CA THR A 818 2.28 19.17 34.90
C THR A 818 1.64 18.25 33.86
N THR A 819 0.97 18.83 32.86
CA THR A 819 0.38 18.04 31.80
C THR A 819 1.43 17.51 30.84
N ALA A 820 2.38 18.36 30.45
CA ALA A 820 3.42 17.94 29.52
C ALA A 820 4.30 16.86 30.13
N THR A 821 4.62 16.99 31.42
CA THR A 821 5.40 15.95 32.10
C THR A 821 4.62 14.64 32.16
N ALA A 822 3.31 14.72 32.39
CA ALA A 822 2.50 13.51 32.44
C ALA A 822 2.50 12.80 31.09
N PHE A 823 2.38 13.55 29.99
CA PHE A 823 2.43 12.93 28.67
C PHE A 823 3.81 12.39 28.35
N GLY A 824 4.86 12.97 28.95
CA GLY A 824 6.20 12.46 28.74
C GLY A 824 6.41 11.08 29.33
N SER A 825 5.73 10.79 30.45
CA SER A 825 5.87 9.47 31.08
C SER A 825 5.25 8.38 30.22
N LEU A 826 4.17 8.69 29.50
CA LEU A 826 3.64 7.73 28.52
C LEU A 826 4.60 7.57 27.36
N TRP A 827 5.25 8.66 26.95
CA TRP A 827 6.18 8.62 25.83
C TRP A 827 7.34 7.66 26.08
N LEU A 828 7.75 7.51 27.35
CA LEU A 828 8.97 6.78 27.67
C LEU A 828 8.75 5.29 27.88
N SER A 829 7.51 4.81 27.90
CA SER A 829 7.29 3.37 28.03
C SER A 829 7.80 2.65 26.79
N HIS A 830 7.97 1.33 26.93
CA HIS A 830 8.49 0.55 25.81
C HIS A 830 7.42 0.28 24.77
N HIS A 831 6.26 -0.21 25.21
CA HIS A 831 5.13 -0.55 24.36
C HIS A 831 4.67 0.64 23.54
N PRO A 832 4.82 0.62 22.21
CA PRO A 832 4.31 1.74 21.39
C PRO A 832 2.81 1.93 21.52
N GLY A 833 2.08 0.91 21.93
CA GLY A 833 0.68 1.07 22.30
C GLY A 833 0.44 1.90 23.53
N THR A 834 1.52 2.35 24.18
CA THR A 834 1.46 3.35 25.23
C THR A 834 2.54 4.40 25.07
N SER A 835 3.51 4.19 24.18
CA SER A 835 4.62 5.12 23.98
C SER A 835 4.39 6.09 22.82
N SER A 836 3.54 5.75 21.86
CA SER A 836 3.18 6.68 20.80
C SER A 836 1.99 7.54 21.18
N MET A 837 1.13 7.05 22.08
CA MET A 837 0.04 7.87 22.59
C MET A 837 0.58 9.09 23.34
N GLY A 838 1.70 8.91 24.06
CA GLY A 838 2.34 10.02 24.72
C GLY A 838 3.02 11.00 23.76
N LYS A 839 3.40 10.53 22.58
CA LYS A 839 4.05 11.42 21.62
C LYS A 839 3.02 12.31 20.91
N LEU A 840 1.85 11.77 20.58
CA LEU A 840 0.83 12.58 19.93
C LEU A 840 0.22 13.57 20.92
N LEU A 841 -0.02 13.13 22.16
CA LEU A 841 -0.57 14.02 23.18
C LEU A 841 0.33 15.23 23.38
N ALA A 842 1.60 15.00 23.72
CA ALA A 842 2.52 16.11 23.95
C ALA A 842 2.64 17.01 22.73
N LEU A 843 2.57 16.43 21.53
CA LEU A 843 2.65 17.24 20.31
C LEU A 843 1.33 17.93 20.01
N ALA A 844 0.21 17.38 20.47
CA ALA A 844 -1.06 18.09 20.36
C ALA A 844 -1.19 19.15 21.45
N LEU A 845 -0.50 18.98 22.57
CA LEU A 845 -0.52 19.99 23.62
C LEU A 845 0.27 21.23 23.22
N THR A 846 1.35 21.05 22.46
CA THR A 846 2.15 22.20 22.05
C THR A 846 1.42 23.09 21.04
N CYS A 847 0.34 22.61 20.44
CA CYS A 847 -0.44 23.40 19.49
C CYS A 847 -1.59 24.14 20.15
N THR A 848 -1.78 23.98 21.46
CA THR A 848 -2.64 24.86 22.23
C THR A 848 -1.87 25.74 23.21
N LEU A 849 -0.70 25.29 23.67
CA LEU A 849 0.16 26.17 24.44
C LEU A 849 0.72 27.28 23.57
N ILE A 850 1.04 26.97 22.31
CA ILE A 850 1.46 27.98 21.35
C ILE A 850 0.27 28.52 20.56
N GLY A 851 -0.69 27.65 20.24
CA GLY A 851 -1.84 28.10 19.48
C GLY A 851 -2.66 29.14 20.20
N ALA A 852 -2.79 29.02 21.53
CA ALA A 852 -3.54 30.01 22.29
C ALA A 852 -2.78 31.32 22.40
N VAL A 853 -1.48 31.25 22.67
CA VAL A 853 -0.66 32.45 22.75
C VAL A 853 -0.67 33.20 21.43
N VAL A 854 -0.59 32.47 20.32
CA VAL A 854 -0.62 33.10 19.00
C VAL A 854 -2.01 33.67 18.73
N PHE A 855 -3.05 32.87 18.96
CA PHE A 855 -4.43 33.30 18.73
C PHE A 855 -5.02 34.01 19.94
N GLN A 856 -4.21 34.83 20.62
CA GLN A 856 -4.71 35.62 21.73
C GLN A 856 -5.84 36.57 21.34
N PRO A 857 -5.81 37.28 20.20
CA PRO A 857 -6.95 38.13 19.85
C PRO A 857 -8.25 37.37 19.67
N VAL A 858 -8.20 36.15 19.12
CA VAL A 858 -9.42 35.37 18.93
C VAL A 858 -9.93 34.84 20.25
N LEU A 859 -9.04 34.51 21.18
CA LEU A 859 -9.45 34.03 22.50
C LEU A 859 -10.13 35.15 23.28
N MET A 860 -9.34 35.90 24.05
CA MET A 860 -9.83 37.06 24.79
C MET A 860 -8.67 37.80 25.45
N VAL B 2 -7.69 53.59 -5.69
CA VAL B 2 -8.15 52.49 -6.54
C VAL B 2 -9.58 52.75 -7.00
N THR B 3 -10.42 53.23 -6.08
CA THR B 3 -11.83 53.45 -6.38
C THR B 3 -12.01 54.51 -7.46
N SER B 4 -11.33 55.65 -7.30
CA SER B 4 -11.47 56.73 -8.27
C SER B 4 -10.93 56.32 -9.63
N LEU B 5 -9.87 55.51 -9.67
CA LEU B 5 -9.31 55.07 -10.94
C LEU B 5 -10.32 54.24 -11.72
N ILE B 6 -11.12 53.43 -11.02
CA ILE B 6 -12.15 52.65 -11.70
C ILE B 6 -13.24 53.55 -12.24
N VAL B 7 -13.59 54.61 -11.50
CA VAL B 7 -14.65 55.50 -11.93
C VAL B 7 -14.20 56.32 -13.14
N ARG B 8 -12.94 56.78 -13.14
CA ARG B 8 -12.41 57.49 -14.29
C ARG B 8 -12.42 56.61 -15.53
N LEU B 9 -11.95 55.37 -15.38
CA LEU B 9 -11.82 54.47 -16.53
C LEU B 9 -13.17 54.13 -17.14
N VAL B 10 -14.23 54.10 -16.34
CA VAL B 10 -15.56 53.88 -16.90
C VAL B 10 -16.14 55.17 -17.44
N ALA B 11 -15.97 56.29 -16.70
CA ALA B 11 -16.51 57.57 -17.16
C ALA B 11 -15.97 57.94 -18.54
N TRP B 12 -14.71 57.59 -18.84
CA TRP B 12 -14.21 57.74 -20.19
C TRP B 12 -14.96 56.83 -21.14
N SER B 13 -15.15 55.56 -20.77
CA SER B 13 -15.85 54.62 -21.62
C SER B 13 -17.28 55.06 -21.90
N VAL B 14 -17.92 55.71 -20.93
CA VAL B 14 -19.26 56.25 -21.18
C VAL B 14 -19.20 57.55 -21.95
N ARG B 15 -18.08 58.29 -21.85
CA ARG B 15 -17.95 59.55 -22.57
C ARG B 15 -17.86 59.31 -24.07
N ARG B 16 -17.02 58.37 -24.49
CA ARG B 16 -16.82 58.04 -25.91
C ARG B 16 -17.21 56.59 -26.13
N PRO B 17 -18.52 56.31 -26.29
CA PRO B 17 -18.97 54.92 -26.41
C PRO B 17 -18.57 54.27 -27.73
N VAL B 18 -18.92 54.92 -28.84
CA VAL B 18 -18.60 54.36 -30.16
C VAL B 18 -17.10 54.26 -30.35
N TRP B 19 -16.34 55.20 -29.79
CA TRP B 19 -14.89 55.13 -29.88
C TRP B 19 -14.33 53.86 -29.26
N VAL B 20 -14.98 53.36 -28.20
CA VAL B 20 -14.51 52.14 -27.56
C VAL B 20 -14.85 50.92 -28.42
N VAL B 21 -16.05 50.92 -29.03
CA VAL B 21 -16.50 49.75 -29.79
C VAL B 21 -15.63 49.54 -31.03
N VAL B 22 -15.39 50.61 -31.79
CA VAL B 22 -14.55 50.49 -32.98
C VAL B 22 -13.09 50.23 -32.60
N LEU B 23 -12.68 50.64 -31.39
CA LEU B 23 -11.35 50.29 -30.92
C LEU B 23 -11.27 48.84 -30.45
N SER B 24 -12.36 48.35 -29.84
CA SER B 24 -12.38 46.97 -29.36
C SER B 24 -12.46 45.98 -30.53
N LEU B 25 -13.35 46.23 -31.48
CA LEU B 25 -13.49 45.32 -32.62
C LEU B 25 -12.23 45.30 -33.48
N LEU B 26 -11.50 46.41 -33.54
CA LEU B 26 -10.22 46.40 -34.24
C LEU B 26 -9.20 45.55 -33.49
N ILE B 27 -9.13 45.70 -32.17
CA ILE B 27 -8.27 44.82 -31.37
C ILE B 27 -8.79 43.39 -31.41
N ALA B 28 -10.11 43.22 -31.43
CA ALA B 28 -10.68 41.89 -31.59
C ALA B 28 -10.32 41.29 -32.94
N ALA B 29 -10.20 42.13 -33.98
CA ALA B 29 -9.79 41.64 -35.28
C ALA B 29 -8.32 41.23 -35.28
N PHE B 30 -7.45 42.09 -34.72
CA PHE B 30 -6.04 41.75 -34.65
C PHE B 30 -5.80 40.54 -33.75
N SER B 31 -6.56 40.43 -32.65
CA SER B 31 -6.43 39.26 -31.81
C SER B 31 -6.87 38.00 -32.55
N GLY B 32 -7.97 38.08 -33.30
CA GLY B 32 -8.35 36.96 -34.14
C GLY B 32 -7.32 36.66 -35.21
N VAL B 33 -6.71 37.70 -35.77
CA VAL B 33 -5.61 37.51 -36.71
C VAL B 33 -4.41 36.94 -35.98
N TYR B 34 -4.11 37.45 -34.78
CA TYR B 34 -2.95 36.97 -34.02
C TYR B 34 -3.13 35.53 -33.58
N VAL B 35 -4.36 35.10 -33.29
CA VAL B 35 -4.59 33.73 -32.85
C VAL B 35 -4.23 32.75 -33.96
N ALA B 36 -4.76 32.99 -35.17
CA ALA B 36 -4.63 32.01 -36.24
C ALA B 36 -3.20 31.93 -36.78
N ARG B 37 -2.45 33.03 -36.75
CA ARG B 37 -1.13 33.05 -37.37
C ARG B 37 -0.08 32.27 -36.56
N HIS B 38 -0.36 31.94 -35.31
CA HIS B 38 0.54 31.06 -34.56
C HIS B 38 -0.22 30.15 -33.60
N PHE B 39 -1.44 29.78 -33.96
CA PHE B 39 -2.17 28.77 -33.20
C PHE B 39 -1.48 27.42 -33.35
N LYS B 40 -1.27 26.74 -32.22
CA LYS B 40 -0.60 25.45 -32.24
C LYS B 40 -1.03 24.64 -31.02
N ILE B 41 -1.28 23.35 -31.23
CA ILE B 41 -1.57 22.42 -30.16
C ILE B 41 -0.44 21.39 -30.13
N ASN B 42 0.21 21.27 -28.97
CA ASN B 42 1.33 20.35 -28.79
C ASN B 42 0.95 19.29 -27.76
N THR B 43 1.23 18.04 -28.09
CA THR B 43 0.88 16.91 -27.23
C THR B 43 2.11 16.19 -26.68
N ASP B 44 3.25 16.87 -26.60
CA ASP B 44 4.44 16.29 -26.00
C ASP B 44 4.22 16.08 -24.50
N ILE B 45 4.70 14.95 -23.99
CA ILE B 45 4.41 14.57 -22.62
C ILE B 45 5.54 15.01 -21.70
N SER B 46 6.75 15.17 -22.25
CA SER B 46 7.87 15.66 -21.47
C SER B 46 7.84 17.16 -21.26
N LYS B 47 6.93 17.87 -21.94
CA LYS B 47 6.78 19.30 -21.73
C LYS B 47 5.89 19.62 -20.55
N LEU B 48 4.97 18.72 -20.21
CA LEU B 48 4.03 18.93 -19.11
C LEU B 48 4.68 18.74 -17.74
N VAL B 49 6.01 18.65 -17.68
CA VAL B 49 6.75 18.62 -16.42
C VAL B 49 8.20 18.94 -16.76
N ASP B 50 8.86 19.65 -15.84
CA ASP B 50 10.23 20.09 -16.04
C ASP B 50 11.14 19.38 -15.04
N ALA B 51 11.99 18.49 -15.55
CA ALA B 51 13.01 17.85 -14.74
C ALA B 51 14.29 18.68 -14.77
N GLU B 52 15.05 18.60 -13.67
CA GLU B 52 16.29 19.34 -13.50
C GLU B 52 17.32 18.91 -14.55
N PRO B 53 18.40 19.67 -14.75
CA PRO B 53 19.38 19.28 -15.79
C PRO B 53 20.04 17.93 -15.54
N GLN B 54 20.07 17.45 -14.29
CA GLN B 54 20.65 16.14 -14.02
C GLN B 54 19.87 15.05 -14.77
N TRP B 55 18.60 14.87 -14.40
CA TRP B 55 17.76 13.86 -15.04
C TRP B 55 17.67 14.05 -16.54
N ALA B 56 17.73 15.30 -17.01
CA ALA B 56 17.69 15.55 -18.44
C ALA B 56 18.92 15.01 -19.15
N ALA B 57 20.07 14.99 -18.46
CA ALA B 57 21.29 14.47 -19.07
C ALA B 57 21.20 12.96 -19.25
N LEU B 58 20.69 12.24 -18.24
CA LEU B 58 20.56 10.79 -18.36
C LEU B 58 19.55 10.41 -19.43
N SER B 59 18.42 11.11 -19.49
CA SER B 59 17.40 10.78 -20.47
C SER B 59 17.90 11.01 -21.89
N GLN B 60 18.62 12.10 -22.12
CA GLN B 60 19.19 12.36 -23.44
C GLN B 60 20.41 11.51 -23.73
N ALA B 61 21.08 11.00 -22.70
CA ALA B 61 22.21 10.11 -22.93
C ALA B 61 21.76 8.81 -23.58
N VAL B 62 20.75 8.16 -22.99
CA VAL B 62 20.19 6.95 -23.58
C VAL B 62 19.49 7.25 -24.91
N ASP B 63 19.05 8.49 -25.11
CA ASP B 63 18.38 8.86 -26.36
C ASP B 63 19.38 9.23 -27.45
N ARG B 64 20.31 10.14 -27.16
CA ARG B 64 21.26 10.56 -28.19
C ARG B 64 22.16 9.42 -28.64
N ALA B 65 22.47 8.49 -27.73
CA ALA B 65 23.24 7.31 -28.12
C ALA B 65 22.43 6.41 -29.04
N PHE B 66 21.24 6.01 -28.61
CA PHE B 66 20.33 5.18 -29.41
C PHE B 66 19.19 6.07 -29.89
N PRO B 67 19.32 6.76 -31.02
CA PRO B 67 18.29 7.73 -31.42
C PRO B 67 16.94 7.10 -31.74
N GLN B 68 16.90 5.80 -32.00
CA GLN B 68 15.66 5.14 -32.38
C GLN B 68 14.81 4.72 -31.20
N ARG B 69 15.43 4.44 -30.05
CA ARG B 69 14.74 3.78 -28.95
C ARG B 69 13.48 4.53 -28.51
N ASN B 70 13.53 5.87 -28.52
CA ASN B 70 12.37 6.63 -28.09
C ASN B 70 11.22 6.54 -29.08
N GLY B 71 11.52 6.39 -30.37
CA GLY B 71 10.50 6.36 -31.40
C GLY B 71 10.01 5.00 -31.82
N THR B 72 10.54 3.92 -31.24
CA THR B 72 10.15 2.58 -31.67
C THR B 72 8.69 2.32 -31.31
N ILE B 73 7.89 1.97 -32.32
CA ILE B 73 6.54 1.48 -32.09
C ILE B 73 6.61 0.03 -31.59
N LEU B 74 5.56 -0.39 -30.90
CA LEU B 74 5.37 -1.79 -30.52
C LEU B 74 4.01 -2.22 -31.05
N ALA B 75 4.02 -3.12 -32.03
CA ALA B 75 2.80 -3.62 -32.65
C ALA B 75 2.52 -5.02 -32.13
N VAL B 76 1.46 -5.16 -31.34
CA VAL B 76 1.05 -6.47 -30.81
C VAL B 76 0.16 -7.16 -31.82
N VAL B 77 0.50 -8.41 -32.13
CA VAL B 77 -0.33 -9.26 -32.99
C VAL B 77 -0.89 -10.38 -32.13
N GLU B 78 -2.21 -10.48 -32.08
CA GLU B 78 -2.90 -11.40 -31.19
C GLU B 78 -3.68 -12.44 -32.00
N ALA B 79 -3.50 -13.70 -31.67
CA ALA B 79 -4.15 -14.81 -32.35
C ALA B 79 -4.56 -15.85 -31.32
N PRO B 80 -5.53 -16.71 -31.65
CA PRO B 80 -5.96 -17.74 -30.68
C PRO B 80 -4.92 -18.80 -30.38
N ALA B 81 -3.90 -18.96 -31.22
CA ALA B 81 -2.87 -19.95 -31.00
C ALA B 81 -1.49 -19.32 -31.16
N PRO B 82 -0.52 -19.73 -30.34
CA PRO B 82 0.83 -19.14 -30.47
C PRO B 82 1.45 -19.34 -31.84
N GLU B 83 1.19 -20.47 -32.50
CA GLU B 83 1.68 -20.64 -33.86
C GLU B 83 0.97 -19.70 -34.82
N PHE B 84 -0.36 -19.56 -34.69
CA PHE B 84 -1.07 -18.58 -35.49
C PHE B 84 -0.64 -17.16 -35.16
N ALA B 85 -0.21 -16.92 -33.92
CA ALA B 85 0.32 -15.61 -33.56
C ALA B 85 1.73 -15.42 -34.10
N THR B 86 2.59 -16.42 -33.90
CA THR B 86 3.96 -16.33 -34.40
C THR B 86 3.99 -16.26 -35.92
N ALA B 87 3.15 -17.05 -36.59
CA ALA B 87 3.11 -17.00 -38.05
C ALA B 87 2.50 -15.70 -38.55
N ALA B 88 1.56 -15.12 -37.79
CA ALA B 88 1.03 -13.82 -38.16
C ALA B 88 2.08 -12.72 -37.97
N ALA B 89 2.95 -12.88 -36.98
CA ALA B 89 4.09 -11.99 -36.86
C ALA B 89 4.96 -12.06 -38.11
N HIS B 90 5.27 -13.28 -38.56
CA HIS B 90 6.02 -13.45 -39.79
C HIS B 90 5.24 -12.93 -40.99
N ALA B 91 3.92 -13.15 -40.99
CA ALA B 91 3.09 -12.68 -42.09
C ALA B 91 3.12 -11.16 -42.19
N LEU B 92 3.24 -10.46 -41.07
CA LEU B 92 3.26 -9.00 -41.05
C LEU B 92 4.66 -8.43 -41.03
N THR B 93 5.63 -9.13 -40.44
CA THR B 93 7.00 -8.62 -40.42
C THR B 93 7.55 -8.43 -41.82
N GLU B 94 7.14 -9.28 -42.76
CA GLU B 94 7.67 -9.21 -44.12
C GLU B 94 7.12 -7.99 -44.86
N SER B 95 5.83 -7.68 -44.66
CA SER B 95 5.23 -6.55 -45.37
C SER B 95 5.83 -5.23 -44.93
N LEU B 96 5.98 -5.03 -43.62
CA LEU B 96 6.64 -3.82 -43.14
C LEU B 96 8.08 -3.73 -43.63
N GLN B 97 8.73 -4.87 -43.83
CA GLN B 97 10.09 -4.87 -44.34
C GLN B 97 10.15 -4.29 -45.75
N LYS B 98 9.13 -4.55 -46.56
CA LYS B 98 9.12 -4.08 -47.94
C LYS B 98 9.21 -2.56 -48.01
N GLN B 99 8.63 -1.85 -47.05
CA GLN B 99 8.62 -0.40 -47.05
C GLN B 99 9.71 0.21 -46.18
N ALA B 100 10.30 -0.56 -45.26
CA ALA B 100 11.43 -0.06 -44.49
C ALA B 100 12.60 0.29 -45.38
N ALA B 101 12.75 -0.43 -46.50
CA ALA B 101 13.80 -0.13 -47.47
C ALA B 101 13.48 1.09 -48.32
N ALA B 102 12.19 1.41 -48.48
CA ALA B 102 11.76 2.57 -49.25
C ALA B 102 11.70 3.84 -48.41
N GLY B 103 12.23 3.82 -47.19
CA GLY B 103 12.16 5.00 -46.34
C GLY B 103 10.80 5.31 -45.78
N ARG B 104 9.80 4.45 -46.03
CA ARG B 104 8.47 4.71 -45.51
C ARG B 104 8.45 4.65 -43.99
N ILE B 105 9.23 3.75 -43.41
CA ILE B 105 9.36 3.64 -41.95
C ILE B 105 10.82 3.37 -41.61
N GLY B 106 11.05 2.84 -40.41
CA GLY B 106 12.39 2.49 -39.98
C GLY B 106 12.60 1.00 -39.93
N PRO B 107 13.70 0.57 -39.33
CA PRO B 107 14.02 -0.86 -39.28
C PRO B 107 12.98 -1.64 -38.50
N VAL B 108 12.37 -2.63 -39.17
CA VAL B 108 11.31 -3.43 -38.59
C VAL B 108 11.88 -4.77 -38.14
N ALA B 109 11.46 -5.22 -36.97
CA ALA B 109 11.86 -6.53 -36.44
C ALA B 109 10.85 -6.90 -35.36
N GLU B 110 10.92 -8.17 -34.95
CA GLU B 110 10.09 -8.65 -33.84
C GLU B 110 10.98 -9.02 -32.66
N PRO B 111 11.19 -8.10 -31.70
CA PRO B 111 12.06 -8.40 -30.56
C PRO B 111 11.57 -9.55 -29.69
N GLY B 112 10.31 -9.96 -29.84
CA GLY B 112 9.85 -11.15 -29.13
C GLY B 112 10.65 -12.39 -29.54
N GLY B 113 11.02 -12.47 -30.81
CA GLY B 113 11.83 -13.58 -31.28
C GLY B 113 11.54 -13.99 -32.71
N GLY B 114 12.32 -13.47 -33.65
CA GLY B 114 12.13 -13.77 -35.06
C GLY B 114 12.80 -15.06 -35.47
N PRO B 115 13.27 -15.12 -36.72
CA PRO B 115 13.98 -16.33 -37.17
C PRO B 115 15.25 -16.61 -36.38
N PHE B 116 15.96 -15.56 -35.94
CA PHE B 116 17.12 -15.75 -35.09
C PHE B 116 16.76 -16.49 -33.81
N PHE B 117 15.54 -16.28 -33.31
CA PHE B 117 15.05 -17.05 -32.17
C PHE B 117 14.26 -18.29 -32.59
N GLU B 118 13.82 -18.37 -33.85
CA GLU B 118 13.12 -19.55 -34.33
C GLU B 118 14.07 -20.70 -34.61
N HIS B 119 15.37 -20.43 -34.75
CA HIS B 119 16.39 -21.46 -34.91
C HIS B 119 17.24 -21.64 -33.66
N ASN B 120 17.72 -20.55 -33.08
CA ASN B 120 18.61 -20.61 -31.93
C ASN B 120 17.88 -20.48 -30.60
N GLY B 121 16.56 -20.35 -30.61
CA GLY B 121 15.81 -20.34 -29.37
C GLY B 121 16.04 -21.56 -28.52
N LEU B 122 16.41 -22.68 -29.14
CA LEU B 122 16.79 -23.88 -28.40
C LEU B 122 18.12 -23.71 -27.67
N LEU B 123 18.97 -22.79 -28.14
CA LEU B 123 20.27 -22.58 -27.52
C LEU B 123 20.19 -21.73 -26.25
N PHE B 124 19.25 -20.78 -26.20
CA PHE B 124 19.13 -19.90 -25.03
C PHE B 124 18.74 -20.64 -23.77
N LEU B 125 18.42 -21.93 -23.86
CA LEU B 125 18.02 -22.70 -22.70
C LEU B 125 19.22 -23.07 -21.85
N SER B 126 18.94 -23.53 -20.62
CA SER B 126 19.95 -23.91 -19.67
C SER B 126 20.70 -25.15 -20.15
N PRO B 127 21.85 -25.47 -19.55
CA PRO B 127 22.58 -26.67 -19.99
C PRO B 127 21.83 -27.97 -19.80
N GLN B 128 21.27 -28.21 -18.61
CA GLN B 128 20.67 -29.51 -18.33
C GLN B 128 19.37 -29.70 -19.10
N GLN B 129 18.43 -28.76 -18.98
CA GLN B 129 17.12 -28.94 -19.61
C GLN B 129 17.19 -28.89 -21.13
N VAL B 130 18.33 -28.52 -21.71
CA VAL B 130 18.54 -28.75 -23.13
C VAL B 130 18.64 -30.25 -23.40
N ALA B 131 19.44 -30.95 -22.60
CA ALA B 131 19.55 -32.41 -22.74
C ALA B 131 18.22 -33.08 -22.39
N ASP B 132 17.42 -32.46 -21.52
CA ASP B 132 16.11 -33.02 -21.22
C ASP B 132 15.15 -32.83 -22.39
N THR B 133 15.20 -31.66 -23.04
CA THR B 133 14.30 -31.40 -24.17
C THR B 133 14.67 -32.27 -25.37
N THR B 134 15.97 -32.50 -25.59
CA THR B 134 16.38 -33.37 -26.69
C THR B 134 16.03 -34.82 -26.41
N SER B 135 15.97 -35.22 -25.13
CA SER B 135 15.60 -36.59 -24.79
C SER B 135 14.12 -36.83 -25.08
N GLN B 136 13.25 -35.89 -24.72
CA GLN B 136 11.82 -36.05 -24.98
C GLN B 136 11.53 -36.03 -26.47
N LEU B 137 12.25 -35.21 -27.23
CA LEU B 137 12.08 -35.20 -28.68
C LEU B 137 12.68 -36.43 -29.35
N ALA B 138 13.48 -37.22 -28.62
CA ALA B 138 14.00 -38.48 -29.16
C ALA B 138 13.03 -39.63 -28.98
N SER B 139 12.34 -39.68 -27.82
CA SER B 139 11.37 -40.74 -27.58
C SER B 139 10.05 -40.50 -28.30
N ALA B 140 9.76 -39.26 -28.70
CA ALA B 140 8.54 -38.92 -29.41
C ALA B 140 8.67 -39.08 -30.92
N ARG B 141 9.71 -39.78 -31.38
CA ARG B 141 9.87 -40.01 -32.82
C ARG B 141 8.69 -40.73 -33.46
N PRO B 142 8.12 -41.80 -32.88
CA PRO B 142 6.96 -42.42 -33.53
C PRO B 142 5.72 -41.53 -33.54
N LEU B 143 5.55 -40.68 -32.53
CA LEU B 143 4.38 -39.81 -32.49
C LEU B 143 4.42 -38.77 -33.60
N VAL B 144 5.56 -38.09 -33.76
CA VAL B 144 5.69 -37.12 -34.84
C VAL B 144 5.74 -37.81 -36.20
N ASN B 145 6.16 -39.08 -36.24
CA ASN B 145 6.14 -39.83 -37.50
C ASN B 145 4.71 -40.03 -37.99
N GLU B 146 3.77 -40.24 -37.06
CA GLU B 146 2.37 -40.31 -37.44
C GLU B 146 1.80 -38.91 -37.72
N LEU B 147 2.40 -37.88 -37.13
CA LEU B 147 1.85 -36.53 -37.24
C LEU B 147 2.27 -35.83 -38.53
N ALA B 148 3.48 -36.09 -39.01
CA ALA B 148 3.94 -35.46 -40.24
C ALA B 148 3.43 -36.16 -41.49
N LYS B 149 2.78 -37.31 -41.35
CA LYS B 149 2.32 -38.09 -42.51
C LYS B 149 0.81 -38.13 -42.67
N ASN B 150 0.05 -37.79 -41.63
CA ASN B 150 -1.39 -37.97 -41.68
C ASN B 150 -2.04 -36.97 -42.64
N PRO B 151 -3.10 -37.37 -43.34
CA PRO B 151 -3.85 -36.43 -44.17
C PRO B 151 -4.72 -35.48 -43.35
N SER B 152 -4.11 -34.84 -42.35
CA SER B 152 -4.74 -33.77 -41.56
C SER B 152 -5.95 -34.35 -40.82
N LEU B 153 -7.13 -33.73 -40.91
CA LEU B 153 -8.23 -34.07 -40.01
C LEU B 153 -8.62 -35.54 -40.15
N THR B 154 -8.65 -36.06 -41.37
CA THR B 154 -8.91 -37.50 -41.54
C THR B 154 -7.78 -38.33 -40.97
N GLY B 155 -6.54 -37.85 -41.09
CA GLY B 155 -5.40 -38.55 -40.53
C GLY B 155 -5.26 -38.34 -39.04
N LEU B 156 -5.57 -37.14 -38.56
CA LEU B 156 -5.61 -36.91 -37.11
C LEU B 156 -6.64 -37.82 -36.45
N ALA B 157 -7.78 -38.02 -37.09
CA ALA B 157 -8.77 -38.97 -36.58
C ALA B 157 -8.37 -40.41 -36.82
N THR B 158 -7.44 -40.66 -37.74
CA THR B 158 -6.93 -42.00 -37.95
C THR B 158 -5.82 -42.33 -36.96
N THR B 159 -4.89 -41.39 -36.73
CA THR B 159 -3.88 -41.58 -35.70
C THR B 159 -4.48 -41.50 -34.30
N LEU B 160 -5.63 -40.85 -34.15
CA LEU B 160 -6.40 -40.96 -32.91
C LEU B 160 -6.93 -42.37 -32.73
N SER B 161 -7.79 -42.80 -33.67
CA SER B 161 -8.42 -44.11 -33.57
C SER B 161 -7.39 -45.24 -33.52
N THR B 162 -6.21 -45.03 -34.10
CA THR B 162 -5.17 -46.05 -34.06
C THR B 162 -4.71 -46.29 -32.62
N THR B 163 -4.37 -45.22 -31.90
CA THR B 163 -3.87 -45.37 -30.53
C THR B 163 -4.97 -45.85 -29.58
N LEU B 164 -6.21 -45.41 -29.79
CA LEU B 164 -7.30 -45.79 -28.90
C LEU B 164 -7.70 -47.25 -29.06
N GLY B 165 -7.28 -47.91 -30.15
CA GLY B 165 -7.68 -49.27 -30.41
C GLY B 165 -6.79 -50.31 -29.77
N GLN B 166 -5.64 -50.56 -30.36
CA GLN B 166 -4.74 -51.63 -29.93
C GLN B 166 -3.78 -51.21 -28.81
N PRO B 167 -3.10 -50.06 -28.90
CA PRO B 167 -2.13 -49.70 -27.85
C PRO B 167 -2.71 -49.66 -26.44
N LEU B 168 -4.03 -49.44 -26.30
CA LEU B 168 -4.63 -49.57 -24.98
C LEU B 168 -4.68 -51.04 -24.55
N LEU B 169 -4.97 -51.95 -25.48
CA LEU B 169 -4.97 -53.36 -25.16
C LEU B 169 -3.55 -53.89 -24.96
N THR B 170 -2.60 -53.37 -25.75
CA THR B 170 -1.20 -53.78 -25.60
C THR B 170 -0.62 -53.32 -24.27
N GLY B 171 -1.19 -52.28 -23.65
CA GLY B 171 -0.68 -51.80 -22.38
C GLY B 171 0.47 -50.82 -22.48
N GLN B 172 0.70 -50.24 -23.66
CA GLN B 172 1.78 -49.27 -23.82
C GLN B 172 1.31 -47.88 -23.44
N VAL B 173 0.42 -47.30 -24.24
CA VAL B 173 -0.17 -46.02 -23.90
C VAL B 173 -1.30 -46.23 -22.89
N LYS B 174 -1.49 -45.26 -22.01
CA LYS B 174 -2.50 -45.34 -20.98
C LYS B 174 -3.55 -44.25 -21.18
N LEU B 175 -4.79 -44.56 -20.81
CA LEU B 175 -5.88 -43.61 -21.02
C LEU B 175 -5.74 -42.36 -20.14
N PRO B 176 -5.46 -42.44 -18.84
CA PRO B 176 -5.40 -41.21 -18.04
C PRO B 176 -4.33 -40.24 -18.48
N SER B 177 -3.25 -40.72 -19.10
CA SER B 177 -2.21 -39.81 -19.59
C SER B 177 -2.73 -39.00 -20.78
N MET B 178 -3.55 -39.60 -21.64
CA MET B 178 -4.10 -38.89 -22.77
C MET B 178 -5.15 -37.85 -22.38
N ALA B 179 -5.56 -37.83 -21.11
CA ALA B 179 -6.59 -36.89 -20.69
C ALA B 179 -6.18 -35.44 -20.92
N LYS B 180 -4.88 -35.16 -20.76
CA LYS B 180 -4.39 -33.81 -21.02
C LYS B 180 -4.59 -33.41 -22.48
N LEU B 181 -4.50 -34.37 -23.40
CA LEU B 181 -4.68 -34.11 -24.82
C LEU B 181 -6.16 -34.16 -25.22
N LEU B 182 -6.90 -35.14 -24.72
CA LEU B 182 -8.29 -35.31 -25.13
C LEU B 182 -9.19 -34.23 -24.55
N SER B 183 -8.89 -33.76 -23.32
CA SER B 183 -9.71 -32.70 -22.73
C SER B 183 -9.54 -31.40 -23.50
N ARG B 184 -8.31 -31.08 -23.91
CA ARG B 184 -8.09 -29.91 -24.74
C ARG B 184 -8.48 -30.14 -26.19
N SER B 185 -8.53 -31.40 -26.64
CA SER B 185 -9.01 -31.69 -27.99
C SER B 185 -10.52 -31.57 -28.07
N ALA B 186 -11.23 -32.17 -27.10
CA ALA B 186 -12.69 -32.10 -27.09
C ALA B 186 -13.18 -30.67 -26.85
N ALA B 187 -12.43 -29.88 -26.06
CA ALA B 187 -12.82 -28.49 -25.83
C ALA B 187 -12.69 -27.67 -27.10
N THR B 188 -11.60 -27.87 -27.85
CA THR B 188 -11.40 -27.11 -29.08
C THR B 188 -12.38 -27.54 -30.17
N VAL B 189 -12.78 -28.82 -30.17
CA VAL B 189 -13.78 -29.28 -31.13
C VAL B 189 -15.14 -28.66 -30.84
N ASP B 190 -15.47 -28.52 -29.55
CA ASP B 190 -16.75 -27.91 -29.18
C ASP B 190 -16.83 -26.45 -29.61
N ASP B 191 -15.69 -25.77 -29.70
CA ASP B 191 -15.68 -24.37 -30.13
C ASP B 191 -16.10 -24.24 -31.59
N VAL B 192 -15.58 -25.12 -32.45
CA VAL B 192 -15.96 -25.07 -33.87
C VAL B 192 -17.43 -25.39 -34.05
N LEU B 193 -17.95 -26.31 -33.24
CA LEU B 193 -19.39 -26.62 -33.28
C LEU B 193 -20.23 -25.48 -32.74
N ALA B 194 -19.66 -24.63 -31.89
CA ALA B 194 -20.41 -23.51 -31.33
C ALA B 194 -20.54 -22.34 -32.30
N GLY B 195 -19.62 -22.23 -33.27
CA GLY B 195 -19.65 -21.15 -34.24
C GLY B 195 -18.61 -20.07 -34.00
N LYS B 196 -17.99 -20.04 -32.80
CA LYS B 196 -16.96 -19.09 -32.43
C LYS B 196 -15.57 -19.59 -32.81
N PRO B 197 -14.66 -18.70 -33.19
CA PRO B 197 -13.34 -19.15 -33.65
C PRO B 197 -12.51 -19.74 -32.53
N ALA B 198 -11.58 -20.61 -32.92
CA ALA B 198 -10.65 -21.24 -31.99
C ALA B 198 -9.49 -21.82 -32.79
N ALA B 199 -8.52 -22.38 -32.07
CA ALA B 199 -7.35 -22.98 -32.72
C ALA B 199 -6.73 -23.98 -31.77
N PHE B 200 -6.68 -25.24 -32.20
CA PHE B 200 -6.02 -26.31 -31.44
C PHE B 200 -4.52 -26.04 -31.35
N SER B 201 -4.04 -25.66 -30.18
CA SER B 201 -2.64 -25.33 -29.98
C SER B 201 -1.86 -26.58 -29.62
N TRP B 202 -1.04 -27.08 -30.55
CA TRP B 202 -0.19 -28.21 -30.26
C TRP B 202 0.95 -27.86 -29.32
N ARG B 203 1.27 -26.56 -29.19
CA ARG B 203 2.38 -26.13 -28.35
C ARG B 203 2.01 -26.21 -26.86
N ALA B 204 0.84 -25.67 -26.50
CA ALA B 204 0.43 -25.65 -25.11
C ALA B 204 0.04 -27.04 -24.59
N LEU B 205 0.00 -28.05 -25.46
CA LEU B 205 -0.43 -29.39 -25.08
C LEU B 205 0.72 -30.38 -25.03
N VAL B 206 1.96 -29.91 -25.20
CA VAL B 206 3.12 -30.79 -25.18
C VAL B 206 4.30 -30.10 -24.51
N ASP B 207 4.93 -29.17 -25.22
CA ASP B 207 6.17 -28.57 -24.75
C ASP B 207 5.91 -27.51 -23.68
N ASN B 208 4.94 -26.63 -23.92
CA ASN B 208 4.74 -25.46 -23.06
C ASN B 208 3.84 -25.79 -21.89
N ASP B 209 4.30 -25.45 -20.68
CA ASP B 209 3.47 -25.60 -19.49
C ASP B 209 2.37 -24.54 -19.45
N ALA B 210 2.70 -23.32 -19.87
CA ALA B 210 1.77 -22.21 -19.77
C ALA B 210 0.73 -22.26 -20.88
N ALA B 211 -0.54 -22.23 -20.49
CA ALA B 211 -1.63 -22.16 -21.44
C ALA B 211 -2.37 -20.84 -21.30
N ARG B 212 -1.61 -19.73 -21.27
CA ARG B 212 -2.21 -18.42 -21.15
C ARG B 212 -3.17 -18.16 -22.30
N GLN B 213 -4.27 -17.47 -22.01
CA GLN B 213 -5.41 -17.46 -22.92
C GLN B 213 -5.10 -16.86 -24.28
N PRO B 214 -4.61 -15.61 -24.39
CA PRO B 214 -4.36 -15.05 -25.72
C PRO B 214 -2.88 -14.98 -26.05
N ALA B 215 -2.37 -15.93 -26.82
CA ALA B 215 -0.98 -15.88 -27.25
C ALA B 215 -0.79 -14.73 -28.23
N ARG B 216 0.26 -13.94 -28.01
CA ARG B 216 0.49 -12.73 -28.77
C ARG B 216 1.89 -12.76 -29.38
N ALA B 217 2.10 -11.89 -30.36
CA ALA B 217 3.38 -11.77 -31.05
C ALA B 217 3.66 -10.31 -31.33
N PHE B 218 4.83 -9.84 -30.90
CA PHE B 218 5.20 -8.44 -31.02
C PHE B 218 6.09 -8.23 -32.23
N VAL B 219 5.90 -7.10 -32.91
CA VAL B 219 6.79 -6.66 -33.98
C VAL B 219 6.96 -5.15 -33.85
N THR B 220 8.21 -4.70 -33.74
CA THR B 220 8.52 -3.28 -33.52
C THR B 220 9.08 -2.67 -34.78
N VAL B 221 8.57 -1.48 -35.12
CA VAL B 221 9.13 -0.66 -36.19
C VAL B 221 9.74 0.58 -35.55
N GLN B 222 11.02 0.79 -35.80
CA GLN B 222 11.73 1.93 -35.25
C GLN B 222 11.46 3.18 -36.10
N PRO B 223 11.72 4.37 -35.57
CA PRO B 223 11.35 5.59 -36.30
C PRO B 223 12.17 5.77 -37.58
N VAL B 224 11.59 6.53 -38.50
CA VAL B 224 12.31 6.89 -39.71
C VAL B 224 13.54 7.73 -39.33
N VAL B 225 14.56 7.70 -40.18
CA VAL B 225 15.83 8.32 -39.85
C VAL B 225 15.68 9.83 -39.69
N ASN B 226 14.97 10.47 -40.64
CA ASN B 226 14.84 11.92 -40.63
C ASN B 226 13.63 12.38 -39.82
N TYR B 227 12.48 11.74 -40.04
CA TYR B 227 11.26 11.98 -39.25
C TYR B 227 10.83 13.43 -39.46
N GLY B 228 10.50 14.18 -38.40
CA GLY B 228 9.96 15.52 -38.54
C GLY B 228 8.51 15.58 -38.97
N ALA B 229 7.92 14.46 -39.37
CA ALA B 229 6.53 14.34 -39.81
C ALA B 229 6.27 15.12 -41.10
N LEU B 230 5.29 14.66 -41.87
CA LEU B 230 4.85 15.35 -43.08
C LEU B 230 3.34 15.21 -43.18
N LYS B 231 2.70 16.17 -43.85
CA LYS B 231 1.27 16.06 -44.11
C LYS B 231 0.98 14.85 -45.00
N ALA B 232 1.77 14.69 -46.07
CA ALA B 232 1.68 13.47 -46.87
C ALA B 232 2.31 12.29 -46.15
N GLY B 233 3.32 12.54 -45.32
CA GLY B 233 3.96 11.49 -44.56
C GLY B 233 3.13 11.06 -43.37
N ALA B 234 2.25 10.08 -43.58
CA ALA B 234 1.37 9.60 -42.52
C ALA B 234 2.13 8.91 -41.39
N GLN B 235 3.40 8.55 -41.63
CA GLN B 235 4.36 8.11 -40.62
C GLN B 235 4.16 6.67 -40.18
N THR B 236 5.00 6.22 -39.24
CA THR B 236 5.12 4.80 -38.93
C THR B 236 3.86 4.24 -38.26
N SER B 237 3.14 5.06 -37.51
CA SER B 237 1.91 4.58 -36.88
C SER B 237 0.85 4.28 -37.94
N ASP B 238 0.81 5.08 -39.01
CA ASP B 238 -0.16 4.85 -40.08
C ASP B 238 0.28 3.75 -41.03
N VAL B 239 1.59 3.57 -41.22
CA VAL B 239 2.07 2.55 -42.15
C VAL B 239 1.67 1.16 -41.68
N ILE B 240 1.82 0.90 -40.37
CA ILE B 240 1.38 -0.38 -39.82
C ILE B 240 -0.12 -0.58 -40.07
N ARG B 241 -0.90 0.50 -40.02
CA ARG B 241 -2.32 0.40 -40.30
C ARG B 241 -2.57 -0.02 -41.75
N GLU B 242 -1.77 0.50 -42.68
CA GLU B 242 -2.03 0.26 -44.10
C GLU B 242 -1.61 -1.14 -44.53
N THR B 243 -0.44 -1.60 -44.09
CA THR B 243 0.06 -2.91 -44.52
C THR B 243 -0.81 -4.04 -43.99
N ALA B 244 -1.10 -4.01 -42.67
CA ALA B 244 -1.94 -5.06 -42.10
C ALA B 244 -3.35 -5.01 -42.67
N ARG B 245 -3.81 -3.83 -43.10
CA ARG B 245 -5.10 -3.74 -43.78
C ARG B 245 -5.07 -4.48 -45.11
N ALA B 246 -3.98 -4.36 -45.86
CA ALA B 246 -3.85 -5.01 -47.16
C ALA B 246 -3.63 -6.51 -47.07
N LEU B 247 -3.10 -7.00 -45.94
CA LEU B 247 -2.81 -8.42 -45.83
C LEU B 247 -4.07 -9.26 -45.88
N ASP B 248 -5.11 -8.87 -45.13
CA ASP B 248 -6.36 -9.61 -45.02
C ASP B 248 -6.14 -11.03 -44.52
N LEU B 249 -5.02 -11.64 -44.91
CA LEU B 249 -4.48 -12.86 -44.35
C LEU B 249 -4.61 -12.88 -42.83
N GLU B 250 -4.48 -11.72 -42.20
CA GLU B 250 -4.59 -11.63 -40.75
C GLU B 250 -6.00 -11.97 -40.28
N LYS B 251 -7.00 -11.75 -41.13
CA LYS B 251 -8.34 -12.27 -40.85
C LYS B 251 -8.44 -13.77 -41.06
N ARG B 252 -7.54 -14.34 -41.87
CA ARG B 252 -7.45 -15.78 -42.02
C ARG B 252 -6.53 -16.42 -40.99
N TYR B 253 -5.50 -15.68 -40.54
CA TYR B 253 -4.70 -16.15 -39.42
C TYR B 253 -5.45 -16.05 -38.10
N GLY B 254 -6.51 -15.25 -38.05
CA GLY B 254 -7.15 -14.94 -36.78
C GLY B 254 -6.38 -13.94 -35.96
N ALA B 255 -5.80 -12.93 -36.61
CA ALA B 255 -4.88 -12.00 -35.97
C ALA B 255 -5.41 -10.57 -36.04
N VAL B 256 -5.20 -9.83 -34.96
CA VAL B 256 -5.47 -8.39 -34.92
C VAL B 256 -4.16 -7.68 -34.59
N VAL B 257 -3.97 -6.51 -35.19
CA VAL B 257 -2.75 -5.74 -35.01
C VAL B 257 -3.05 -4.56 -34.09
N ARG B 258 -2.35 -4.52 -32.96
CA ARG B 258 -2.44 -3.41 -32.03
C ARG B 258 -1.19 -2.54 -32.16
N LEU B 259 -1.20 -1.41 -31.45
CA LEU B 259 -0.05 -0.52 -31.43
C LEU B 259 0.09 0.12 -30.07
N THR B 260 1.29 0.60 -29.79
CA THR B 260 1.62 1.40 -28.61
C THR B 260 2.98 2.03 -28.88
N GLY B 261 3.57 2.61 -27.84
CA GLY B 261 4.85 3.29 -28.00
C GLY B 261 4.89 4.63 -27.31
N GLU B 262 5.73 5.53 -27.80
CA GLU B 262 5.91 6.82 -27.14
C GLU B 262 4.88 7.84 -27.60
N GLN B 263 4.74 8.02 -28.90
CA GLN B 263 3.88 9.06 -29.46
C GLN B 263 2.42 8.63 -29.67
N PRO B 264 2.08 7.34 -29.83
CA PRO B 264 0.65 7.02 -29.93
C PRO B 264 -0.13 7.30 -28.66
N LEU B 265 0.44 7.02 -27.49
CA LEU B 265 -0.30 7.27 -26.25
C LEU B 265 -0.36 8.76 -25.92
N ALA B 266 0.77 9.47 -26.07
CA ALA B 266 0.80 10.88 -25.73
C ALA B 266 -0.14 11.68 -26.61
N ASP B 267 -0.43 11.17 -27.81
CA ASP B 267 -1.41 11.80 -28.69
C ASP B 267 -2.81 11.26 -28.46
N ASP B 268 -2.95 10.00 -28.07
CA ASP B 268 -4.27 9.44 -27.80
C ASP B 268 -4.86 10.01 -26.52
N GLU B 269 -4.04 10.32 -25.53
CA GLU B 269 -4.56 10.86 -24.29
C GLU B 269 -5.09 12.28 -24.47
N PHE B 270 -4.48 13.07 -25.36
CA PHE B 270 -5.05 14.36 -25.69
C PHE B 270 -6.39 14.21 -26.38
N SER B 271 -6.49 13.25 -27.31
CA SER B 271 -7.75 13.01 -28.00
C SER B 271 -8.84 12.54 -27.04
N SER B 272 -8.46 12.04 -25.86
CA SER B 272 -9.46 11.68 -24.86
C SER B 272 -10.11 12.92 -24.25
N VAL B 273 -9.39 14.04 -24.21
CA VAL B 273 -9.97 15.28 -23.68
C VAL B 273 -10.94 15.88 -24.68
N GLU B 274 -10.67 15.72 -25.98
CA GLU B 274 -11.42 16.40 -27.02
C GLU B 274 -12.62 15.62 -27.53
N ASP B 275 -12.83 14.40 -27.05
CA ASP B 275 -14.02 13.64 -27.43
C ASP B 275 -15.25 14.34 -26.84
N GLY B 276 -15.90 15.16 -27.65
CA GLY B 276 -17.04 15.93 -27.22
C GLY B 276 -16.72 17.35 -26.82
N ALA B 277 -15.45 17.63 -26.48
CA ALA B 277 -15.08 18.97 -25.99
C ALA B 277 -15.46 20.06 -27.00
N ALA B 278 -15.38 19.77 -28.30
CA ALA B 278 -15.85 20.73 -29.29
C ALA B 278 -17.34 20.99 -29.13
N LEU B 279 -18.11 19.97 -28.73
CA LEU B 279 -19.54 20.10 -28.48
C LEU B 279 -19.86 20.30 -27.00
N ASN B 280 -19.03 19.76 -26.11
CA ASN B 280 -19.26 19.91 -24.68
C ASN B 280 -19.17 21.37 -24.24
N GLY B 281 -18.30 22.14 -24.88
CA GLY B 281 -18.15 23.54 -24.49
C GLY B 281 -19.27 24.43 -24.98
N VAL B 282 -19.89 24.09 -26.11
CA VAL B 282 -20.94 24.96 -26.64
C VAL B 282 -22.26 24.81 -25.90
N VAL B 283 -22.50 23.67 -25.25
CA VAL B 283 -23.67 23.56 -24.39
C VAL B 283 -23.47 24.30 -23.08
N THR B 284 -22.21 24.56 -22.69
CA THR B 284 -21.95 25.40 -21.54
C THR B 284 -22.37 26.84 -21.81
N LEU B 285 -22.06 27.35 -23.00
CA LEU B 285 -22.49 28.70 -23.36
C LEU B 285 -23.99 28.85 -23.31
N LEU B 286 -24.74 27.78 -23.64
CA LEU B 286 -26.18 27.82 -23.51
C LEU B 286 -26.61 27.84 -22.05
N VAL B 287 -25.99 27.01 -21.22
CA VAL B 287 -26.31 27.00 -19.79
C VAL B 287 -25.92 28.32 -19.15
N VAL B 288 -24.77 28.88 -19.56
CA VAL B 288 -24.42 30.22 -19.11
C VAL B 288 -25.47 31.23 -19.57
N PHE B 289 -25.95 31.08 -20.81
CA PHE B 289 -26.91 32.03 -21.38
C PHE B 289 -28.19 32.07 -20.56
N VAL B 290 -28.77 30.91 -20.25
CA VAL B 290 -30.01 30.87 -19.49
C VAL B 290 -29.81 31.50 -18.13
N ILE B 291 -28.70 31.15 -17.46
CA ILE B 291 -28.37 31.78 -16.18
C ILE B 291 -28.03 33.26 -16.39
N LEU B 292 -27.45 33.59 -17.54
CA LEU B 292 -27.18 35.00 -17.84
C LEU B 292 -28.48 35.78 -18.00
N TRP B 293 -29.46 35.20 -18.71
CA TRP B 293 -30.75 35.87 -18.85
C TRP B 293 -31.50 35.94 -17.53
N LEU B 294 -31.30 34.95 -16.65
CA LEU B 294 -31.95 34.98 -15.35
C LEU B 294 -31.50 36.18 -14.52
N ALA B 295 -30.19 36.50 -14.57
CA ALA B 295 -29.67 37.61 -13.79
C ALA B 295 -30.09 38.95 -14.39
N LEU B 296 -29.88 39.12 -15.69
CA LEU B 296 -30.25 40.34 -16.41
C LEU B 296 -31.13 39.92 -17.58
N ARG B 297 -32.45 39.98 -17.38
CA ARG B 297 -33.41 39.60 -18.41
C ARG B 297 -33.69 40.75 -19.37
N SER B 298 -32.62 41.43 -19.78
CA SER B 298 -32.69 42.52 -20.74
C SER B 298 -31.97 42.06 -22.00
N LYS B 299 -32.75 41.70 -23.02
CA LYS B 299 -32.18 41.22 -24.28
C LYS B 299 -31.21 42.23 -24.87
N ARG B 300 -31.49 43.52 -24.68
CA ARG B 300 -30.58 44.57 -25.13
C ARG B 300 -29.28 44.59 -24.32
N MET B 301 -29.26 43.94 -23.15
CA MET B 301 -28.04 43.80 -22.37
C MET B 301 -27.32 42.49 -22.61
N ILE B 302 -28.06 41.38 -22.73
CA ILE B 302 -27.44 40.06 -22.84
C ILE B 302 -26.53 40.00 -24.05
N ALA B 303 -26.98 40.52 -25.18
CA ALA B 303 -26.13 40.56 -26.37
C ALA B 303 -24.87 41.37 -26.11
N SER B 304 -24.99 42.46 -25.34
CA SER B 304 -23.82 43.27 -25.02
C SER B 304 -22.90 42.56 -24.05
N VAL B 305 -23.47 41.81 -23.10
CA VAL B 305 -22.65 41.06 -22.16
C VAL B 305 -21.89 39.94 -22.88
N LEU B 306 -22.54 39.30 -23.85
CA LEU B 306 -21.89 38.21 -24.58
C LEU B 306 -20.78 38.73 -25.48
N VAL B 307 -20.98 39.91 -26.09
CA VAL B 307 -19.94 40.46 -26.97
C VAL B 307 -18.68 40.78 -26.17
N THR B 308 -18.84 41.31 -24.96
CA THR B 308 -17.68 41.53 -24.10
C THR B 308 -17.02 40.22 -23.69
N LEU B 309 -17.81 39.15 -23.57
CA LEU B 309 -17.25 37.85 -23.21
C LEU B 309 -16.32 37.32 -24.29
N PHE B 310 -16.78 37.37 -25.55
CA PHE B 310 -16.00 36.78 -26.63
C PHE B 310 -14.82 37.64 -27.04
N VAL B 311 -14.96 38.98 -26.94
CA VAL B 311 -13.84 39.86 -27.29
C VAL B 311 -12.66 39.59 -26.36
N GLY B 312 -12.91 39.58 -25.05
CA GLY B 312 -11.87 39.21 -24.11
C GLY B 312 -11.41 37.77 -24.23
N LEU B 313 -12.26 36.91 -24.83
CA LEU B 313 -11.88 35.51 -25.00
C LEU B 313 -10.85 35.35 -26.12
N VAL B 314 -11.00 36.11 -27.20
CA VAL B 314 -10.05 36.02 -28.30
C VAL B 314 -8.71 36.65 -27.91
N VAL B 315 -8.75 37.79 -27.23
CA VAL B 315 -7.51 38.43 -26.77
C VAL B 315 -6.81 37.55 -25.74
N THR B 316 -7.57 36.71 -25.02
CA THR B 316 -6.96 35.79 -24.08
C THR B 316 -6.06 34.77 -24.78
N ALA B 317 -6.61 34.11 -25.81
CA ALA B 317 -5.81 33.16 -26.58
C ALA B 317 -4.74 33.87 -27.39
N ALA B 318 -5.05 35.07 -27.89
CA ALA B 318 -4.05 35.84 -28.64
C ALA B 318 -2.86 36.18 -27.77
N LEU B 319 -3.12 36.72 -26.57
CA LEU B 319 -2.03 36.98 -25.62
C LEU B 319 -1.48 35.69 -25.05
N GLY B 320 -2.32 34.66 -24.93
CA GLY B 320 -1.89 33.37 -24.43
C GLY B 320 -0.83 32.73 -25.30
N LEU B 321 -1.14 32.55 -26.58
CA LEU B 321 -0.16 32.01 -27.52
C LEU B 321 1.02 32.94 -27.71
N ALA B 322 0.88 34.22 -27.36
CA ALA B 322 1.96 35.17 -27.50
C ALA B 322 3.03 35.03 -26.42
N MET B 323 2.68 34.42 -25.27
CA MET B 323 3.62 34.29 -24.17
C MET B 323 3.91 32.85 -23.77
N VAL B 324 3.15 31.88 -24.27
CA VAL B 324 3.49 30.48 -24.08
C VAL B 324 3.78 29.74 -25.38
N GLY B 325 3.31 30.24 -26.52
CA GLY B 325 3.62 29.65 -27.81
C GLY B 325 2.88 28.37 -28.12
N SER B 326 2.70 27.52 -27.12
CA SER B 326 2.09 26.20 -27.29
C SER B 326 0.94 26.02 -26.33
N LEU B 327 -0.19 25.54 -26.84
CA LEU B 327 -1.36 25.23 -26.02
C LEU B 327 -1.34 23.73 -25.75
N ASN B 328 -0.91 23.35 -24.55
CA ASN B 328 -0.68 21.95 -24.23
C ASN B 328 -2.00 21.27 -23.85
N MET B 329 -1.90 20.07 -23.28
CA MET B 329 -3.08 19.26 -23.01
C MET B 329 -3.92 19.85 -21.87
N ILE B 330 -3.30 20.06 -20.71
CA ILE B 330 -4.05 20.56 -19.57
C ILE B 330 -4.36 22.04 -19.72
N SER B 331 -3.46 22.80 -20.34
CA SER B 331 -3.66 24.23 -20.50
C SER B 331 -4.77 24.57 -21.48
N VAL B 332 -5.26 23.61 -22.26
CA VAL B 332 -6.35 23.88 -23.20
C VAL B 332 -7.68 24.07 -22.49
N ALA B 333 -7.77 23.72 -21.21
CA ALA B 333 -9.00 23.84 -20.44
C ALA B 333 -9.24 25.25 -19.92
N PHE B 334 -8.40 26.21 -20.30
CA PHE B 334 -8.59 27.59 -19.84
C PHE B 334 -9.84 28.22 -20.45
N MET B 335 -10.19 27.84 -21.69
CA MET B 335 -11.34 28.44 -22.35
C MET B 335 -12.63 28.17 -21.58
N VAL B 336 -12.78 26.95 -21.06
CA VAL B 336 -13.96 26.63 -20.27
C VAL B 336 -13.94 27.38 -18.95
N LEU B 337 -12.75 27.51 -18.34
CA LEU B 337 -12.64 28.23 -17.07
C LEU B 337 -12.86 29.73 -17.26
N PHE B 338 -12.58 30.25 -18.46
CA PHE B 338 -12.75 31.68 -18.70
C PHE B 338 -14.23 32.07 -18.66
N VAL B 339 -15.05 31.39 -19.46
CA VAL B 339 -16.47 31.75 -19.55
C VAL B 339 -17.15 31.61 -18.19
N GLY B 340 -16.74 30.64 -17.38
CA GLY B 340 -17.37 30.48 -16.08
C GLY B 340 -16.96 31.56 -15.11
N LEU B 341 -15.66 31.84 -15.01
CA LEU B 341 -15.19 32.80 -14.02
C LEU B 341 -15.22 34.22 -14.55
N GLY B 342 -14.95 34.40 -15.85
CA GLY B 342 -14.89 35.74 -16.42
C GLY B 342 -16.25 36.41 -16.56
N VAL B 343 -17.29 35.63 -16.80
CA VAL B 343 -18.64 36.19 -16.95
C VAL B 343 -19.11 36.76 -15.62
N ASP B 344 -18.59 36.23 -14.52
CA ASP B 344 -18.99 36.69 -13.20
C ASP B 344 -18.75 38.18 -13.05
N PHE B 345 -17.67 38.68 -13.65
CA PHE B 345 -17.36 40.10 -13.61
C PHE B 345 -18.46 40.92 -14.28
N SER B 346 -19.05 40.38 -15.35
CA SER B 346 -20.12 41.07 -16.05
C SER B 346 -21.48 40.85 -15.39
N ILE B 347 -21.67 39.73 -14.72
CA ILE B 347 -22.95 39.48 -14.04
C ILE B 347 -23.04 40.31 -12.76
N GLN B 348 -21.97 40.32 -11.96
CA GLN B 348 -21.97 41.11 -10.74
C GLN B 348 -22.13 42.60 -11.05
N TYR B 349 -21.51 43.07 -12.14
CA TYR B 349 -21.59 44.47 -12.52
C TYR B 349 -22.85 44.76 -13.33
N GLY B 350 -23.34 43.80 -14.10
CA GLY B 350 -24.48 44.05 -14.96
C GLY B 350 -25.79 44.17 -14.21
N VAL B 351 -25.92 43.47 -13.09
CA VAL B 351 -27.16 43.52 -12.33
C VAL B 351 -27.21 44.78 -11.47
N LYS B 352 -26.06 45.27 -11.01
CA LYS B 352 -26.05 46.54 -10.29
C LYS B 352 -26.51 47.68 -11.19
N TYR B 353 -26.10 47.66 -12.47
CA TYR B 353 -26.61 48.65 -13.41
C TYR B 353 -28.10 48.49 -13.62
N ARG B 354 -28.56 47.24 -13.86
CA ARG B 354 -29.98 46.98 -13.90
C ARG B 354 -30.67 47.38 -12.60
N GLU B 355 -29.94 47.31 -11.49
CA GLU B 355 -30.48 47.78 -10.22
C GLU B 355 -30.55 49.30 -10.18
N GLU B 356 -29.51 49.97 -10.68
CA GLU B 356 -29.50 51.44 -10.66
C GLU B 356 -30.60 52.03 -11.54
N ARG B 357 -30.83 51.42 -12.71
CA ARG B 357 -31.90 51.89 -13.59
C ARG B 357 -33.25 51.82 -12.88
N PHE B 358 -33.54 50.68 -12.24
CA PHE B 358 -34.75 50.57 -11.46
C PHE B 358 -34.69 51.38 -10.16
N ARG B 359 -33.48 51.66 -9.66
CA ARG B 359 -33.35 52.49 -8.46
C ARG B 359 -33.73 53.94 -8.75
N GLY B 360 -33.30 54.48 -9.89
CA GLY B 360 -33.61 55.85 -10.24
C GLY B 360 -32.40 56.67 -10.61
N GLU B 361 -31.52 56.09 -11.44
CA GLU B 361 -30.34 56.78 -11.93
C GLU B 361 -30.44 57.00 -13.43
N ALA B 362 -29.58 57.87 -13.94
CA ALA B 362 -29.54 58.19 -15.35
C ALA B 362 -28.37 57.46 -16.01
N ILE B 363 -28.17 57.76 -17.30
CA ILE B 363 -27.15 57.06 -18.09
C ILE B 363 -25.77 57.25 -17.49
N ASP B 364 -25.44 58.47 -17.09
CA ASP B 364 -24.16 58.71 -16.44
C ASP B 364 -24.12 58.07 -15.06
N ALA B 365 -25.11 58.37 -14.22
CA ALA B 365 -25.06 57.96 -12.82
C ALA B 365 -25.19 56.46 -12.66
N ALA B 366 -25.81 55.76 -13.63
CA ALA B 366 -25.98 54.32 -13.47
C ALA B 366 -24.68 53.57 -13.70
N LEU B 367 -23.91 53.95 -14.72
CA LEU B 367 -22.67 53.25 -15.03
C LEU B 367 -21.56 53.63 -14.06
N ILE B 368 -21.34 54.93 -13.84
CA ILE B 368 -20.30 55.35 -12.91
C ILE B 368 -20.72 55.18 -11.46
N GLY B 369 -22.03 55.08 -11.20
CA GLY B 369 -22.48 54.80 -9.85
C GLY B 369 -22.37 53.34 -9.48
N ALA B 370 -22.51 52.45 -10.46
CA ALA B 370 -22.27 51.03 -10.22
C ALA B 370 -20.79 50.73 -10.07
N ALA B 371 -19.92 51.62 -10.57
CA ALA B 371 -18.49 51.42 -10.42
C ALA B 371 -18.03 51.70 -9.01
N HIS B 372 -18.76 52.54 -8.26
CA HIS B 372 -18.41 52.77 -6.87
C HIS B 372 -18.80 51.59 -5.99
N SER B 373 -19.88 50.87 -6.35
CA SER B 373 -20.21 49.62 -5.66
C SER B 373 -19.27 48.50 -6.10
N MET B 374 -19.12 48.31 -7.41
CA MET B 374 -18.19 47.32 -7.95
C MET B 374 -16.91 48.01 -8.41
N GLY B 375 -16.12 48.46 -7.44
CA GLY B 375 -14.84 49.08 -7.71
C GLY B 375 -13.69 48.23 -7.21
N MET B 376 -13.35 48.38 -5.93
CA MET B 376 -12.36 47.51 -5.30
C MET B 376 -12.89 46.09 -5.08
N PRO B 377 -14.21 45.84 -5.03
CA PRO B 377 -14.64 44.42 -5.04
C PRO B 377 -14.20 43.66 -6.28
N LEU B 378 -14.46 44.20 -7.47
CA LEU B 378 -14.05 43.51 -8.69
C LEU B 378 -12.54 43.43 -8.80
N ALA B 379 -11.83 44.46 -8.33
CA ALA B 379 -10.37 44.41 -8.31
C ALA B 379 -9.88 43.37 -7.33
N LEU B 380 -10.54 43.24 -6.18
CA LEU B 380 -10.17 42.22 -5.21
C LEU B 380 -10.36 40.82 -5.80
N ALA B 381 -11.56 40.55 -6.33
CA ALA B 381 -11.87 39.23 -6.84
C ALA B 381 -10.95 38.84 -8.00
N THR B 382 -10.67 39.79 -8.89
CA THR B 382 -9.85 39.49 -10.05
C THR B 382 -8.42 39.15 -9.65
N THR B 383 -7.77 40.03 -8.89
CA THR B 383 -6.38 39.80 -8.54
C THR B 383 -6.22 38.64 -7.56
N ALA B 384 -7.29 38.28 -6.85
CA ALA B 384 -7.25 37.09 -5.99
C ALA B 384 -7.29 35.83 -6.82
N VAL B 385 -8.18 35.77 -7.82
CA VAL B 385 -8.22 34.62 -8.71
C VAL B 385 -6.95 34.55 -9.56
N ALA B 386 -6.49 35.70 -10.06
CA ALA B 386 -5.28 35.73 -10.87
C ALA B 386 -4.06 35.30 -10.07
N ALA B 387 -4.03 35.61 -8.77
CA ALA B 387 -2.93 35.18 -7.93
C ALA B 387 -2.93 33.67 -7.71
N SER B 388 -4.10 33.03 -7.82
CA SER B 388 -4.16 31.57 -7.69
C SER B 388 -3.60 30.88 -8.93
N PHE B 389 -3.92 31.38 -10.11
CA PHE B 389 -3.35 30.83 -11.33
C PHE B 389 -1.84 31.05 -11.39
N PHE B 390 -1.38 32.19 -10.89
CA PHE B 390 0.04 32.52 -10.91
C PHE B 390 0.86 31.74 -9.88
N SER B 391 0.22 30.97 -9.01
CA SER B 391 0.96 30.26 -7.97
C SER B 391 1.74 29.07 -8.53
N PHE B 392 1.28 28.47 -9.63
CA PHE B 392 2.02 27.41 -10.30
C PHE B 392 3.08 27.96 -11.25
N ILE B 393 3.11 29.26 -11.49
CA ILE B 393 4.09 29.89 -12.37
C ILE B 393 5.51 29.67 -11.87
N PRO B 394 5.86 30.01 -10.63
CA PRO B 394 7.27 29.86 -10.22
C PRO B 394 7.75 28.42 -10.20
N THR B 395 6.85 27.45 -10.11
CA THR B 395 7.26 26.06 -10.05
C THR B 395 7.44 25.49 -11.45
N ALA B 396 8.30 24.50 -11.57
CA ALA B 396 8.60 23.84 -12.84
C ALA B 396 7.57 22.75 -13.11
N TYR B 397 6.33 23.18 -13.33
CA TYR B 397 5.22 22.32 -13.70
C TYR B 397 4.54 22.96 -14.91
N ARG B 398 5.22 22.89 -16.06
CA ARG B 398 4.78 23.62 -17.25
C ARG B 398 3.38 23.25 -17.71
N GLY B 399 2.84 22.13 -17.23
CA GLY B 399 1.46 21.81 -17.52
C GLY B 399 0.49 22.83 -16.95
N VAL B 400 0.76 23.32 -15.74
CA VAL B 400 -0.12 24.27 -15.09
C VAL B 400 0.53 25.65 -15.13
N SER B 401 1.86 25.70 -15.21
CA SER B 401 2.54 26.98 -15.36
C SER B 401 2.09 27.69 -16.63
N GLU B 402 1.78 26.93 -17.69
CA GLU B 402 1.25 27.53 -18.90
C GLU B 402 -0.24 27.80 -18.78
N LEU B 403 -0.97 26.95 -18.06
CA LEU B 403 -2.40 27.21 -17.85
C LEU B 403 -2.62 28.43 -16.97
N GLY B 404 -1.85 28.56 -15.89
CA GLY B 404 -2.02 29.70 -15.00
C GLY B 404 -1.62 31.01 -15.66
N LEU B 405 -0.56 30.97 -16.49
CA LEU B 405 -0.15 32.19 -17.19
C LEU B 405 -1.22 32.67 -18.15
N ILE B 406 -1.85 31.74 -18.88
CA ILE B 406 -2.90 32.12 -19.82
C ILE B 406 -4.15 32.53 -19.07
N ALA B 407 -4.47 31.85 -17.97
CA ALA B 407 -5.67 32.17 -17.21
C ALA B 407 -5.48 33.42 -16.36
N GLY B 408 -4.28 33.62 -15.82
CA GLY B 408 -4.04 34.78 -14.99
C GLY B 408 -4.15 36.07 -15.77
N VAL B 409 -3.43 36.16 -16.89
CA VAL B 409 -3.57 37.32 -17.77
C VAL B 409 -4.96 37.38 -18.39
N GLY B 410 -5.68 36.24 -18.40
CA GLY B 410 -7.06 36.24 -18.85
C GLY B 410 -8.03 36.86 -17.87
N MET B 411 -7.70 36.87 -16.59
CA MET B 411 -8.57 37.52 -15.61
C MET B 411 -8.44 39.04 -15.67
N PHE B 412 -7.26 39.54 -16.03
CA PHE B 412 -7.10 40.99 -16.20
C PHE B 412 -7.67 41.47 -17.52
N VAL B 413 -7.68 40.62 -18.55
CA VAL B 413 -8.35 40.98 -19.80
C VAL B 413 -9.87 40.86 -19.69
N ALA B 414 -10.37 40.21 -18.64
CA ALA B 414 -11.80 40.15 -18.37
C ALA B 414 -12.29 41.38 -17.62
N LEU B 415 -11.50 41.87 -16.66
CA LEU B 415 -11.84 43.10 -15.96
C LEU B 415 -11.84 44.28 -16.91
N LEU B 416 -10.75 44.43 -17.68
CA LEU B 416 -10.64 45.54 -18.62
C LEU B 416 -11.76 45.51 -19.65
N THR B 417 -12.25 44.33 -19.99
CA THR B 417 -13.38 44.22 -20.91
C THR B 417 -14.69 44.55 -20.22
N THR B 418 -14.87 44.09 -18.97
CA THR B 418 -16.07 44.40 -18.21
C THR B 418 -16.15 45.87 -17.85
N LEU B 419 -15.02 46.57 -17.79
CA LEU B 419 -14.97 47.94 -17.32
C LEU B 419 -15.04 48.99 -18.43
N THR B 420 -14.66 48.63 -19.66
CA THR B 420 -14.70 49.55 -20.78
C THR B 420 -15.75 49.14 -21.82
N LEU B 421 -15.61 47.94 -22.37
CA LEU B 421 -16.47 47.55 -23.49
C LEU B 421 -17.92 47.41 -23.06
N LEU B 422 -18.16 46.87 -21.87
CA LEU B 422 -19.54 46.70 -21.41
C LEU B 422 -20.23 48.03 -21.11
N PRO B 423 -19.63 48.96 -20.36
CA PRO B 423 -20.31 50.26 -20.17
C PRO B 423 -20.55 51.01 -21.46
N ALA B 424 -19.65 50.87 -22.45
CA ALA B 424 -19.89 51.49 -23.75
C ALA B 424 -21.13 50.89 -24.42
N LEU B 425 -21.22 49.56 -24.44
CA LEU B 425 -22.39 48.91 -25.02
C LEU B 425 -23.64 49.21 -24.22
N LEU B 426 -23.56 49.08 -22.88
CA LEU B 426 -24.69 49.41 -22.02
C LEU B 426 -25.19 50.83 -22.22
N ARG B 427 -24.37 51.68 -22.85
CA ARG B 427 -24.74 53.06 -23.17
C ARG B 427 -25.45 53.15 -24.50
N LEU B 428 -24.90 52.52 -25.55
CA LEU B 428 -25.54 52.53 -26.86
C LEU B 428 -26.85 51.76 -26.85
N PHE B 429 -26.87 50.59 -26.21
CA PHE B 429 -28.09 49.83 -26.05
C PHE B 429 -28.91 50.40 -24.90
N ALA B 430 -30.12 50.85 -25.19
CA ALA B 430 -30.95 51.49 -24.18
C ALA B 430 -31.91 50.46 -23.57
N PRO B 431 -31.77 50.13 -22.28
CA PRO B 431 -32.68 49.21 -21.59
C PRO B 431 -33.79 49.92 -20.84
N GLY B 439 -39.56 39.40 -6.80
CA GLY B 439 -40.45 38.80 -5.82
C GLY B 439 -40.29 37.29 -5.74
N PHE B 440 -39.94 36.79 -4.56
CA PHE B 440 -39.56 35.39 -4.38
C PHE B 440 -40.29 34.80 -3.19
N PRO B 441 -41.31 33.98 -3.40
CA PRO B 441 -42.04 33.38 -2.28
C PRO B 441 -41.51 32.02 -1.86
N TRP B 442 -40.71 31.38 -2.70
CA TRP B 442 -40.21 30.05 -2.38
C TRP B 442 -39.02 30.07 -1.43
N LEU B 443 -38.27 31.17 -1.36
CA LEU B 443 -37.21 31.30 -0.36
C LEU B 443 -37.75 31.62 1.02
N ALA B 444 -39.05 31.91 1.14
CA ALA B 444 -39.59 32.37 2.41
C ALA B 444 -39.44 31.36 3.55
N PRO B 445 -39.87 30.10 3.42
CA PRO B 445 -39.73 29.18 4.56
C PRO B 445 -38.30 28.82 4.87
N VAL B 446 -37.37 28.96 3.91
CA VAL B 446 -35.98 28.61 4.16
C VAL B 446 -35.34 29.65 5.07
N ASP B 447 -35.47 30.93 4.72
CA ASP B 447 -34.86 31.99 5.52
C ASP B 447 -35.51 32.09 6.90
N ASP B 448 -36.82 31.80 6.99
CA ASP B 448 -37.47 31.78 8.29
C ASP B 448 -36.81 30.79 9.23
N TYR B 449 -36.50 29.59 8.72
CA TYR B 449 -35.73 28.64 9.50
C TYR B 449 -34.29 29.13 9.68
N LEU B 450 -33.70 29.66 8.62
CA LEU B 450 -32.29 30.04 8.67
C LEU B 450 -32.06 31.24 9.58
N ASP B 451 -32.76 32.34 9.31
CA ASP B 451 -32.50 33.57 10.07
C ASP B 451 -32.90 33.43 11.54
N ARG B 452 -33.91 32.62 11.84
CA ARG B 452 -34.25 32.36 13.23
C ARG B 452 -33.32 31.38 13.90
N HIS B 453 -32.50 30.65 13.12
CA HIS B 453 -31.65 29.61 13.71
C HIS B 453 -30.26 29.55 13.09
N ARG B 454 -29.77 30.64 12.49
CA ARG B 454 -28.38 30.65 12.04
C ARG B 454 -27.43 31.03 13.17
N LYS B 455 -27.90 31.01 14.41
CA LYS B 455 -27.07 31.23 15.58
C LYS B 455 -26.39 29.92 16.01
N PRO B 456 -27.11 28.78 16.12
CA PRO B 456 -26.42 27.54 16.48
C PRO B 456 -26.00 26.69 15.28
N ILE B 457 -26.67 26.87 14.13
CA ILE B 457 -26.27 26.18 12.91
C ILE B 457 -24.79 26.45 12.63
N LEU B 458 -24.40 27.72 12.74
CA LEU B 458 -23.00 28.10 12.66
C LEU B 458 -22.16 27.31 13.65
N ILE B 459 -22.57 27.32 14.91
CA ILE B 459 -21.87 26.55 15.94
C ILE B 459 -22.00 25.06 15.67
N GLY B 460 -23.10 24.64 15.05
CA GLY B 460 -23.32 23.24 14.74
C GLY B 460 -22.30 22.67 13.78
N THR B 461 -22.23 23.23 12.57
CA THR B 461 -21.29 22.72 11.57
C THR B 461 -19.85 22.91 12.04
N LEU B 462 -19.56 24.02 12.74
CA LEU B 462 -18.22 24.21 13.28
C LEU B 462 -17.85 23.10 14.25
N ALA B 463 -18.83 22.55 14.96
CA ALA B 463 -18.56 21.37 15.77
C ALA B 463 -18.39 20.12 14.91
N VAL B 464 -19.12 20.05 13.79
CA VAL B 464 -19.03 18.87 12.93
C VAL B 464 -17.78 18.90 12.07
N VAL B 465 -17.30 20.09 11.68
CA VAL B 465 -16.05 20.14 10.94
C VAL B 465 -14.86 19.83 11.85
N ILE B 466 -15.05 19.91 13.16
CA ILE B 466 -14.05 19.37 14.08
C ILE B 466 -14.33 17.90 14.39
N GLY B 467 -15.58 17.47 14.26
CA GLY B 467 -15.90 16.07 14.49
C GLY B 467 -15.36 15.16 13.41
N ALA B 468 -15.50 15.57 12.15
CA ALA B 468 -14.96 14.81 11.03
C ALA B 468 -13.48 15.11 10.78
N LEU B 469 -12.84 15.88 11.65
CA LEU B 469 -11.41 16.16 11.49
C LEU B 469 -10.56 14.89 11.50
N PRO B 470 -10.82 13.87 12.32
CA PRO B 470 -10.03 12.63 12.22
C PRO B 470 -10.19 11.90 10.90
N LEU B 471 -11.26 12.15 10.15
CA LEU B 471 -11.41 11.51 8.85
C LEU B 471 -10.28 11.85 7.89
N LEU B 472 -9.60 12.97 8.11
CA LEU B 472 -8.47 13.35 7.26
C LEU B 472 -7.31 12.37 7.36
N ALA B 473 -7.30 11.51 8.39
CA ALA B 473 -6.26 10.49 8.47
C ALA B 473 -6.37 9.50 7.32
N PHE B 474 -7.58 9.22 6.86
CA PHE B 474 -7.81 8.32 5.74
C PHE B 474 -7.77 9.03 4.39
N LEU B 475 -7.27 10.27 4.36
CA LEU B 475 -7.10 10.99 3.10
C LEU B 475 -5.93 10.38 2.34
N HIS B 476 -6.22 9.70 1.24
CA HIS B 476 -5.23 8.90 0.53
C HIS B 476 -4.89 9.53 -0.81
N PHE B 477 -3.60 9.48 -1.17
CA PHE B 477 -3.12 10.00 -2.43
C PHE B 477 -3.07 8.89 -3.48
N ASP B 478 -3.22 9.26 -4.73
CA ASP B 478 -3.12 8.35 -5.86
C ASP B 478 -1.84 8.65 -6.63
N PHE B 479 -1.04 7.63 -6.89
CA PHE B 479 0.33 7.83 -7.33
C PHE B 479 0.62 7.41 -8.76
N ASN B 480 -0.13 6.45 -9.32
CA ASN B 480 0.29 6.07 -10.67
C ASN B 480 -0.57 6.78 -11.72
N PRO B 481 0.06 7.41 -12.72
CA PRO B 481 -0.73 8.14 -13.73
C PRO B 481 -1.58 7.25 -14.62
N LEU B 482 -1.41 5.93 -14.58
CA LEU B 482 -2.20 5.05 -15.42
C LEU B 482 -3.69 5.25 -15.21
N HIS B 483 -4.09 5.57 -13.97
CA HIS B 483 -5.50 5.72 -13.66
C HIS B 483 -6.13 6.92 -14.38
N LEU B 484 -5.37 8.00 -14.61
CA LEU B 484 -5.96 9.23 -15.11
C LEU B 484 -5.71 9.50 -16.60
N LYS B 485 -5.20 8.54 -17.36
CA LYS B 485 -4.89 8.76 -18.76
C LYS B 485 -5.82 8.02 -19.70
N ASP B 486 -7.08 7.79 -19.28
CA ASP B 486 -8.07 7.11 -20.10
C ASP B 486 -7.64 5.67 -20.37
N PRO B 487 -7.85 4.77 -19.41
CA PRO B 487 -7.37 3.38 -19.59
C PRO B 487 -8.06 2.63 -20.72
N HIS B 488 -9.19 3.13 -21.22
CA HIS B 488 -9.90 2.48 -22.31
C HIS B 488 -9.51 3.01 -23.68
N SER B 489 -8.56 3.95 -23.75
CA SER B 489 -8.04 4.37 -25.05
C SER B 489 -7.28 3.23 -25.69
N GLU B 490 -7.06 3.35 -27.01
CA GLU B 490 -6.43 2.26 -27.76
C GLU B 490 -5.02 1.99 -27.25
N SER B 491 -4.23 3.05 -27.08
CA SER B 491 -2.84 2.86 -26.70
C SER B 491 -2.70 2.43 -25.24
N MET B 492 -3.60 2.89 -24.37
CA MET B 492 -3.52 2.50 -22.96
C MET B 492 -4.12 1.14 -22.70
N SER B 493 -5.08 0.70 -23.55
CA SER B 493 -5.66 -0.62 -23.36
C SER B 493 -4.66 -1.72 -23.67
N THR B 494 -3.82 -1.51 -24.70
CA THR B 494 -2.79 -2.49 -25.02
C THR B 494 -1.60 -2.39 -24.08
N LEU B 495 -1.21 -1.15 -23.73
CA LEU B 495 -0.12 -0.97 -22.77
C LEU B 495 -0.41 -1.71 -21.47
N LEU B 496 -1.64 -1.60 -20.97
CA LEU B 496 -2.02 -2.35 -19.78
C LEU B 496 -2.15 -3.84 -20.06
N ALA B 497 -2.34 -4.23 -21.32
CA ALA B 497 -2.53 -5.63 -21.64
C ALA B 497 -1.24 -6.43 -21.52
N LEU B 498 -0.16 -5.94 -22.16
CA LEU B 498 1.10 -6.65 -22.21
C LEU B 498 2.00 -6.34 -21.01
N LYS B 499 1.42 -5.94 -19.88
CA LYS B 499 2.23 -5.62 -18.70
C LYS B 499 2.97 -6.86 -18.19
N ASP B 500 2.30 -8.00 -18.16
CA ASP B 500 2.89 -9.26 -17.68
C ASP B 500 3.60 -10.02 -18.78
N SER B 501 4.33 -9.33 -19.65
CA SER B 501 5.03 -9.97 -20.74
C SER B 501 6.54 -9.75 -20.62
N PRO B 502 7.36 -10.74 -20.94
CA PRO B 502 8.80 -10.64 -20.68
C PRO B 502 9.51 -9.60 -21.52
N GLU B 503 9.47 -9.74 -22.84
CA GLU B 503 10.14 -8.80 -23.72
C GLU B 503 9.38 -7.49 -23.91
N ALA B 504 8.16 -7.40 -23.40
CA ALA B 504 7.41 -6.14 -23.43
C ALA B 504 8.04 -5.18 -22.45
N ALA B 505 8.78 -4.20 -22.97
CA ALA B 505 9.54 -3.27 -22.14
C ALA B 505 8.62 -2.17 -21.58
N VAL B 506 7.62 -2.61 -20.81
CA VAL B 506 6.67 -1.67 -20.24
C VAL B 506 7.19 -1.04 -18.96
N ASN B 507 7.81 -1.85 -18.08
CA ASN B 507 8.14 -1.40 -16.74
C ASN B 507 9.62 -1.52 -16.41
N ASP B 508 10.49 -1.78 -17.39
CA ASP B 508 11.92 -1.90 -17.13
C ASP B 508 12.61 -0.56 -17.35
N VAL B 509 13.45 -0.18 -16.38
CA VAL B 509 14.27 1.02 -16.51
C VAL B 509 15.50 0.68 -17.32
N THR B 510 16.07 1.71 -17.97
CA THR B 510 17.16 1.52 -18.93
C THR B 510 18.39 2.31 -18.46
N LEU B 511 19.33 1.61 -17.83
CA LEU B 511 20.59 2.21 -17.40
C LEU B 511 21.63 2.07 -18.50
N LEU B 512 22.38 3.14 -18.74
CA LEU B 512 23.43 3.16 -19.74
C LEU B 512 24.79 2.93 -19.09
N ALA B 513 25.71 2.40 -19.88
CA ALA B 513 27.05 2.05 -19.41
C ALA B 513 28.07 2.35 -20.49
N PRO B 514 29.33 2.59 -20.11
CA PRO B 514 30.34 2.91 -21.12
C PRO B 514 30.62 1.77 -22.10
N SER B 515 30.93 0.58 -21.59
CA SER B 515 31.25 -0.56 -22.42
C SER B 515 30.30 -1.71 -22.10
N LEU B 516 30.39 -2.77 -22.91
CA LEU B 516 29.59 -3.96 -22.65
C LEU B 516 30.09 -4.70 -21.42
N ALA B 517 31.40 -4.68 -21.17
CA ALA B 517 31.93 -5.27 -19.95
C ALA B 517 31.47 -4.50 -18.73
N ASP B 518 31.39 -3.17 -18.83
CA ASP B 518 30.85 -2.37 -17.74
C ASP B 518 29.38 -2.64 -17.53
N ALA B 519 28.62 -2.79 -18.63
CA ALA B 519 27.20 -3.06 -18.52
C ALA B 519 26.94 -4.41 -17.85
N ASP B 520 27.79 -5.39 -18.14
CA ASP B 520 27.66 -6.69 -17.50
C ASP B 520 28.03 -6.61 -16.02
N ALA B 521 29.04 -5.80 -15.69
CA ALA B 521 29.38 -5.58 -14.29
C ALA B 521 28.24 -4.87 -13.56
N ALA B 522 27.59 -3.92 -14.24
CA ALA B 522 26.41 -3.29 -13.66
C ALA B 522 25.24 -4.26 -13.59
N ALA B 523 25.13 -5.18 -14.56
CA ALA B 523 24.03 -6.14 -14.55
C ALA B 523 24.10 -7.08 -13.37
N LYS B 524 25.30 -7.44 -12.92
CA LYS B 524 25.44 -8.31 -11.76
C LYS B 524 25.11 -7.56 -10.47
N ARG B 525 25.57 -6.31 -10.36
CA ARG B 525 25.27 -5.50 -9.18
C ARG B 525 23.77 -5.36 -8.98
N LEU B 526 22.99 -5.34 -10.06
CA LEU B 526 21.55 -5.17 -9.94
C LEU B 526 20.85 -6.48 -9.58
N ASP B 527 21.26 -7.60 -10.20
CA ASP B 527 20.67 -8.88 -9.86
C ASP B 527 20.90 -9.28 -8.42
N ALA B 528 21.80 -8.59 -7.70
CA ALA B 528 21.95 -8.80 -6.27
C ALA B 528 20.82 -8.16 -5.48
N LEU B 529 20.05 -7.25 -6.10
CA LEU B 529 18.94 -6.60 -5.42
C LEU B 529 17.71 -7.51 -5.44
N PRO B 530 16.92 -7.54 -4.36
CA PRO B 530 15.78 -8.46 -4.30
C PRO B 530 14.66 -8.12 -5.27
N GLU B 531 14.54 -6.86 -5.69
CA GLU B 531 13.43 -6.42 -6.53
C GLU B 531 13.81 -6.27 -8.00
N VAL B 532 15.09 -6.49 -8.35
CA VAL B 532 15.53 -6.22 -9.72
C VAL B 532 15.09 -7.34 -10.65
N GLY B 533 15.50 -8.58 -10.38
CA GLY B 533 15.08 -9.70 -11.21
C GLY B 533 15.80 -9.74 -12.54
N ARG B 534 15.05 -9.76 -13.63
CA ARG B 534 15.61 -9.97 -14.96
C ARG B 534 16.30 -8.73 -15.48
N THR B 535 17.56 -8.88 -15.89
CA THR B 535 18.32 -7.85 -16.59
C THR B 535 18.97 -8.47 -17.81
N THR B 536 18.81 -7.81 -18.96
CA THR B 536 19.31 -8.32 -20.24
C THR B 536 20.26 -7.32 -20.87
N THR B 537 21.34 -7.84 -21.43
CA THR B 537 22.33 -7.06 -22.16
C THR B 537 22.57 -7.75 -23.50
N LEU B 538 23.47 -7.20 -24.32
CA LEU B 538 23.83 -7.86 -25.57
C LEU B 538 24.53 -9.18 -25.30
N SER B 539 25.32 -9.25 -24.22
CA SER B 539 25.96 -10.50 -23.83
C SER B 539 24.96 -11.53 -23.34
N THR B 540 23.76 -11.09 -22.94
CA THR B 540 22.73 -12.04 -22.53
C THR B 540 22.24 -12.89 -23.69
N PHE B 541 22.39 -12.42 -24.92
CA PHE B 541 21.91 -13.14 -26.08
C PHE B 541 22.90 -14.18 -26.60
N ILE B 542 24.15 -14.16 -26.14
CA ILE B 542 25.13 -15.19 -26.46
C ILE B 542 25.06 -16.24 -25.36
N PRO B 543 24.53 -17.43 -25.62
CA PRO B 543 24.41 -18.43 -24.56
C PRO B 543 25.78 -18.87 -24.07
N ALA B 544 25.82 -19.30 -22.81
CA ALA B 544 27.07 -19.61 -22.11
C ALA B 544 27.92 -20.63 -22.86
N ASP B 545 27.49 -21.88 -22.88
CA ASP B 545 28.23 -22.96 -23.54
C ASP B 545 27.34 -23.57 -24.61
N GLN B 546 27.49 -23.09 -25.84
CA GLN B 546 26.73 -23.53 -26.99
C GLN B 546 27.20 -24.87 -27.57
N PRO B 547 28.51 -25.11 -27.75
CA PRO B 547 28.93 -26.36 -28.40
C PRO B 547 28.39 -27.62 -27.75
N GLU B 548 28.28 -27.64 -26.42
CA GLU B 548 27.72 -28.81 -25.75
C GLU B 548 26.25 -29.01 -26.11
N LYS B 549 25.51 -27.91 -26.28
CA LYS B 549 24.09 -28.01 -26.56
C LYS B 549 23.83 -28.54 -27.97
N ARG B 550 24.60 -28.05 -28.95
CA ARG B 550 24.36 -28.46 -30.34
C ARG B 550 24.56 -29.96 -30.54
N ALA B 551 25.48 -30.57 -29.78
CA ALA B 551 25.68 -32.01 -29.88
C ALA B 551 24.41 -32.76 -29.50
N ALA B 552 23.80 -32.39 -28.37
CA ALA B 552 22.52 -32.98 -27.99
C ALA B 552 21.43 -32.63 -28.99
N ILE B 553 21.52 -31.45 -29.62
CA ILE B 553 20.54 -31.06 -30.63
C ILE B 553 20.80 -31.79 -31.94
N ALA B 554 22.07 -31.97 -32.30
CA ALA B 554 22.39 -32.69 -33.54
C ALA B 554 21.96 -34.15 -33.46
N THR B 555 22.13 -34.76 -32.28
CA THR B 555 21.66 -36.14 -32.11
C THR B 555 20.15 -36.23 -32.21
N ALA B 556 19.44 -35.29 -31.58
CA ALA B 556 17.98 -35.25 -31.68
C ALA B 556 17.52 -34.88 -33.08
N ALA B 557 18.35 -34.17 -33.85
CA ALA B 557 17.99 -33.81 -35.22
C ALA B 557 18.27 -34.94 -36.20
N SER B 558 19.21 -35.84 -35.88
CA SER B 558 19.53 -36.93 -36.80
C SER B 558 18.40 -37.94 -36.90
N THR B 559 17.61 -38.10 -35.84
CA THR B 559 16.51 -39.05 -35.85
C THR B 559 15.15 -38.42 -36.10
N LEU B 560 15.02 -37.10 -35.87
CA LEU B 560 13.72 -36.44 -36.03
C LEU B 560 13.55 -35.86 -37.43
N LEU B 561 14.57 -35.17 -37.95
CA LEU B 561 14.44 -34.53 -39.25
C LEU B 561 14.11 -35.52 -40.38
N PRO B 562 14.63 -36.76 -40.39
CA PRO B 562 14.09 -37.73 -41.36
C PRO B 562 12.61 -38.00 -41.17
N ALA B 563 12.12 -37.98 -39.94
CA ALA B 563 10.71 -38.21 -39.65
C ALA B 563 9.87 -36.94 -39.69
N LEU B 564 10.50 -35.77 -39.77
CA LEU B 564 9.77 -34.51 -39.87
C LEU B 564 9.48 -34.11 -41.31
N THR B 565 10.38 -34.43 -42.23
CA THR B 565 10.20 -34.10 -43.65
C THR B 565 9.77 -35.37 -44.38
N GLN B 566 8.47 -35.62 -44.37
CA GLN B 566 7.85 -36.78 -44.99
C GLN B 566 7.15 -36.36 -46.28
N PRO B 567 6.87 -37.31 -47.17
CA PRO B 567 6.15 -36.99 -48.41
C PRO B 567 4.77 -36.43 -48.10
N PRO B 568 4.18 -35.68 -49.03
CA PRO B 568 2.88 -35.07 -48.77
C PRO B 568 1.78 -36.11 -48.59
N ALA B 569 0.70 -35.65 -47.98
CA ALA B 569 -0.46 -36.49 -47.65
C ALA B 569 -1.52 -36.40 -48.73
N PRO B 570 -2.35 -37.42 -48.88
CA PRO B 570 -3.41 -37.38 -49.88
C PRO B 570 -4.58 -36.52 -49.41
N PRO B 571 -5.09 -35.63 -50.27
CA PRO B 571 -6.31 -34.88 -49.92
C PRO B 571 -7.48 -35.83 -49.72
N ALA B 572 -7.77 -36.17 -48.46
CA ALA B 572 -8.80 -37.14 -48.16
C ALA B 572 -10.17 -36.63 -48.56
N THR B 573 -10.96 -37.47 -49.21
CA THR B 573 -12.32 -37.11 -49.59
C THR B 573 -13.19 -36.95 -48.34
N ASP B 574 -14.41 -36.46 -48.55
CA ASP B 574 -15.30 -36.20 -47.43
C ASP B 574 -15.80 -37.50 -46.79
N ALA B 575 -15.94 -38.57 -47.58
CA ALA B 575 -16.45 -39.83 -47.06
C ALA B 575 -15.50 -40.44 -46.04
N GLN B 576 -14.19 -40.42 -46.34
CA GLN B 576 -13.21 -40.92 -45.39
C GLN B 576 -13.14 -40.05 -44.13
N ARG B 577 -13.53 -38.78 -44.23
CA ARG B 577 -13.46 -37.89 -43.09
C ARG B 577 -14.53 -38.25 -42.06
N VAL B 578 -15.78 -38.40 -42.49
CA VAL B 578 -16.84 -38.78 -41.56
C VAL B 578 -16.58 -40.17 -41.01
N ALA B 579 -16.01 -41.06 -41.82
CA ALA B 579 -15.65 -42.39 -41.34
C ALA B 579 -14.56 -42.31 -40.28
N ALA B 580 -13.53 -41.51 -40.53
CA ALA B 580 -12.46 -41.35 -39.55
C ALA B 580 -12.96 -40.68 -38.27
N LEU B 581 -13.97 -39.81 -38.38
CA LEU B 581 -14.53 -39.17 -37.20
C LEU B 581 -15.43 -40.10 -36.42
N LYS B 582 -16.28 -40.85 -37.11
CA LYS B 582 -17.15 -41.81 -36.43
C LYS B 582 -16.34 -42.96 -35.85
N ARG B 583 -15.33 -43.43 -36.58
CA ARG B 583 -14.52 -44.54 -36.08
C ARG B 583 -13.58 -44.09 -34.96
N ALA B 584 -13.25 -42.81 -34.88
CA ALA B 584 -12.50 -42.30 -33.75
C ALA B 584 -13.40 -41.99 -32.56
N SER B 585 -14.65 -41.60 -32.83
CA SER B 585 -15.59 -41.34 -31.74
C SER B 585 -16.01 -42.65 -31.07
N ASP B 586 -16.40 -43.63 -31.86
CA ASP B 586 -16.85 -44.90 -31.29
C ASP B 586 -15.72 -45.63 -30.58
N LEU B 587 -14.48 -45.46 -31.04
CA LEU B 587 -13.35 -46.07 -30.35
C LEU B 587 -13.03 -45.35 -29.06
N LEU B 588 -13.36 -44.06 -28.96
CA LEU B 588 -13.17 -43.34 -27.71
C LEU B 588 -14.19 -43.78 -26.65
N GLY B 589 -15.40 -44.14 -27.08
CA GLY B 589 -16.39 -44.60 -26.12
C GLY B 589 -16.00 -45.91 -25.47
N TYR B 590 -15.60 -46.90 -26.30
CA TYR B 590 -15.18 -48.19 -25.76
C TYR B 590 -13.89 -48.06 -24.95
N ALA B 591 -13.07 -47.05 -25.25
CA ALA B 591 -11.84 -46.86 -24.48
C ALA B 591 -12.14 -46.35 -23.07
N ALA B 592 -13.24 -45.62 -22.90
CA ALA B 592 -13.60 -45.08 -21.60
C ALA B 592 -14.37 -46.06 -20.73
N GLU B 593 -15.09 -47.01 -21.33
CA GLU B 593 -15.82 -48.00 -20.56
C GLU B 593 -14.97 -49.24 -20.26
N ASP B 594 -14.17 -49.69 -21.23
CA ASP B 594 -13.34 -50.86 -21.00
C ASP B 594 -12.15 -50.52 -20.11
N HIS B 595 -11.60 -49.32 -20.26
CA HIS B 595 -10.52 -48.82 -19.40
C HIS B 595 -11.04 -47.68 -18.56
N PRO B 596 -11.67 -47.95 -17.41
CA PRO B 596 -12.18 -46.86 -16.57
C PRO B 596 -11.06 -46.18 -15.79
N GLY B 597 -11.10 -44.85 -15.76
CA GLY B 597 -10.10 -44.08 -15.07
C GLY B 597 -10.45 -42.60 -15.05
N PRO B 598 -9.49 -41.76 -14.65
CA PRO B 598 -9.75 -40.31 -14.63
C PRO B 598 -9.89 -39.72 -16.02
N GLY B 599 -9.22 -40.28 -17.03
CA GLY B 599 -9.39 -39.84 -18.39
C GLY B 599 -10.59 -40.42 -19.10
N ALA B 600 -11.24 -41.43 -18.51
CA ALA B 600 -12.41 -42.02 -19.13
C ALA B 600 -13.57 -41.03 -19.19
N ALA B 601 -13.71 -40.19 -18.15
CA ALA B 601 -14.71 -39.14 -18.19
C ALA B 601 -14.38 -38.09 -19.24
N ALA B 602 -13.10 -37.90 -19.55
CA ALA B 602 -12.69 -37.00 -20.62
C ALA B 602 -12.74 -37.65 -21.99
N ALA B 603 -12.52 -38.96 -22.07
CA ALA B 603 -12.59 -39.65 -23.35
C ALA B 603 -14.02 -39.68 -23.88
N GLN B 604 -15.00 -39.94 -23.00
CA GLN B 604 -16.39 -39.92 -23.43
C GLN B 604 -16.85 -38.52 -23.84
N HIS B 605 -16.26 -37.48 -23.23
CA HIS B 605 -16.56 -36.13 -23.65
C HIS B 605 -16.14 -35.88 -25.09
N LEU B 606 -15.09 -36.56 -25.54
CA LEU B 606 -14.66 -36.40 -26.93
C LEU B 606 -15.55 -37.19 -27.89
N SER B 607 -16.04 -38.34 -27.45
CA SER B 607 -16.96 -39.13 -28.28
C SER B 607 -18.24 -38.36 -28.56
N GLN B 608 -18.80 -37.69 -27.54
CA GLN B 608 -20.00 -36.90 -27.75
C GLN B 608 -19.75 -35.77 -28.74
N SER B 609 -18.53 -35.22 -28.76
CA SER B 609 -18.23 -34.11 -29.67
C SER B 609 -17.88 -34.61 -31.06
N LEU B 610 -17.09 -35.68 -31.17
CA LEU B 610 -16.70 -36.16 -32.49
C LEU B 610 -17.88 -36.75 -33.25
N ALA B 611 -18.75 -37.49 -32.54
CA ALA B 611 -19.92 -38.05 -33.21
C ALA B 611 -20.87 -36.94 -33.66
N LYS B 612 -20.99 -35.87 -32.88
CA LYS B 612 -21.79 -34.73 -33.31
C LYS B 612 -21.09 -33.97 -34.43
N LEU B 613 -19.76 -33.87 -34.37
CA LEU B 613 -19.01 -33.23 -35.45
C LEU B 613 -19.05 -34.07 -36.72
N ALA B 614 -19.01 -35.39 -36.59
CA ALA B 614 -19.08 -36.27 -37.76
C ALA B 614 -20.43 -36.15 -38.44
N ALA B 615 -21.51 -36.14 -37.66
CA ALA B 615 -22.86 -36.01 -38.19
C ALA B 615 -23.29 -34.55 -38.38
N ALA B 616 -22.34 -33.63 -38.42
CA ALA B 616 -22.65 -32.21 -38.59
C ALA B 616 -22.71 -31.85 -40.07
N ASP B 617 -22.23 -30.66 -40.41
CA ASP B 617 -22.24 -30.16 -41.77
C ASP B 617 -20.90 -30.48 -42.44
N SER B 618 -20.68 -29.92 -43.63
CA SER B 618 -19.42 -30.06 -44.34
C SER B 618 -18.52 -28.84 -44.20
N ALA B 619 -19.10 -27.64 -44.19
CA ALA B 619 -18.30 -26.43 -43.98
C ALA B 619 -17.73 -26.38 -42.57
N THR B 620 -18.47 -26.91 -41.58
CA THR B 620 -17.96 -26.95 -40.21
C THR B 620 -16.80 -27.92 -40.05
N ARG B 621 -16.64 -28.87 -40.97
CA ARG B 621 -15.54 -29.82 -40.90
C ARG B 621 -14.29 -29.33 -41.63
N ASP B 622 -14.46 -28.46 -42.64
CA ASP B 622 -13.29 -27.84 -43.25
C ASP B 622 -12.70 -26.77 -42.34
N ARG B 623 -13.55 -26.05 -41.61
CA ARG B 623 -13.06 -25.08 -40.64
C ARG B 623 -12.41 -25.79 -39.45
N ALA B 624 -12.98 -26.91 -39.00
CA ALA B 624 -12.38 -27.66 -37.91
C ALA B 624 -11.03 -28.24 -38.31
N GLU B 625 -10.90 -28.68 -39.55
CA GLU B 625 -9.61 -29.15 -40.03
C GLU B 625 -8.58 -28.03 -40.03
N ARG B 626 -8.99 -26.82 -40.38
CA ARG B 626 -8.08 -25.69 -40.39
C ARG B 626 -7.62 -25.33 -38.98
N ALA B 627 -8.48 -25.54 -37.98
CA ALA B 627 -8.10 -25.32 -36.59
C ALA B 627 -7.28 -26.45 -36.01
N PHE B 628 -7.20 -27.59 -36.69
CA PHE B 628 -6.42 -28.75 -36.26
C PHE B 628 -5.18 -28.99 -37.10
N ALA B 629 -5.27 -28.80 -38.42
CA ALA B 629 -4.19 -29.14 -39.35
C ALA B 629 -3.27 -27.97 -39.65
N ASP B 630 -3.83 -26.81 -40.01
CA ASP B 630 -3.00 -25.66 -40.36
C ASP B 630 -2.09 -25.27 -39.21
N THR B 631 -2.58 -25.40 -37.97
CA THR B 631 -1.72 -25.19 -36.81
C THR B 631 -0.67 -26.30 -36.70
N LEU B 632 -1.02 -27.53 -37.06
CA LEU B 632 -0.05 -28.62 -37.02
C LEU B 632 1.01 -28.47 -38.10
N ARG B 633 0.65 -27.91 -39.26
CA ARG B 633 1.65 -27.66 -40.29
C ARG B 633 2.55 -26.49 -39.92
N ILE B 634 2.04 -25.55 -39.12
CA ILE B 634 2.88 -24.45 -38.64
C ILE B 634 3.70 -24.90 -37.44
N ALA B 635 3.15 -25.78 -36.59
CA ALA B 635 3.89 -26.26 -35.44
C ALA B 635 5.08 -27.12 -35.88
N LEU B 636 4.91 -27.91 -36.94
CA LEU B 636 6.02 -28.73 -37.42
C LEU B 636 7.09 -27.89 -38.10
N ASN B 637 6.71 -26.79 -38.75
CA ASN B 637 7.71 -25.88 -39.31
C ASN B 637 8.54 -25.23 -38.21
N GLN B 638 7.90 -24.90 -37.08
CA GLN B 638 8.65 -24.36 -35.94
C GLN B 638 9.63 -25.37 -35.38
N LEU B 639 9.29 -26.66 -35.43
CA LEU B 639 10.17 -27.69 -34.89
C LEU B 639 11.36 -27.96 -35.81
N ALA B 640 11.10 -28.05 -37.12
CA ALA B 640 12.18 -28.28 -38.07
C ALA B 640 13.16 -27.12 -38.09
N ALA B 641 12.67 -25.89 -37.91
CA ALA B 641 13.56 -24.73 -37.85
C ALA B 641 14.30 -24.66 -36.52
N LEU B 642 13.67 -25.08 -35.43
CA LEU B 642 14.29 -24.98 -34.11
C LEU B 642 15.40 -25.99 -33.91
N LEU B 643 15.40 -27.09 -34.65
CA LEU B 643 16.37 -28.16 -34.48
C LEU B 643 17.65 -27.94 -35.27
N GLN B 644 17.81 -26.77 -35.91
CA GLN B 644 18.97 -26.46 -36.73
C GLN B 644 19.56 -25.13 -36.31
N PRO B 645 20.27 -25.09 -35.17
CA PRO B 645 20.88 -23.83 -34.73
C PRO B 645 22.27 -23.61 -35.31
N GLN B 646 22.93 -22.53 -34.90
CA GLN B 646 24.28 -22.23 -35.37
C GLN B 646 25.06 -21.56 -34.24
N GLU B 647 26.34 -21.35 -34.49
CA GLU B 647 27.20 -20.68 -33.52
C GLU B 647 26.75 -19.24 -33.32
N ILE B 648 26.82 -18.78 -32.06
CA ILE B 648 26.45 -17.41 -31.70
C ILE B 648 27.64 -16.80 -30.98
N THR B 649 28.38 -15.95 -31.67
CA THR B 649 29.42 -15.11 -31.10
C THR B 649 29.05 -13.66 -31.37
N ARG B 650 29.75 -12.75 -30.68
CA ARG B 650 29.44 -11.33 -30.78
C ARG B 650 29.40 -10.86 -32.24
N ASP B 651 30.31 -11.37 -33.06
CA ASP B 651 30.36 -10.99 -34.47
C ASP B 651 29.37 -11.75 -35.33
N THR B 652 28.76 -12.82 -34.81
CA THR B 652 27.77 -13.59 -35.55
C THR B 652 26.34 -13.16 -35.23
N LEU B 653 26.16 -11.99 -34.62
CA LEU B 653 24.85 -11.47 -34.28
C LEU B 653 24.26 -10.67 -35.42
N PRO B 654 22.93 -10.50 -35.44
CA PRO B 654 22.32 -9.65 -36.45
C PRO B 654 22.76 -8.21 -36.28
N PRO B 655 22.77 -7.43 -37.35
CA PRO B 655 23.18 -6.02 -37.25
C PRO B 655 22.26 -5.20 -36.36
N PRO B 656 20.93 -5.22 -36.55
CA PRO B 656 20.09 -4.33 -35.73
C PRO B 656 20.03 -4.75 -34.27
N LEU B 657 20.22 -6.04 -33.97
CA LEU B 657 20.23 -6.48 -32.58
C LEU B 657 21.37 -5.85 -31.81
N VAL B 658 22.50 -5.58 -32.46
CA VAL B 658 23.59 -4.88 -31.81
C VAL B 658 23.29 -3.38 -31.72
N ARG B 659 22.71 -2.81 -32.79
CA ARG B 659 22.36 -1.39 -32.77
C ARG B 659 21.36 -1.07 -31.67
N ASP B 660 20.48 -2.01 -31.34
CA ASP B 660 19.53 -1.78 -30.26
C ASP B 660 20.18 -1.83 -28.89
N TRP B 661 21.34 -2.48 -28.77
CA TRP B 661 22.01 -2.63 -27.48
C TRP B 661 23.37 -1.96 -27.41
N VAL B 662 24.05 -1.73 -28.54
CA VAL B 662 25.31 -1.00 -28.56
C VAL B 662 25.28 -0.02 -29.73
N ALA B 663 25.43 1.27 -29.43
CA ALA B 663 25.49 2.33 -30.43
C ALA B 663 26.91 2.43 -30.97
N PRO B 664 27.24 3.45 -31.77
CA PRO B 664 28.65 3.80 -31.97
C PRO B 664 29.35 3.94 -30.62
N ASP B 665 30.66 3.64 -30.63
CA ASP B 665 31.42 3.39 -29.40
C ASP B 665 30.85 2.15 -28.72
N GLY B 666 31.08 1.99 -27.42
CA GLY B 666 30.63 0.83 -26.70
C GLY B 666 29.42 1.01 -25.82
N LYS B 667 28.68 2.11 -25.97
CA LYS B 667 27.56 2.42 -25.08
C LYS B 667 26.51 1.31 -25.10
N ALA B 668 26.36 0.61 -23.97
CA ALA B 668 25.45 -0.52 -23.86
C ALA B 668 24.46 -0.26 -22.73
N LEU B 669 23.18 -0.20 -23.07
CA LEU B 669 22.15 0.03 -22.07
C LEU B 669 21.73 -1.29 -21.45
N VAL B 670 21.27 -1.23 -20.20
CA VAL B 670 20.87 -2.39 -19.42
C VAL B 670 19.43 -2.20 -18.99
N GLN B 671 18.52 -2.93 -19.61
CA GLN B 671 17.12 -2.89 -19.21
C GLN B 671 16.91 -3.85 -18.04
N ILE B 672 16.02 -3.44 -17.12
CA ILE B 672 15.88 -4.09 -15.82
C ILE B 672 14.39 -4.34 -15.57
N SER B 673 13.89 -5.47 -16.04
CA SER B 673 12.50 -5.84 -15.77
C SER B 673 12.37 -6.30 -14.33
N PRO B 674 11.47 -5.70 -13.54
CA PRO B 674 11.43 -5.99 -12.11
C PRO B 674 11.12 -7.45 -11.80
N LYS B 675 11.51 -7.87 -10.61
CA LYS B 675 11.24 -9.23 -10.11
C LYS B 675 9.81 -9.23 -9.57
N VAL B 676 8.87 -9.51 -10.46
CA VAL B 676 7.44 -9.46 -10.13
C VAL B 676 7.03 -10.83 -9.58
N PRO B 677 6.67 -10.95 -8.32
CA PRO B 677 6.11 -12.22 -7.83
C PRO B 677 4.73 -12.44 -8.42
N LYS B 678 4.30 -13.71 -8.39
CA LYS B 678 3.13 -14.12 -9.16
C LYS B 678 1.86 -13.41 -8.69
N GLY B 679 1.74 -13.16 -7.39
CA GLY B 679 0.53 -12.54 -6.88
C GLY B 679 0.45 -11.06 -7.19
N VAL B 680 1.58 -10.36 -7.13
CA VAL B 680 1.59 -8.92 -7.37
C VAL B 680 1.28 -8.64 -8.84
N ASP B 681 0.33 -7.73 -9.09
CA ASP B 681 0.09 -7.35 -10.47
C ASP B 681 1.20 -6.41 -10.94
N PRO B 682 1.61 -6.52 -12.21
CA PRO B 682 2.84 -5.84 -12.67
C PRO B 682 2.77 -4.32 -12.72
N ASN B 683 1.65 -3.69 -12.35
CA ASN B 683 1.50 -2.26 -12.51
C ASN B 683 1.05 -1.57 -11.22
N ASP B 684 1.42 -2.11 -10.07
CA ASP B 684 1.01 -1.52 -8.81
C ASP B 684 2.00 -0.44 -8.36
N ASP B 685 1.58 0.35 -7.36
CA ASP B 685 2.42 1.42 -6.85
C ASP B 685 3.48 0.92 -5.88
N THR B 686 3.17 -0.14 -5.11
CA THR B 686 4.03 -0.51 -4.00
C THR B 686 5.36 -1.08 -4.48
N MET B 687 5.33 -2.04 -5.40
CA MET B 687 6.56 -2.72 -5.80
C MET B 687 7.32 -2.01 -6.90
N LEU B 688 6.63 -1.27 -7.78
CA LEU B 688 7.35 -0.51 -8.80
C LEU B 688 8.07 0.68 -8.19
N ARG B 689 7.52 1.26 -7.13
CA ARG B 689 8.27 2.28 -6.39
C ARG B 689 9.43 1.65 -5.62
N HIS B 690 9.18 0.49 -4.99
CA HIS B 690 10.25 -0.20 -4.29
C HIS B 690 11.36 -0.63 -5.26
N PHE B 691 10.98 -1.09 -6.44
CA PHE B 691 11.98 -1.45 -7.44
C PHE B 691 12.74 -0.24 -7.93
N ALA B 692 12.02 0.82 -8.35
CA ALA B 692 12.67 1.98 -8.95
C ALA B 692 13.54 2.72 -7.94
N THR B 693 13.16 2.72 -6.67
CA THR B 693 13.95 3.44 -5.66
C THR B 693 15.13 2.62 -5.17
N ALA B 694 15.14 1.31 -5.40
CA ALA B 694 16.26 0.46 -4.98
C ALA B 694 17.28 0.27 -6.09
N VAL B 695 16.82 0.14 -7.34
CA VAL B 695 17.74 0.03 -8.46
C VAL B 695 18.39 1.38 -8.77
N LYS B 696 17.73 2.48 -8.40
CA LYS B 696 18.36 3.80 -8.53
C LYS B 696 19.34 4.06 -7.40
N ALA B 697 19.02 3.60 -6.19
CA ALA B 697 19.96 3.70 -5.08
C ALA B 697 21.25 2.95 -5.38
N ALA B 698 21.16 1.86 -6.15
CA ALA B 698 22.36 1.17 -6.59
C ALA B 698 23.08 1.96 -7.68
N GLU B 699 22.43 2.13 -8.83
CA GLU B 699 23.03 2.85 -9.95
C GLU B 699 22.33 4.19 -10.15
N PRO B 700 22.97 5.31 -9.81
CA PRO B 700 22.33 6.62 -9.99
C PRO B 700 22.13 7.00 -11.45
N GLY B 701 22.74 6.31 -12.40
CA GLY B 701 22.59 6.63 -13.80
C GLY B 701 21.39 5.99 -14.48
N ALA B 702 20.48 5.38 -13.72
CA ALA B 702 19.38 4.63 -14.28
C ALA B 702 18.14 5.50 -14.37
N ILE B 703 17.59 5.62 -15.58
CA ILE B 703 16.31 6.27 -15.85
C ILE B 703 15.59 5.44 -16.92
N GLY B 704 14.36 5.83 -17.23
CA GLY B 704 13.68 5.22 -18.36
C GLY B 704 12.25 4.80 -18.10
N GLY B 705 11.99 4.19 -16.95
CA GLY B 705 10.67 3.68 -16.65
C GLY B 705 10.14 4.16 -15.33
N PRO B 706 9.85 3.23 -14.42
CA PRO B 706 9.36 3.62 -13.08
C PRO B 706 10.28 4.59 -12.35
N ILE B 707 11.56 4.65 -12.70
CA ILE B 707 12.45 5.65 -12.09
C ILE B 707 12.08 7.05 -12.57
N SER B 708 11.83 7.19 -13.87
CA SER B 708 11.43 8.50 -14.40
C SER B 708 10.01 8.86 -13.98
N ILE B 709 9.13 7.88 -13.84
CA ILE B 709 7.78 8.14 -13.34
C ILE B 709 7.81 8.53 -11.87
N LEU B 710 8.64 7.84 -11.08
CA LEU B 710 8.75 8.14 -9.66
C LEU B 710 9.27 9.55 -9.44
N HIS B 711 10.32 9.93 -10.16
CA HIS B 711 10.88 11.28 -9.99
C HIS B 711 9.94 12.34 -10.55
N SER B 712 9.15 12.00 -11.57
CA SER B 712 8.20 12.97 -12.10
C SER B 712 7.07 13.24 -11.12
N ALA B 713 6.72 12.26 -10.29
CA ALA B 713 5.68 12.48 -9.29
C ALA B 713 6.21 13.37 -8.16
N ASN B 714 7.46 13.18 -7.75
CA ASN B 714 8.04 14.03 -6.72
C ASN B 714 8.22 15.46 -7.18
N THR B 715 8.31 15.70 -8.49
CA THR B 715 8.33 17.06 -8.99
C THR B 715 6.95 17.69 -8.88
N ILE B 716 5.89 16.93 -9.16
CA ILE B 716 4.54 17.46 -9.10
C ILE B 716 4.12 17.67 -7.65
N ILE B 717 4.59 16.83 -6.72
CA ILE B 717 4.23 17.00 -5.33
C ILE B 717 4.89 18.26 -4.76
N SER B 718 6.17 18.46 -5.06
CA SER B 718 6.84 19.70 -4.69
C SER B 718 6.31 20.90 -5.47
N ALA B 719 5.33 20.71 -6.34
CA ALA B 719 4.77 21.80 -7.13
C ALA B 719 3.52 22.37 -6.47
N PHE B 720 2.47 21.56 -6.32
CA PHE B 720 1.23 22.07 -5.75
C PHE B 720 1.37 22.43 -4.29
N LEU B 721 2.35 21.86 -3.59
CA LEU B 721 2.61 22.26 -2.21
C LEU B 721 3.12 23.69 -2.15
N HIS B 722 3.95 24.08 -3.11
CA HIS B 722 4.41 25.47 -3.18
C HIS B 722 3.28 26.40 -3.62
N ALA B 723 2.53 26.00 -4.65
CA ALA B 723 1.46 26.85 -5.17
C ALA B 723 0.40 27.10 -4.10
N ALA B 724 0.07 26.09 -3.29
CA ALA B 724 -0.85 26.31 -2.19
C ALA B 724 -0.25 27.23 -1.13
N LEU B 725 1.06 27.17 -0.93
CA LEU B 725 1.73 28.10 -0.03
C LEU B 725 1.93 29.46 -0.67
N TRP B 726 2.02 29.52 -2.00
CA TRP B 726 2.18 30.80 -2.69
C TRP B 726 0.87 31.58 -2.74
N SER B 727 -0.25 30.89 -2.90
CA SER B 727 -1.52 31.57 -3.11
C SER B 727 -1.90 32.42 -1.90
N ILE B 728 -1.98 31.79 -0.73
CA ILE B 728 -2.40 32.48 0.49
C ILE B 728 -1.53 33.71 0.75
N ILE B 729 -0.21 33.54 0.65
CA ILE B 729 0.70 34.65 0.91
C ILE B 729 0.46 35.78 -0.08
N SER B 730 0.30 35.44 -1.36
CA SER B 730 -0.04 36.44 -2.36
C SER B 730 -1.48 36.92 -2.22
N ILE B 731 -2.31 36.19 -1.48
CA ILE B 731 -3.69 36.59 -1.25
C ILE B 731 -3.82 37.40 0.04
N THR B 732 -3.23 36.89 1.13
CA THR B 732 -3.31 37.59 2.41
C THR B 732 -2.68 38.97 2.32
N ILE B 733 -1.49 39.07 1.72
CA ILE B 733 -0.88 40.37 1.48
C ILE B 733 -1.79 41.22 0.60
N LEU B 734 -2.43 40.58 -0.38
CA LEU B 734 -3.35 41.30 -1.26
C LEU B 734 -4.58 41.79 -0.51
N LEU B 735 -5.06 40.99 0.45
CA LEU B 735 -6.20 41.42 1.26
C LEU B 735 -5.80 42.54 2.21
N TRP B 736 -4.62 42.45 2.80
CA TRP B 736 -4.16 43.47 3.75
C TRP B 736 -3.88 44.80 3.04
N ILE B 737 -3.54 44.77 1.76
CA ILE B 737 -3.28 46.00 1.02
C ILE B 737 -4.58 46.76 0.77
N THR B 738 -5.57 46.09 0.20
CA THR B 738 -6.83 46.77 -0.12
C THR B 738 -7.61 47.09 1.14
N LEU B 739 -7.97 46.06 1.93
CA LEU B 739 -8.57 46.26 3.24
C LEU B 739 -7.44 46.27 4.27
N ARG B 740 -7.18 47.44 4.85
CA ARG B 740 -6.06 47.57 5.78
C ARG B 740 -6.39 47.08 7.18
N ARG B 741 -7.65 46.76 7.47
CA ARG B 741 -8.02 46.25 8.78
C ARG B 741 -7.70 44.76 8.86
N PHE B 742 -6.86 44.38 9.82
CA PHE B 742 -6.56 42.96 10.01
C PHE B 742 -7.78 42.20 10.54
N GLY B 743 -8.75 42.91 11.12
CA GLY B 743 -10.04 42.30 11.40
C GLY B 743 -10.85 42.02 10.14
N ASP B 744 -10.49 42.65 9.02
CA ASP B 744 -11.10 42.35 7.74
C ASP B 744 -10.31 41.30 6.95
N VAL B 745 -9.05 41.07 7.30
CA VAL B 745 -8.27 40.03 6.64
C VAL B 745 -8.55 38.67 7.27
N LEU B 746 -8.54 38.61 8.60
CA LEU B 746 -8.97 37.39 9.27
C LEU B 746 -10.44 37.10 9.00
N ARG B 747 -11.21 38.12 8.61
CA ARG B 747 -12.62 37.90 8.27
C ARG B 747 -12.78 37.06 7.01
N THR B 748 -11.81 37.08 6.11
CA THR B 748 -11.88 36.30 4.89
C THR B 748 -10.87 35.15 4.89
N LEU B 749 -10.24 34.88 6.03
CA LEU B 749 -9.28 33.78 6.16
C LEU B 749 -9.84 32.59 6.90
N VAL B 750 -10.58 32.82 8.00
CA VAL B 750 -11.25 31.71 8.69
C VAL B 750 -12.23 30.99 7.78
N PRO B 751 -13.03 31.65 6.94
CA PRO B 751 -13.87 30.88 6.01
C PRO B 751 -13.08 30.03 5.03
N LEU B 752 -11.92 30.53 4.58
CA LEU B 752 -11.05 29.71 3.72
C LEU B 752 -10.64 28.43 4.44
N LEU B 753 -10.22 28.55 5.71
CA LEU B 753 -9.83 27.38 6.47
C LEU B 753 -10.99 26.40 6.59
N VAL B 754 -12.12 26.87 7.10
CA VAL B 754 -13.28 25.99 7.28
C VAL B 754 -13.69 25.36 5.96
N SER B 755 -13.82 26.17 4.91
CA SER B 755 -14.16 25.64 3.60
C SER B 755 -13.07 24.74 3.04
N GLY B 756 -11.83 24.91 3.49
CA GLY B 756 -10.74 24.07 3.02
C GLY B 756 -10.74 22.69 3.62
N ILE B 757 -11.14 22.57 4.89
CA ILE B 757 -11.17 21.27 5.55
C ILE B 757 -12.30 20.42 5.00
N VAL B 758 -13.49 21.01 4.86
CA VAL B 758 -14.67 20.24 4.50
C VAL B 758 -14.50 19.59 3.13
N THR B 759 -13.85 20.30 2.20
CA THR B 759 -13.55 19.69 0.91
C THR B 759 -12.67 18.45 1.09
N LEU B 760 -11.62 18.57 1.91
CA LEU B 760 -10.81 17.40 2.25
C LEU B 760 -11.62 16.41 3.08
N GLU B 761 -12.46 16.91 3.98
CA GLU B 761 -13.27 16.01 4.80
C GLU B 761 -14.33 15.30 3.97
N MET B 762 -14.89 15.97 2.97
CA MET B 762 -15.83 15.31 2.09
C MET B 762 -15.14 14.33 1.14
N CYS B 763 -13.84 14.51 0.89
CA CYS B 763 -13.11 13.54 0.08
C CYS B 763 -13.08 12.18 0.74
N VAL B 764 -13.08 12.14 2.08
CA VAL B 764 -13.13 10.86 2.79
C VAL B 764 -14.55 10.34 2.86
N VAL B 765 -15.52 11.23 3.10
CA VAL B 765 -16.91 10.80 3.17
C VAL B 765 -17.41 10.34 1.81
N LEU B 766 -17.21 11.17 0.78
CA LEU B 766 -17.57 10.78 -0.58
C LEU B 766 -16.68 9.68 -1.13
N GLY B 767 -15.57 9.39 -0.47
CA GLY B 767 -14.69 8.32 -0.91
C GLY B 767 -14.04 8.58 -2.26
N MET B 768 -13.28 9.66 -2.36
CA MET B 768 -12.54 9.99 -3.57
C MET B 768 -11.09 10.26 -3.21
N SER B 769 -10.18 9.70 -4.01
CA SER B 769 -8.75 9.84 -3.77
C SER B 769 -8.21 11.05 -4.51
N LEU B 770 -7.51 11.91 -3.77
CA LEU B 770 -6.80 13.04 -4.39
C LEU B 770 -5.68 12.48 -5.26
N ASN B 771 -5.83 12.60 -6.58
CA ASN B 771 -4.75 12.18 -7.47
C ASN B 771 -3.94 13.40 -7.91
N PHE B 772 -3.46 13.39 -9.15
CA PHE B 772 -2.57 14.47 -9.62
C PHE B 772 -3.37 15.65 -10.16
N ALA B 773 -3.97 15.49 -11.34
CA ALA B 773 -4.80 16.57 -11.90
C ALA B 773 -5.95 16.93 -10.98
N ASN B 774 -6.33 16.03 -10.06
CA ASN B 774 -7.36 16.33 -9.08
C ASN B 774 -6.88 17.35 -8.06
N ILE B 775 -5.58 17.36 -7.75
CA ILE B 775 -5.07 18.24 -6.70
C ILE B 775 -4.82 19.66 -7.16
N ILE B 776 -4.90 19.93 -8.47
CA ILE B 776 -4.72 21.29 -8.98
C ILE B 776 -5.80 22.21 -8.42
N ALA B 777 -6.97 21.66 -8.09
CA ALA B 777 -8.11 22.46 -7.67
C ALA B 777 -8.00 23.01 -6.26
N LEU B 778 -7.00 22.59 -5.48
CA LEU B 778 -6.89 23.07 -4.11
C LEU B 778 -6.31 24.48 -4.04
N PRO B 779 -5.19 24.78 -4.70
CA PRO B 779 -4.70 26.18 -4.68
C PRO B 779 -5.62 27.15 -5.40
N LEU B 780 -6.36 26.69 -6.40
CA LEU B 780 -7.25 27.58 -7.14
C LEU B 780 -8.45 28.00 -6.29
N MET B 781 -8.92 27.12 -5.39
CA MET B 781 -10.09 27.43 -4.57
C MET B 781 -9.80 28.45 -3.47
N LEU B 782 -8.57 28.97 -3.39
CA LEU B 782 -8.30 30.07 -2.48
C LEU B 782 -8.66 31.41 -3.11
N GLY B 783 -8.25 31.63 -4.35
CA GLY B 783 -8.62 32.84 -5.05
C GLY B 783 -10.09 32.87 -5.43
N VAL B 784 -10.68 31.69 -5.66
CA VAL B 784 -12.12 31.63 -5.93
C VAL B 784 -12.90 31.62 -4.62
N GLY B 785 -12.30 31.10 -3.54
CA GLY B 785 -12.97 31.13 -2.26
C GLY B 785 -13.18 32.54 -1.75
N VAL B 786 -12.14 33.38 -1.80
CA VAL B 786 -12.27 34.76 -1.35
C VAL B 786 -13.05 35.59 -2.35
N ALA B 787 -12.97 35.25 -3.64
CA ALA B 787 -13.69 36.04 -4.64
C ALA B 787 -15.19 35.91 -4.49
N PHE B 788 -15.67 34.80 -3.92
CA PHE B 788 -17.10 34.66 -3.66
C PHE B 788 -17.49 35.32 -2.34
N LYS B 789 -16.57 35.39 -1.38
CA LYS B 789 -16.82 36.20 -0.20
C LYS B 789 -16.95 37.67 -0.55
N VAL B 790 -16.28 38.10 -1.62
CA VAL B 790 -16.46 39.47 -2.11
C VAL B 790 -17.87 39.65 -2.64
N TYR B 791 -18.32 38.75 -3.51
CA TYR B 791 -19.67 38.86 -4.06
C TYR B 791 -20.72 38.68 -2.97
N PHE B 792 -20.48 37.77 -2.03
CA PHE B 792 -21.48 37.46 -1.01
C PHE B 792 -21.65 38.62 -0.04
N VAL B 793 -20.55 39.18 0.46
CA VAL B 793 -20.63 40.25 1.45
C VAL B 793 -21.28 41.49 0.87
N MET B 794 -21.30 41.64 -0.45
CA MET B 794 -21.98 42.76 -1.08
C MET B 794 -23.48 42.54 -1.16
N ALA B 795 -23.90 41.31 -1.48
CA ALA B 795 -25.32 41.00 -1.52
C ALA B 795 -25.99 41.19 -0.17
N TRP B 796 -25.23 41.15 0.91
CA TRP B 796 -25.77 41.29 2.26
C TRP B 796 -25.46 42.64 2.89
N ARG B 797 -24.56 43.44 2.31
CA ARG B 797 -24.26 44.74 2.89
C ARG B 797 -25.42 45.72 2.68
N ALA B 798 -26.13 45.61 1.56
CA ALA B 798 -27.33 46.42 1.37
C ALA B 798 -28.44 46.00 2.32
N GLY B 799 -28.50 44.71 2.64
CA GLY B 799 -29.50 44.17 3.57
C GLY B 799 -29.25 42.70 3.84
N GLN B 800 -29.41 42.27 5.09
CA GLN B 800 -29.06 40.90 5.45
C GLN B 800 -30.10 40.26 6.36
N THR B 801 -31.35 40.70 6.29
CA THR B 801 -32.42 40.05 7.05
C THR B 801 -32.91 38.77 6.39
N GLY B 802 -32.38 38.43 5.22
CA GLY B 802 -32.69 37.19 4.54
C GLY B 802 -31.54 36.81 3.63
N LEU B 803 -30.61 36.00 4.14
CA LEU B 803 -29.34 35.77 3.43
C LEU B 803 -29.56 35.10 2.09
N LEU B 804 -30.55 34.21 1.98
CA LEU B 804 -30.84 33.58 0.70
C LEU B 804 -31.74 34.45 -0.17
N HIS B 805 -32.57 35.29 0.44
CA HIS B 805 -33.37 36.25 -0.32
C HIS B 805 -32.49 37.30 -0.98
N SER B 806 -31.55 37.88 -0.22
CA SER B 806 -30.68 38.91 -0.77
C SER B 806 -29.70 38.34 -1.78
N SER B 807 -29.31 37.06 -1.62
CA SER B 807 -28.30 36.47 -2.50
C SER B 807 -28.83 36.31 -3.93
N LEU B 808 -30.09 35.88 -4.09
CA LEU B 808 -30.69 35.80 -5.43
C LEU B 808 -30.76 37.17 -6.09
N THR B 809 -31.41 38.13 -5.42
CA THR B 809 -31.70 39.42 -6.04
C THR B 809 -30.43 40.12 -6.47
N HIS B 810 -29.44 40.19 -5.58
CA HIS B 810 -28.20 40.87 -5.86
C HIS B 810 -27.26 40.04 -6.72
N ALA B 811 -27.72 38.91 -7.24
CA ALA B 811 -27.06 38.15 -8.31
C ALA B 811 -25.65 37.71 -7.89
N VAL B 812 -25.61 36.88 -6.85
CA VAL B 812 -24.40 36.20 -6.44
C VAL B 812 -24.45 34.72 -6.74
N LEU B 813 -25.57 34.06 -6.44
CA LEU B 813 -25.71 32.65 -6.81
C LEU B 813 -25.70 32.46 -8.31
N PHE B 814 -26.26 33.42 -9.04
CA PHE B 814 -26.18 33.37 -10.49
C PHE B 814 -24.74 33.39 -10.94
N SER B 815 -23.93 34.20 -10.27
CA SER B 815 -22.49 34.14 -10.42
C SER B 815 -21.98 32.72 -10.23
N ALA B 816 -22.45 32.03 -9.17
CA ALA B 816 -21.98 30.67 -8.93
C ALA B 816 -22.51 29.71 -10.00
N ALA B 817 -23.72 29.95 -10.51
CA ALA B 817 -24.30 29.06 -11.52
C ALA B 817 -23.44 29.03 -12.79
N THR B 818 -22.87 30.18 -13.11
CA THR B 818 -21.96 30.33 -14.23
C THR B 818 -20.68 29.57 -13.99
N THR B 819 -20.15 29.67 -12.78
CA THR B 819 -18.90 29.03 -12.39
C THR B 819 -19.07 27.51 -12.27
N ALA B 820 -20.13 27.08 -11.58
CA ALA B 820 -20.43 25.65 -11.49
C ALA B 820 -20.66 25.05 -12.87
N THR B 821 -21.26 25.82 -13.79
CA THR B 821 -21.41 25.35 -15.16
C THR B 821 -20.05 25.10 -15.79
N ALA B 822 -19.07 25.97 -15.52
CA ALA B 822 -17.73 25.77 -16.05
C ALA B 822 -17.07 24.55 -15.43
N PHE B 823 -17.16 24.42 -14.10
CA PHE B 823 -16.55 23.27 -13.43
C PHE B 823 -17.20 21.96 -13.88
N GLY B 824 -18.50 21.99 -14.19
CA GLY B 824 -19.16 20.80 -14.70
C GLY B 824 -18.77 20.43 -16.11
N SER B 825 -18.19 21.37 -16.87
CA SER B 825 -17.76 21.07 -18.22
C SER B 825 -16.43 20.33 -18.25
N LEU B 826 -15.53 20.60 -17.30
CA LEU B 826 -14.35 19.78 -17.12
C LEU B 826 -14.66 18.46 -16.44
N TRP B 827 -15.80 18.38 -15.75
CA TRP B 827 -16.20 17.13 -15.10
C TRP B 827 -16.61 16.09 -16.13
N LEU B 828 -17.31 16.52 -17.18
CA LEU B 828 -17.77 15.62 -18.24
C LEU B 828 -16.84 15.73 -19.45
N SER B 829 -15.63 15.18 -19.28
CA SER B 829 -14.59 15.31 -20.29
C SER B 829 -14.05 13.96 -20.76
N HIS B 830 -14.70 12.85 -20.41
CA HIS B 830 -14.30 11.50 -20.82
C HIS B 830 -12.90 11.15 -20.31
N HIS B 831 -11.91 12.01 -20.59
CA HIS B 831 -10.58 11.87 -20.03
C HIS B 831 -10.66 11.92 -18.51
N PRO B 832 -10.35 10.81 -17.82
CA PRO B 832 -10.55 10.78 -16.36
C PRO B 832 -9.59 11.70 -15.60
N GLY B 833 -8.49 12.14 -16.21
CA GLY B 833 -7.64 13.11 -15.56
C GLY B 833 -8.31 14.46 -15.44
N THR B 834 -8.83 14.98 -16.55
CA THR B 834 -9.58 16.23 -16.52
C THR B 834 -10.90 16.06 -15.76
N SER B 835 -11.55 14.91 -15.93
CA SER B 835 -12.79 14.65 -15.21
C SER B 835 -12.57 14.58 -13.70
N SER B 836 -11.36 14.27 -13.25
CA SER B 836 -11.06 14.28 -11.83
C SER B 836 -10.75 15.68 -11.31
N MET B 837 -10.34 16.59 -12.18
CA MET B 837 -10.10 17.98 -11.78
C MET B 837 -11.40 18.74 -11.64
N GLY B 838 -12.30 18.60 -12.62
CA GLY B 838 -13.57 19.30 -12.55
C GLY B 838 -14.45 18.82 -11.42
N LYS B 839 -14.26 17.57 -10.97
CA LYS B 839 -15.04 17.06 -9.85
C LYS B 839 -14.62 17.74 -8.55
N LEU B 840 -13.33 18.01 -8.39
CA LEU B 840 -12.87 18.65 -7.15
C LEU B 840 -13.27 20.12 -7.13
N LEU B 841 -13.11 20.82 -8.25
CA LEU B 841 -13.48 22.23 -8.32
C LEU B 841 -14.95 22.44 -7.97
N ALA B 842 -15.84 21.65 -8.59
CA ALA B 842 -17.26 21.84 -8.37
C ALA B 842 -17.67 21.47 -6.95
N LEU B 843 -17.16 20.36 -6.43
CA LEU B 843 -17.49 19.96 -5.07
C LEU B 843 -16.90 20.92 -4.03
N ALA B 844 -15.78 21.57 -4.36
CA ALA B 844 -15.22 22.58 -3.46
C ALA B 844 -15.99 23.89 -3.55
N LEU B 845 -16.64 24.17 -4.68
CA LEU B 845 -17.48 25.35 -4.79
C LEU B 845 -18.71 25.23 -3.90
N THR B 846 -19.33 24.04 -3.86
CA THR B 846 -20.48 23.83 -3.01
C THR B 846 -20.11 23.95 -1.53
N CYS B 847 -18.95 23.43 -1.15
CA CYS B 847 -18.48 23.56 0.22
C CYS B 847 -18.12 24.99 0.58
N THR B 848 -17.97 25.87 -0.41
CA THR B 848 -17.71 27.28 -0.17
C THR B 848 -18.98 28.11 -0.20
N LEU B 849 -19.90 27.80 -1.12
CA LEU B 849 -21.17 28.52 -1.18
C LEU B 849 -22.00 28.24 0.07
N ILE B 850 -22.25 26.96 0.37
CA ILE B 850 -22.95 26.61 1.59
C ILE B 850 -22.17 27.08 2.81
N GLY B 851 -20.84 27.00 2.75
CA GLY B 851 -20.02 27.45 3.86
C GLY B 851 -20.18 28.94 4.12
N ALA B 852 -20.37 29.73 3.07
CA ALA B 852 -20.53 31.17 3.23
C ALA B 852 -21.84 31.49 3.95
N VAL B 853 -22.96 30.96 3.45
CA VAL B 853 -24.25 31.24 4.06
C VAL B 853 -24.27 30.80 5.52
N VAL B 854 -23.53 29.74 5.85
CA VAL B 854 -23.49 29.27 7.24
C VAL B 854 -22.52 30.13 8.07
N PHE B 855 -21.38 30.50 7.50
CA PHE B 855 -20.30 31.15 8.24
C PHE B 855 -20.19 32.64 7.92
N GLN B 856 -21.30 33.34 7.76
CA GLN B 856 -21.18 34.78 7.55
C GLN B 856 -21.75 35.58 8.72
N PRO B 857 -22.68 35.03 9.50
CA PRO B 857 -22.93 35.61 10.83
C PRO B 857 -21.66 35.84 11.64
N VAL B 858 -20.59 35.07 11.40
CA VAL B 858 -19.30 35.39 11.98
C VAL B 858 -18.71 36.58 11.24
N LEU B 859 -18.36 36.36 9.98
CA LEU B 859 -17.39 37.19 9.30
C LEU B 859 -18.09 38.15 8.34
N MET B 860 -18.79 39.11 8.95
CA MET B 860 -19.39 40.23 8.23
C MET B 860 -19.82 41.30 9.22
#